data_2JSS
#
_entry.id   2JSS
#
_cell.length_a   1.000
_cell.length_b   1.000
_cell.length_c   1.000
_cell.angle_alpha   90.00
_cell.angle_beta   90.00
_cell.angle_gamma   90.00
#
_symmetry.space_group_name_H-M   'P 1'
#
loop_
_entity.id
_entity.type
_entity.pdbx_description
1 polymer 'Chimera of Histone H2B.1 and Histone H2A.Z'
2 polymer 'Uncharacterized protein YER030W'
#
loop_
_entity_poly.entity_id
_entity_poly.type
_entity_poly.pdbx_seq_one_letter_code
_entity_poly.pdbx_strand_id
1 'polypeptide(L)'
;RKETYSSYIYKVLKQTHPDTGISQKSMSILNSFVNDIFERIATEASKLAAYNKKSTISAREIQTAVRLILPGELAKHAVS
EGTRAVTKYSSSTQAQSSSARAGLQFPVGRIKRYLKRHATGRTRVGSKAAIYLTAVLEYLTAEVLELAGNAAKDLKVKRI
TPRHLQLAIRGDDELDSLIRATIASGGVLPHI
;
A
2 'polypeptide(L)' TVEDSESDMDDAKLDALMGNEGEEEEDDLAEIDTSNIITSGRRTRGKVIDYKKTAEELDKKE B
#
# COMPACT_ATOMS: atom_id res chain seq x y z
N ARG A 1 2.65 -13.24 13.68
CA ARG A 1 3.75 -12.28 14.01
C ARG A 1 4.93 -12.51 13.08
N LYS A 2 5.34 -13.78 12.94
CA LYS A 2 6.47 -14.15 12.08
C LYS A 2 7.47 -13.00 11.88
N GLU A 3 7.39 -12.35 10.72
CA GLU A 3 8.32 -11.27 10.40
C GLU A 3 7.55 -10.01 9.96
N THR A 4 6.41 -10.21 9.30
CA THR A 4 5.63 -9.07 8.84
C THR A 4 6.53 -8.10 8.07
N TYR A 5 5.95 -7.04 7.52
CA TYR A 5 6.77 -6.08 6.78
C TYR A 5 7.49 -5.17 7.79
N SER A 6 7.80 -5.71 8.96
CA SER A 6 8.47 -4.93 10.01
C SER A 6 9.67 -4.17 9.47
N SER A 7 10.67 -4.89 8.97
CA SER A 7 11.88 -4.24 8.47
C SER A 7 11.56 -3.11 7.48
N TYR A 8 11.20 -3.43 6.25
CA TYR A 8 10.92 -2.39 5.27
C TYR A 8 10.08 -1.27 5.87
N ILE A 9 9.03 -1.60 6.62
CA ILE A 9 8.26 -0.53 7.23
C ILE A 9 9.19 0.29 8.10
N TYR A 10 9.95 -0.42 8.93
CA TYR A 10 10.89 0.26 9.81
C TYR A 10 11.68 1.29 9.01
N LYS A 11 11.79 1.05 7.72
CA LYS A 11 12.52 1.96 6.86
C LYS A 11 11.58 3.07 6.41
N VAL A 12 10.31 2.73 6.31
CA VAL A 12 9.31 3.71 5.93
C VAL A 12 8.80 4.38 7.20
N LEU A 13 9.28 3.86 8.32
CA LEU A 13 8.91 4.36 9.63
C LEU A 13 9.86 5.48 10.02
N LYS A 14 11.15 5.27 9.75
CA LYS A 14 12.13 6.30 10.06
C LYS A 14 12.05 7.39 9.01
N GLN A 15 11.82 6.98 7.78
CA GLN A 15 11.73 7.94 6.68
C GLN A 15 10.46 8.80 6.83
N THR A 16 9.31 8.18 6.97
CA THR A 16 8.08 8.95 7.14
C THR A 16 8.26 9.92 8.31
N HIS A 17 8.96 9.45 9.34
CA HIS A 17 9.20 10.26 10.51
C HIS A 17 10.35 9.66 11.32
N PRO A 18 11.27 10.45 11.83
CA PRO A 18 12.42 9.93 12.63
C PRO A 18 12.01 9.58 14.06
N ASP A 19 10.87 10.11 14.49
CA ASP A 19 10.36 9.84 15.84
C ASP A 19 9.09 9.01 15.73
N THR A 20 9.26 7.73 15.44
CA THR A 20 8.10 6.86 15.29
C THR A 20 8.48 5.40 15.57
N GLY A 21 8.55 5.04 16.85
CA GLY A 21 8.88 3.66 17.21
C GLY A 21 7.67 2.77 16.97
N ILE A 22 6.57 3.43 16.59
CA ILE A 22 5.29 2.79 16.29
C ILE A 22 4.90 1.65 17.24
N SER A 23 3.64 1.67 17.66
CA SER A 23 3.13 0.62 18.54
C SER A 23 3.06 -0.71 17.79
N GLN A 24 3.46 -1.79 18.46
CA GLN A 24 3.43 -3.10 17.82
C GLN A 24 2.09 -3.34 17.12
N LYS A 25 1.00 -3.25 17.86
CA LYS A 25 -0.31 -3.47 17.26
C LYS A 25 -0.56 -2.45 16.15
N SER A 26 -0.15 -1.20 16.33
CA SER A 26 -0.35 -0.24 15.25
C SER A 26 0.37 -0.79 14.03
N MET A 27 1.37 -1.62 14.31
CA MET A 27 2.12 -2.26 13.24
C MET A 27 1.35 -3.49 12.78
N SER A 28 0.39 -3.94 13.61
CA SER A 28 -0.43 -5.09 13.26
C SER A 28 -1.65 -4.63 12.46
N ILE A 29 -2.20 -3.50 12.86
CA ILE A 29 -3.36 -2.96 12.16
C ILE A 29 -2.93 -2.50 10.79
N LEU A 30 -1.85 -1.72 10.73
CA LEU A 30 -1.38 -1.31 9.42
C LEU A 30 -1.04 -2.59 8.65
N ASN A 31 -0.16 -3.41 9.22
CA ASN A 31 0.22 -4.65 8.56
C ASN A 31 -1.03 -5.45 8.18
N SER A 32 -2.02 -5.47 9.06
CA SER A 32 -3.23 -6.21 8.74
C SER A 32 -3.95 -5.51 7.60
N PHE A 33 -3.92 -4.19 7.62
CA PHE A 33 -4.56 -3.45 6.54
C PHE A 33 -3.75 -3.71 5.28
N VAL A 34 -2.52 -3.23 5.30
CA VAL A 34 -1.59 -3.45 4.21
C VAL A 34 -1.73 -4.88 3.70
N ASN A 35 -1.97 -5.80 4.64
CA ASN A 35 -2.12 -7.19 4.25
C ASN A 35 -3.53 -7.44 3.74
N ASP A 36 -4.50 -6.79 4.37
CA ASP A 36 -5.88 -6.96 3.95
C ASP A 36 -6.14 -6.19 2.67
N ILE A 37 -5.66 -4.95 2.56
CA ILE A 37 -5.87 -4.22 1.34
C ILE A 37 -5.09 -4.90 0.22
N PHE A 38 -4.01 -5.59 0.59
CA PHE A 38 -3.25 -6.29 -0.43
C PHE A 38 -4.14 -7.38 -1.00
N GLU A 39 -4.93 -8.00 -0.13
CA GLU A 39 -5.83 -9.05 -0.57
C GLU A 39 -7.05 -8.46 -1.29
N ARG A 40 -7.73 -7.52 -0.65
CA ARG A 40 -8.91 -6.91 -1.28
C ARG A 40 -8.66 -6.64 -2.76
N ILE A 41 -7.51 -6.05 -3.07
CA ILE A 41 -7.21 -5.77 -4.47
C ILE A 41 -6.88 -7.08 -5.19
N ALA A 42 -5.70 -7.62 -4.89
CA ALA A 42 -5.25 -8.87 -5.51
C ALA A 42 -6.34 -9.95 -5.43
N THR A 43 -7.35 -9.74 -4.60
CA THR A 43 -8.42 -10.73 -4.50
C THR A 43 -9.40 -10.49 -5.63
N GLU A 44 -9.90 -9.26 -5.72
CA GLU A 44 -10.82 -8.95 -6.79
C GLU A 44 -10.09 -9.10 -8.13
N ALA A 45 -8.83 -8.65 -8.19
CA ALA A 45 -8.11 -8.81 -9.43
C ALA A 45 -8.07 -10.29 -9.77
N SER A 46 -7.67 -11.09 -8.79
CA SER A 46 -7.64 -12.53 -8.98
C SER A 46 -9.06 -13.04 -9.20
N LYS A 47 -10.07 -12.22 -8.89
CA LYS A 47 -11.45 -12.64 -9.07
C LYS A 47 -11.94 -12.34 -10.49
N LEU A 48 -11.91 -11.08 -10.87
CA LEU A 48 -12.35 -10.73 -12.21
C LEU A 48 -11.40 -11.34 -13.23
N ALA A 49 -10.33 -11.97 -12.73
CA ALA A 49 -9.33 -12.60 -13.58
C ALA A 49 -9.55 -14.12 -13.61
N ALA A 50 -10.02 -14.69 -12.50
CA ALA A 50 -10.25 -16.13 -12.47
C ALA A 50 -11.50 -16.43 -13.28
N TYR A 51 -12.39 -15.44 -13.35
CA TYR A 51 -13.63 -15.60 -14.10
C TYR A 51 -13.40 -15.18 -15.55
N ASN A 52 -12.52 -14.19 -15.75
CA ASN A 52 -12.23 -13.74 -17.11
C ASN A 52 -11.22 -14.64 -17.79
N LYS A 53 -10.68 -15.60 -17.03
CA LYS A 53 -9.68 -16.50 -17.58
C LYS A 53 -8.45 -15.71 -17.96
N LYS A 54 -8.50 -14.40 -17.75
CA LYS A 54 -7.37 -13.58 -18.10
C LYS A 54 -6.10 -14.22 -17.53
N SER A 55 -6.16 -14.59 -16.25
CA SER A 55 -5.01 -15.22 -15.61
C SER A 55 -3.84 -14.23 -15.55
N THR A 56 -3.57 -13.59 -16.67
CA THR A 56 -2.48 -12.62 -16.70
C THR A 56 -2.87 -11.40 -15.86
N ILE A 57 -2.54 -11.43 -14.57
CA ILE A 57 -2.89 -10.30 -13.72
C ILE A 57 -2.10 -9.06 -14.15
N SER A 58 -2.72 -8.21 -14.97
CA SER A 58 -2.04 -7.00 -15.47
C SER A 58 -2.50 -5.75 -14.72
N ALA A 59 -1.83 -4.63 -14.98
CA ALA A 59 -2.19 -3.37 -14.32
C ALA A 59 -3.69 -3.10 -14.44
N ARG A 60 -4.27 -3.52 -15.56
CA ARG A 60 -5.69 -3.29 -15.79
C ARG A 60 -6.57 -4.11 -14.84
N GLU A 61 -6.08 -5.27 -14.39
CA GLU A 61 -6.88 -6.10 -13.50
C GLU A 61 -6.89 -5.47 -12.10
N ILE A 62 -5.72 -5.14 -11.61
CA ILE A 62 -5.60 -4.53 -10.30
C ILE A 62 -6.14 -3.09 -10.35
N GLN A 63 -6.02 -2.43 -11.51
CA GLN A 63 -6.54 -1.08 -11.61
C GLN A 63 -8.04 -1.10 -11.36
N THR A 64 -8.77 -1.93 -12.10
CA THR A 64 -10.21 -2.01 -11.89
C THR A 64 -10.47 -2.29 -10.41
N ALA A 65 -9.93 -3.39 -9.89
CA ALA A 65 -10.12 -3.69 -8.47
C ALA A 65 -9.83 -2.43 -7.66
N VAL A 66 -8.62 -1.90 -7.77
CA VAL A 66 -8.28 -0.66 -7.07
C VAL A 66 -9.43 0.35 -7.25
N ARG A 67 -9.94 0.46 -8.48
CA ARG A 67 -11.03 1.40 -8.75
C ARG A 67 -12.33 0.96 -8.10
N LEU A 68 -12.53 -0.35 -7.98
CA LEU A 68 -13.77 -0.86 -7.36
C LEU A 68 -13.58 -0.99 -5.85
N ILE A 69 -12.34 -1.13 -5.45
CA ILE A 69 -12.00 -1.28 -4.04
C ILE A 69 -11.97 0.06 -3.32
N LEU A 70 -10.99 0.83 -3.70
CA LEU A 70 -10.77 2.12 -3.07
C LEU A 70 -11.94 3.07 -3.40
N PRO A 71 -12.50 3.73 -2.41
CA PRO A 71 -13.63 4.65 -2.61
C PRO A 71 -13.56 5.44 -3.92
N GLY A 72 -12.34 5.70 -4.40
CA GLY A 72 -12.19 6.47 -5.65
C GLY A 72 -11.06 7.49 -5.51
N GLU A 73 -11.29 8.54 -4.71
CA GLU A 73 -10.26 9.55 -4.52
C GLU A 73 -8.90 8.87 -4.29
N LEU A 74 -8.84 8.03 -3.26
CA LEU A 74 -7.61 7.31 -3.01
C LEU A 74 -7.17 6.60 -4.29
N ALA A 75 -8.13 5.89 -4.91
CA ALA A 75 -7.82 5.20 -6.16
C ALA A 75 -7.20 6.17 -7.17
N LYS A 76 -7.91 7.29 -7.42
CA LYS A 76 -7.41 8.28 -8.38
C LYS A 76 -5.90 8.48 -8.22
N HIS A 77 -5.43 8.62 -6.98
CA HIS A 77 -3.99 8.79 -6.78
C HIS A 77 -3.29 7.44 -6.79
N ALA A 78 -4.01 6.38 -6.43
CA ALA A 78 -3.40 5.06 -6.43
C ALA A 78 -3.09 4.61 -7.86
N VAL A 79 -3.95 5.00 -8.79
CA VAL A 79 -3.73 4.63 -10.19
C VAL A 79 -2.78 5.63 -10.86
N SER A 80 -2.77 6.87 -10.38
CA SER A 80 -1.87 7.86 -10.96
C SER A 80 -0.43 7.53 -10.57
N GLU A 81 -0.21 7.21 -9.30
CA GLU A 81 1.13 6.87 -8.85
C GLU A 81 1.54 5.51 -9.40
N GLY A 82 0.56 4.61 -9.55
CA GLY A 82 0.86 3.28 -10.07
C GLY A 82 1.26 3.36 -11.54
N THR A 83 0.63 4.24 -12.30
CA THR A 83 0.98 4.36 -13.70
C THR A 83 2.38 4.96 -13.82
N ARG A 84 2.50 6.22 -13.43
CA ARG A 84 3.80 6.89 -13.47
C ARG A 84 4.90 5.96 -12.96
N ALA A 85 4.52 5.02 -12.10
CA ALA A 85 5.51 4.10 -11.58
C ALA A 85 5.97 3.11 -12.66
N VAL A 86 5.03 2.41 -13.31
CA VAL A 86 5.45 1.47 -14.35
C VAL A 86 6.34 2.20 -15.36
N THR A 87 6.07 3.48 -15.56
CA THR A 87 6.88 4.25 -16.49
C THR A 87 8.32 4.34 -16.02
N LYS A 88 8.56 5.11 -14.97
CA LYS A 88 9.93 5.23 -14.49
C LYS A 88 10.53 3.85 -14.19
N TYR A 89 9.67 2.91 -13.83
CA TYR A 89 10.11 1.55 -13.53
C TYR A 89 10.53 0.83 -14.79
N SER A 90 9.75 1.00 -15.86
CA SER A 90 10.08 0.33 -17.10
C SER A 90 10.95 1.24 -17.99
N SER A 91 10.90 2.56 -17.75
CA SER A 91 11.69 3.48 -18.55
C SER A 91 13.10 2.92 -18.82
N SER A 92 13.76 2.47 -17.77
CA SER A 92 15.10 1.91 -17.94
C SER A 92 15.01 0.49 -18.48
N THR A 93 14.67 -0.44 -17.60
CA THR A 93 14.53 -1.86 -17.95
C THR A 93 14.82 -2.69 -16.72
N GLN A 94 14.24 -3.89 -16.65
CA GLN A 94 14.47 -4.74 -15.50
C GLN A 94 15.93 -5.20 -15.49
N ALA A 95 16.84 -4.31 -15.92
CA ALA A 95 18.26 -4.66 -15.95
C ALA A 95 19.07 -3.84 -14.93
N GLN A 96 18.60 -3.79 -13.68
CA GLN A 96 19.33 -3.04 -12.68
C GLN A 96 18.93 -3.54 -11.30
N SER A 97 17.62 -3.49 -11.00
CA SER A 97 17.16 -3.93 -9.69
C SER A 97 15.70 -3.52 -9.49
N SER A 98 14.81 -4.51 -9.44
CA SER A 98 13.41 -4.17 -9.25
C SER A 98 13.19 -3.58 -7.86
N SER A 99 13.94 -4.08 -6.88
CA SER A 99 13.79 -3.55 -5.54
C SER A 99 14.47 -2.19 -5.42
N ALA A 100 14.60 -1.51 -6.55
CA ALA A 100 15.23 -0.19 -6.58
C ALA A 100 14.75 0.58 -7.78
N ARG A 101 14.38 -0.15 -8.85
CA ARG A 101 13.89 0.50 -10.05
C ARG A 101 12.39 0.83 -9.86
N ALA A 102 11.65 -0.12 -9.29
CA ALA A 102 10.22 0.13 -9.06
C ALA A 102 10.05 1.46 -8.33
N GLY A 103 11.15 2.02 -7.82
CA GLY A 103 11.07 3.28 -7.10
C GLY A 103 10.37 3.08 -5.76
N LEU A 104 10.10 1.82 -5.43
CA LEU A 104 9.43 1.49 -4.16
C LEU A 104 10.25 0.44 -3.41
N GLN A 105 10.84 0.83 -2.28
CA GLN A 105 11.63 -0.12 -1.51
C GLN A 105 10.72 -1.09 -0.76
N PHE A 106 9.52 -1.33 -1.29
CA PHE A 106 8.60 -2.25 -0.62
C PHE A 106 8.75 -3.67 -1.21
N PRO A 107 8.68 -4.70 -0.39
CA PRO A 107 8.82 -6.11 -0.85
C PRO A 107 8.25 -6.38 -2.23
N VAL A 108 9.08 -6.19 -3.24
CA VAL A 108 8.64 -6.45 -4.59
C VAL A 108 8.64 -7.95 -4.89
N GLY A 109 9.64 -8.65 -4.35
CA GLY A 109 9.73 -10.09 -4.60
C GLY A 109 8.88 -10.89 -3.60
N ARG A 110 8.81 -10.42 -2.36
CA ARG A 110 8.01 -11.14 -1.36
C ARG A 110 6.52 -11.00 -1.69
N ILE A 111 6.07 -9.80 -2.06
CA ILE A 111 4.67 -9.64 -2.42
C ILE A 111 4.42 -10.37 -3.72
N LYS A 112 5.32 -10.18 -4.70
CA LYS A 112 5.16 -10.88 -5.96
C LYS A 112 4.98 -12.35 -5.63
N ARG A 113 5.51 -12.72 -4.46
CA ARG A 113 5.39 -14.11 -4.01
C ARG A 113 3.98 -14.34 -3.45
N TYR A 114 3.40 -13.30 -2.86
CA TYR A 114 2.08 -13.42 -2.31
C TYR A 114 1.09 -13.58 -3.46
N LEU A 115 1.55 -13.18 -4.63
CA LEU A 115 0.72 -13.31 -5.83
C LEU A 115 0.99 -14.67 -6.49
N LYS A 116 2.16 -15.24 -6.26
CA LYS A 116 2.49 -16.54 -6.86
C LYS A 116 1.95 -17.68 -5.98
N ARG A 117 2.16 -17.59 -4.66
CA ARG A 117 1.70 -18.63 -3.77
C ARG A 117 0.19 -18.53 -3.49
N HIS A 118 -0.30 -17.31 -3.22
CA HIS A 118 -1.73 -17.16 -2.94
C HIS A 118 -2.56 -17.40 -4.22
N ALA A 119 -2.17 -16.75 -5.32
CA ALA A 119 -2.93 -16.95 -6.56
C ALA A 119 -2.58 -18.30 -7.17
N THR A 120 -1.27 -18.58 -7.27
CA THR A 120 -0.81 -19.85 -7.85
C THR A 120 -1.71 -20.26 -9.02
N GLY A 121 -2.32 -19.27 -9.68
CA GLY A 121 -3.20 -19.55 -10.82
C GLY A 121 -2.57 -19.08 -12.12
N ARG A 122 -1.49 -19.74 -12.53
CA ARG A 122 -0.82 -19.32 -13.77
C ARG A 122 -0.61 -17.81 -13.75
N THR A 123 -0.32 -17.26 -12.58
CA THR A 123 -0.12 -15.82 -12.46
C THR A 123 1.35 -15.46 -12.74
N ARG A 124 1.62 -15.04 -13.97
CA ARG A 124 2.99 -14.65 -14.32
C ARG A 124 3.37 -13.36 -13.61
N VAL A 125 2.37 -12.59 -13.23
CA VAL A 125 2.63 -11.32 -12.54
C VAL A 125 3.48 -10.42 -13.43
N GLY A 126 2.97 -10.06 -14.58
CA GLY A 126 3.73 -9.19 -15.46
C GLY A 126 4.15 -7.94 -14.69
N SER A 127 5.25 -7.29 -15.10
CA SER A 127 5.68 -6.06 -14.42
C SER A 127 4.50 -5.09 -14.32
N LYS A 128 3.40 -5.45 -14.98
CA LYS A 128 2.21 -4.63 -14.98
C LYS A 128 1.35 -4.91 -13.73
N ALA A 129 1.93 -5.49 -12.67
CA ALA A 129 1.12 -5.79 -11.47
C ALA A 129 1.92 -5.64 -10.17
N ALA A 130 2.83 -6.58 -9.89
CA ALA A 130 3.61 -6.53 -8.64
C ALA A 130 3.90 -5.09 -8.21
N ILE A 131 4.21 -4.23 -9.17
CA ILE A 131 4.50 -2.84 -8.84
C ILE A 131 3.20 -2.11 -8.44
N TYR A 132 2.11 -2.29 -9.19
CA TYR A 132 0.87 -1.61 -8.83
C TYR A 132 0.49 -1.90 -7.37
N LEU A 133 0.92 -3.05 -6.88
CA LEU A 133 0.59 -3.43 -5.50
C LEU A 133 1.55 -2.81 -4.50
N THR A 134 2.80 -2.64 -4.90
CA THR A 134 3.78 -2.05 -4.00
C THR A 134 3.60 -0.54 -4.01
N ALA A 135 3.07 -0.04 -5.12
CA ALA A 135 2.83 1.39 -5.23
C ALA A 135 1.61 1.78 -4.40
N VAL A 136 0.53 0.99 -4.50
CA VAL A 136 -0.66 1.35 -3.72
C VAL A 136 -0.41 1.16 -2.23
N LEU A 137 0.42 0.20 -1.85
CA LEU A 137 0.68 0.01 -0.42
C LEU A 137 1.50 1.18 0.15
N GLU A 138 2.67 1.44 -0.43
CA GLU A 138 3.49 2.54 0.07
C GLU A 138 2.70 3.85 0.05
N TYR A 139 1.67 3.90 -0.79
CA TYR A 139 0.86 5.12 -0.89
C TYR A 139 -0.07 5.23 0.32
N LEU A 140 -0.91 4.23 0.53
CA LEU A 140 -1.82 4.27 1.66
C LEU A 140 -1.10 3.89 2.94
N THR A 141 -0.14 2.98 2.84
CA THR A 141 0.59 2.60 4.03
C THR A 141 1.32 3.82 4.59
N ALA A 142 2.00 4.56 3.70
CA ALA A 142 2.70 5.75 4.14
C ALA A 142 1.71 6.85 4.53
N GLU A 143 0.50 6.79 3.97
CA GLU A 143 -0.50 7.80 4.30
C GLU A 143 -1.05 7.58 5.71
N VAL A 144 -1.54 6.38 6.00
CA VAL A 144 -2.08 6.12 7.32
C VAL A 144 -1.03 6.47 8.38
N LEU A 145 0.21 6.08 8.13
CA LEU A 145 1.27 6.37 9.09
C LEU A 145 1.62 7.86 9.09
N GLU A 146 1.47 8.52 7.96
CA GLU A 146 1.80 9.93 7.89
C GLU A 146 0.82 10.75 8.73
N LEU A 147 -0.47 10.47 8.61
CA LEU A 147 -1.45 11.21 9.40
C LEU A 147 -1.23 10.94 10.90
N ALA A 148 -1.26 9.67 11.28
CA ALA A 148 -1.08 9.33 12.68
C ALA A 148 0.36 9.57 13.13
N GLY A 149 1.32 9.40 12.24
CA GLY A 149 2.71 9.61 12.62
C GLY A 149 2.97 11.07 13.00
N ASN A 150 2.81 11.96 12.04
CA ASN A 150 3.04 13.39 12.30
C ASN A 150 2.04 13.93 13.33
N ALA A 151 0.94 13.22 13.53
CA ALA A 151 -0.07 13.67 14.49
C ALA A 151 0.13 13.02 15.83
N ALA A 152 0.43 11.74 15.84
CA ALA A 152 0.63 11.07 17.11
C ALA A 152 1.80 11.68 17.84
N LYS A 153 2.76 12.25 17.11
CA LYS A 153 3.91 12.88 17.75
C LYS A 153 3.60 14.32 18.10
N ASP A 154 2.76 14.96 17.30
CA ASP A 154 2.39 16.34 17.57
C ASP A 154 1.24 16.36 18.57
N LEU A 155 0.66 15.17 18.82
CA LEU A 155 -0.44 15.07 19.77
C LEU A 155 0.09 14.76 21.17
N LYS A 156 1.03 13.81 21.30
CA LYS A 156 1.52 13.51 22.65
C LYS A 156 2.68 12.49 22.69
N VAL A 157 2.69 11.46 21.83
CA VAL A 157 3.77 10.46 21.90
C VAL A 157 4.21 9.98 20.53
N LYS A 158 5.51 9.86 20.37
CA LYS A 158 6.07 9.40 19.11
C LYS A 158 5.68 7.95 18.85
N ARG A 159 5.41 7.21 19.93
CA ARG A 159 5.04 5.81 19.78
C ARG A 159 3.53 5.69 19.55
N ILE A 160 3.08 6.07 18.36
CA ILE A 160 1.67 6.01 18.04
C ILE A 160 1.00 4.75 18.61
N THR A 161 -0.32 4.83 18.83
CA THR A 161 -1.07 3.70 19.38
C THR A 161 -2.41 3.56 18.62
N PRO A 162 -3.01 2.38 18.57
CA PRO A 162 -4.30 2.18 17.84
C PRO A 162 -5.30 3.32 18.03
N ARG A 163 -5.04 4.21 18.98
CA ARG A 163 -5.96 5.33 19.18
C ARG A 163 -5.80 6.36 18.05
N HIS A 164 -4.59 6.88 17.87
CA HIS A 164 -4.40 7.84 16.80
C HIS A 164 -4.92 7.23 15.51
N LEU A 165 -4.98 5.89 15.48
CA LEU A 165 -5.50 5.22 14.31
C LEU A 165 -7.02 5.27 14.39
N GLN A 166 -7.56 5.25 15.61
CA GLN A 166 -9.01 5.34 15.76
C GLN A 166 -9.49 6.54 14.97
N LEU A 167 -8.69 7.59 14.95
CA LEU A 167 -9.08 8.79 14.19
C LEU A 167 -8.66 8.62 12.72
N ALA A 168 -7.38 8.48 12.50
CA ALA A 168 -6.86 8.32 11.14
C ALA A 168 -7.67 7.27 10.37
N ILE A 169 -8.35 6.37 11.08
CA ILE A 169 -9.15 5.34 10.41
C ILE A 169 -10.63 5.66 10.52
N ARG A 170 -11.19 5.65 11.73
CA ARG A 170 -12.61 5.95 11.86
C ARG A 170 -12.85 7.43 11.54
N GLY A 171 -11.79 8.25 11.60
CA GLY A 171 -11.99 9.66 11.26
C GLY A 171 -12.32 9.79 9.77
N ASP A 172 -11.38 9.44 8.89
CA ASP A 172 -11.65 9.53 7.46
C ASP A 172 -12.75 8.54 7.07
N ASP A 173 -13.99 9.01 7.05
CA ASP A 173 -15.11 8.14 6.70
C ASP A 173 -14.78 7.21 5.53
N GLU A 174 -14.19 7.75 4.47
CA GLU A 174 -13.86 6.90 3.33
C GLU A 174 -13.02 5.70 3.78
N LEU A 175 -11.82 5.96 4.28
CA LEU A 175 -10.99 4.86 4.74
C LEU A 175 -11.77 3.96 5.69
N ASP A 176 -12.38 4.55 6.71
CA ASP A 176 -13.17 3.76 7.66
C ASP A 176 -14.03 2.74 6.93
N SER A 177 -14.91 3.22 6.08
CA SER A 177 -15.78 2.33 5.34
C SER A 177 -14.94 1.39 4.48
N LEU A 178 -13.63 1.64 4.38
CA LEU A 178 -12.76 0.79 3.56
C LEU A 178 -11.81 -0.06 4.45
N ILE A 179 -11.33 0.50 5.56
CA ILE A 179 -10.42 -0.27 6.42
C ILE A 179 -11.21 -1.22 7.32
N ARG A 180 -12.04 -0.67 8.23
CA ARG A 180 -12.85 -1.48 9.16
C ARG A 180 -12.19 -2.82 9.46
N ALA A 181 -10.87 -2.79 9.53
CA ALA A 181 -10.13 -4.02 9.75
C ALA A 181 -10.29 -4.53 11.19
N THR A 182 -9.79 -3.78 12.17
CA THR A 182 -9.89 -4.23 13.56
C THR A 182 -10.09 -3.04 14.51
N ILE A 183 -9.07 -2.20 14.65
CA ILE A 183 -9.18 -1.07 15.56
C ILE A 183 -9.66 -1.56 16.92
N ALA A 184 -9.42 -2.85 17.19
CA ALA A 184 -9.84 -3.44 18.45
C ALA A 184 -8.82 -3.15 19.56
N SER A 185 -8.60 -1.87 19.82
CA SER A 185 -7.65 -1.49 20.86
C SER A 185 -7.74 0.02 21.11
N GLY A 186 -8.03 0.78 20.06
CA GLY A 186 -8.15 2.23 20.18
C GLY A 186 -9.50 2.68 19.61
N GLY A 187 -10.19 1.76 18.95
CA GLY A 187 -11.49 2.09 18.37
C GLY A 187 -12.52 2.36 19.47
N VAL A 188 -12.12 3.08 20.50
CA VAL A 188 -13.02 3.39 21.58
C VAL A 188 -14.03 4.46 21.15
N LEU A 189 -14.83 4.14 20.13
CA LEU A 189 -15.84 5.08 19.63
C LEU A 189 -17.26 4.64 20.02
N PRO A 190 -17.60 3.37 19.92
CA PRO A 190 -18.97 2.90 20.28
C PRO A 190 -19.15 2.72 21.80
N HIS A 191 -19.05 1.47 22.26
CA HIS A 191 -19.20 1.22 23.68
C HIS A 191 -18.10 1.95 24.47
N ILE A 192 -18.48 2.54 25.61
CA ILE A 192 -17.50 3.27 26.42
C ILE A 192 -16.96 2.36 27.54
N THR B 1 21.57 -12.73 11.23
CA THR B 1 20.59 -13.11 10.18
C THR B 1 21.02 -12.49 8.85
N VAL B 2 20.74 -11.20 8.66
CA VAL B 2 21.12 -10.55 7.42
C VAL B 2 22.63 -10.62 7.22
N GLU B 3 23.09 -10.34 6.00
CA GLU B 3 24.53 -10.38 5.72
C GLU B 3 24.81 -9.61 4.44
N ASP B 4 23.74 -9.25 3.76
CA ASP B 4 23.83 -8.51 2.52
C ASP B 4 22.42 -8.15 2.09
N SER B 5 21.50 -8.20 3.06
CA SER B 5 20.11 -7.90 2.78
C SER B 5 19.97 -6.64 1.92
N GLU B 6 19.65 -5.52 2.55
CA GLU B 6 19.49 -4.28 1.81
C GLU B 6 18.68 -4.49 0.54
N SER B 7 17.36 -4.39 0.65
CA SER B 7 16.50 -4.58 -0.53
C SER B 7 16.55 -6.02 -1.02
N ASP B 8 17.51 -6.80 -0.52
CA ASP B 8 17.63 -8.20 -0.95
C ASP B 8 18.01 -8.28 -2.43
N MET B 9 17.20 -7.66 -3.30
CA MET B 9 17.49 -7.68 -4.72
C MET B 9 17.36 -9.11 -5.28
N ASP B 10 18.07 -10.05 -4.69
CA ASP B 10 18.00 -11.43 -5.15
C ASP B 10 16.67 -12.07 -4.73
N ASP B 11 15.57 -11.44 -5.11
CA ASP B 11 14.24 -11.98 -4.76
C ASP B 11 13.27 -11.83 -5.93
N ALA B 12 13.07 -10.60 -6.41
CA ALA B 12 12.14 -10.38 -7.52
C ALA B 12 12.43 -11.33 -8.69
N LYS B 13 13.64 -11.87 -8.76
CA LYS B 13 13.97 -12.79 -9.86
C LYS B 13 13.67 -14.24 -9.46
N LEU B 14 14.32 -14.70 -8.41
CA LEU B 14 14.13 -16.05 -7.93
C LEU B 14 12.63 -16.39 -7.87
N ASP B 15 11.78 -15.39 -7.71
CA ASP B 15 10.34 -15.64 -7.63
C ASP B 15 9.65 -15.30 -8.97
N ALA B 16 10.01 -14.18 -9.59
CA ALA B 16 9.41 -13.81 -10.87
C ALA B 16 10.14 -14.52 -11.99
N LEU B 17 10.83 -15.59 -11.64
CA LEU B 17 11.55 -16.36 -12.62
C LEU B 17 10.50 -16.96 -13.55
N MET B 18 9.25 -16.84 -13.13
CA MET B 18 8.15 -17.34 -13.93
C MET B 18 8.33 -16.88 -15.38
N GLY B 19 9.15 -15.85 -15.55
CA GLY B 19 9.39 -15.30 -16.89
C GLY B 19 8.76 -13.93 -17.00
N ASN B 20 7.50 -13.84 -16.58
CA ASN B 20 6.80 -12.58 -16.64
C ASN B 20 6.53 -12.22 -18.09
N GLU B 21 5.27 -11.97 -18.36
CA GLU B 21 4.81 -11.63 -19.72
C GLU B 21 5.86 -10.85 -20.50
N GLY B 22 6.69 -10.08 -19.79
CA GLY B 22 7.73 -9.32 -20.47
C GLY B 22 7.13 -8.05 -21.07
N GLU B 23 5.80 -7.93 -21.03
CA GLU B 23 5.16 -6.75 -21.57
C GLU B 23 5.53 -5.53 -20.73
N GLU B 24 6.43 -5.73 -19.77
CA GLU B 24 6.88 -4.65 -18.89
C GLU B 24 6.88 -3.28 -19.59
N GLU B 25 7.30 -3.23 -20.84
CA GLU B 25 7.31 -1.94 -21.54
C GLU B 25 5.88 -1.47 -21.78
N GLU B 26 4.99 -2.39 -22.13
CA GLU B 26 3.60 -2.03 -22.37
C GLU B 26 2.81 -2.10 -21.07
N ASP B 27 3.50 -2.08 -19.92
CA ASP B 27 2.81 -2.13 -18.63
C ASP B 27 1.51 -1.32 -18.67
N ASP B 28 1.61 -0.04 -19.03
CA ASP B 28 0.43 0.79 -19.12
C ASP B 28 0.82 2.15 -19.74
N LEU B 29 1.55 2.96 -18.99
CA LEU B 29 1.99 4.27 -19.49
C LEU B 29 0.91 4.94 -20.32
N ALA B 30 -0.20 5.34 -19.69
CA ALA B 30 -1.27 5.99 -20.45
C ALA B 30 -2.40 6.47 -19.54
N GLU B 31 -2.95 5.56 -18.75
CA GLU B 31 -4.05 5.92 -17.86
C GLU B 31 -3.79 7.27 -17.17
N ILE B 32 -2.52 7.68 -17.10
CA ILE B 32 -2.19 8.95 -16.45
C ILE B 32 -3.19 10.04 -16.86
N ASP B 33 -3.64 10.82 -15.88
CA ASP B 33 -4.59 11.89 -16.17
C ASP B 33 -4.84 12.73 -14.91
N THR B 34 -5.20 12.05 -13.82
CA THR B 34 -5.44 12.75 -12.56
C THR B 34 -4.12 12.96 -11.82
N SER B 35 -3.01 12.67 -12.49
CA SER B 35 -1.71 12.83 -11.86
C SER B 35 -1.29 14.30 -11.83
N ASN B 36 -2.05 15.15 -12.52
CA ASN B 36 -1.73 16.59 -12.56
C ASN B 36 -2.54 17.35 -11.51
N ILE B 37 -3.37 16.65 -10.75
CA ILE B 37 -4.19 17.29 -9.71
C ILE B 37 -3.95 16.60 -8.36
N ILE B 38 -4.45 15.37 -8.21
CA ILE B 38 -4.25 14.66 -6.95
C ILE B 38 -2.81 14.15 -6.83
N THR B 39 -2.21 14.32 -5.65
CA THR B 39 -0.83 13.88 -5.44
C THR B 39 -0.63 13.39 -4.00
N SER B 40 0.28 12.44 -3.82
CA SER B 40 0.54 11.92 -2.49
C SER B 40 1.75 10.98 -2.51
N GLY B 41 1.72 9.94 -1.69
CA GLY B 41 2.84 9.00 -1.65
C GLY B 41 4.18 9.74 -1.57
N ARG B 42 4.25 10.75 -0.71
CA ARG B 42 5.50 11.51 -0.58
C ARG B 42 5.42 12.44 0.63
N ARG B 43 4.27 13.11 0.81
CA ARG B 43 4.13 14.01 1.93
C ARG B 43 2.68 14.47 2.06
N THR B 44 1.79 13.56 2.45
CA THR B 44 0.39 13.92 2.60
C THR B 44 0.22 14.95 3.72
N ARG B 45 -0.99 15.47 3.88
CA ARG B 45 -1.25 16.46 4.94
C ARG B 45 -2.63 16.24 5.53
N GLY B 46 -2.77 16.47 6.84
CA GLY B 46 -4.07 16.27 7.47
C GLY B 46 -3.99 16.47 8.99
N LYS B 47 -2.96 15.88 9.63
CA LYS B 47 -2.82 16.01 11.08
C LYS B 47 -3.98 15.31 11.78
N VAL B 48 -5.20 15.77 11.50
CA VAL B 48 -6.39 15.19 12.11
C VAL B 48 -6.44 15.45 13.61
N ILE B 49 -6.49 16.73 14.00
CA ILE B 49 -6.55 17.05 15.44
C ILE B 49 -7.55 16.12 16.14
N ASP B 50 -7.03 15.05 16.76
CA ASP B 50 -7.89 14.06 17.44
C ASP B 50 -8.97 14.71 18.31
N TYR B 51 -8.91 14.45 19.62
CA TYR B 51 -9.93 15.00 20.51
C TYR B 51 -11.32 14.65 19.98
N LYS B 52 -11.38 13.76 19.00
CA LYS B 52 -12.66 13.34 18.42
C LYS B 52 -13.41 14.51 17.76
N LYS B 53 -13.28 15.74 18.29
CA LYS B 53 -14.01 16.85 17.68
C LYS B 53 -13.84 16.80 16.17
N THR B 54 -12.65 16.45 15.72
CA THR B 54 -12.40 16.34 14.29
C THR B 54 -13.09 15.09 13.75
N ALA B 55 -13.28 14.08 14.60
CA ALA B 55 -13.93 12.86 14.13
C ALA B 55 -15.38 13.15 13.76
N GLU B 56 -15.89 14.29 14.24
CA GLU B 56 -17.28 14.67 13.94
C GLU B 56 -17.29 15.78 12.90
N GLU B 57 -16.62 16.90 13.18
CA GLU B 57 -16.58 17.96 12.20
C GLU B 57 -16.25 17.34 10.84
N LEU B 58 -15.67 16.15 10.89
CA LEU B 58 -15.33 15.44 9.69
C LEU B 58 -16.42 14.41 9.35
N ASP B 59 -16.69 13.49 10.27
CA ASP B 59 -17.72 12.49 9.97
C ASP B 59 -19.08 13.14 9.65
N LYS B 60 -19.12 14.46 9.47
CA LYS B 60 -20.38 15.12 9.17
C LYS B 60 -20.15 16.24 8.15
N LYS B 61 -19.24 17.18 8.44
CA LYS B 61 -19.01 18.24 7.46
C LYS B 61 -17.94 17.80 6.45
N GLU B 62 -16.72 17.60 6.93
CA GLU B 62 -15.63 17.17 6.06
C GLU B 62 -15.69 17.89 4.70
N ARG A 1 3.68 -14.86 10.48
CA ARG A 1 2.80 -13.70 10.74
C ARG A 1 3.51 -12.73 11.68
N LYS A 2 4.58 -13.18 12.31
CA LYS A 2 5.32 -12.31 13.23
C LYS A 2 6.30 -11.43 12.45
N GLU A 3 6.79 -10.38 13.10
CA GLU A 3 7.75 -9.48 12.46
C GLU A 3 7.13 -8.82 11.23
N THR A 4 6.69 -9.62 10.28
CA THR A 4 6.08 -9.07 9.10
C THR A 4 7.08 -8.20 8.34
N TYR A 5 6.63 -7.09 7.76
CA TYR A 5 7.54 -6.23 7.03
C TYR A 5 8.74 -5.88 7.93
N SER A 6 8.46 -5.68 9.21
CA SER A 6 9.51 -5.37 10.17
C SER A 6 10.58 -4.45 9.58
N SER A 7 11.60 -5.04 8.96
CA SER A 7 12.70 -4.24 8.41
C SER A 7 12.25 -3.22 7.36
N TYR A 8 11.98 -3.68 6.13
CA TYR A 8 11.58 -2.74 5.07
C TYR A 8 10.64 -1.66 5.58
N ILE A 9 9.68 -1.99 6.43
CA ILE A 9 8.81 -0.95 6.92
C ILE A 9 9.59 -0.05 7.85
N TYR A 10 10.48 -0.65 8.63
CA TYR A 10 11.30 0.16 9.54
C TYR A 10 11.98 1.25 8.72
N LYS A 11 12.05 1.00 7.41
CA LYS A 11 12.68 1.97 6.53
C LYS A 11 11.62 2.96 6.07
N VAL A 12 10.38 2.50 5.95
CA VAL A 12 9.31 3.40 5.57
C VAL A 12 8.86 4.14 6.82
N LEU A 13 9.38 3.67 7.94
CA LEU A 13 9.07 4.25 9.23
C LEU A 13 10.02 5.40 9.52
N LYS A 14 11.28 5.20 9.20
CA LYS A 14 12.25 6.27 9.43
C LYS A 14 12.12 7.29 8.30
N GLN A 15 11.92 6.79 7.10
CA GLN A 15 11.78 7.66 5.95
C GLN A 15 10.53 8.53 6.08
N THR A 16 9.39 7.91 6.40
CA THR A 16 8.17 8.69 6.56
C THR A 16 8.35 9.69 7.69
N HIS A 17 9.06 9.28 8.74
CA HIS A 17 9.31 10.17 9.87
C HIS A 17 10.45 9.58 10.72
N PRO A 18 11.34 10.40 11.22
CA PRO A 18 12.49 9.90 12.05
C PRO A 18 12.07 9.56 13.49
N ASP A 19 10.92 10.06 13.91
CA ASP A 19 10.42 9.79 15.27
C ASP A 19 9.16 8.94 15.20
N THR A 20 9.32 7.70 14.78
CA THR A 20 8.16 6.82 14.66
C THR A 20 8.58 5.39 15.04
N GLY A 21 8.51 5.08 16.33
CA GLY A 21 8.86 3.74 16.78
C GLY A 21 7.68 2.80 16.58
N ILE A 22 6.56 3.40 16.15
CA ILE A 22 5.32 2.69 15.88
C ILE A 22 5.04 1.51 16.82
N SER A 23 3.90 1.57 17.50
CA SER A 23 3.51 0.49 18.40
C SER A 23 3.59 -0.86 17.66
N GLN A 24 3.95 -1.92 18.37
CA GLN A 24 4.05 -3.22 17.74
C GLN A 24 2.72 -3.61 17.07
N LYS A 25 1.61 -3.41 17.77
CA LYS A 25 0.33 -3.73 17.18
C LYS A 25 0.00 -2.73 16.07
N SER A 26 0.36 -1.46 16.27
CA SER A 26 0.10 -0.49 15.22
C SER A 26 0.85 -0.99 13.98
N MET A 27 1.89 -1.75 14.25
CA MET A 27 2.67 -2.35 13.18
C MET A 27 1.93 -3.60 12.69
N SER A 28 1.05 -4.13 13.55
CA SER A 28 0.27 -5.32 13.19
C SER A 28 -1.01 -4.89 12.47
N ILE A 29 -1.58 -3.78 12.90
CA ILE A 29 -2.80 -3.29 12.28
C ILE A 29 -2.49 -2.78 10.89
N LEU A 30 -1.45 -1.98 10.76
CA LEU A 30 -1.08 -1.53 9.43
C LEU A 30 -0.72 -2.77 8.63
N ASN A 31 0.22 -3.57 9.15
CA ASN A 31 0.62 -4.78 8.46
C ASN A 31 -0.61 -5.62 8.13
N SER A 32 -1.54 -5.71 9.08
CA SER A 32 -2.73 -6.49 8.83
C SER A 32 -3.54 -5.84 7.72
N PHE A 33 -3.60 -4.51 7.74
CA PHE A 33 -4.32 -3.81 6.69
C PHE A 33 -3.57 -4.01 5.38
N VAL A 34 -2.34 -3.52 5.37
CA VAL A 34 -1.46 -3.69 4.24
C VAL A 34 -1.59 -5.12 3.74
N ASN A 35 -1.81 -6.04 4.68
CA ASN A 35 -1.98 -7.43 4.30
C ASN A 35 -3.42 -7.67 3.86
N ASP A 36 -4.35 -7.01 4.52
CA ASP A 36 -5.75 -7.16 4.18
C ASP A 36 -6.04 -6.47 2.86
N ILE A 37 -5.53 -5.24 2.69
CA ILE A 37 -5.77 -4.55 1.45
C ILE A 37 -4.97 -5.22 0.33
N PHE A 38 -3.89 -5.90 0.70
CA PHE A 38 -3.12 -6.59 -0.30
C PHE A 38 -3.99 -7.70 -0.90
N GLU A 39 -4.78 -8.32 -0.04
CA GLU A 39 -5.67 -9.38 -0.51
C GLU A 39 -6.88 -8.80 -1.21
N ARG A 40 -7.59 -7.88 -0.57
CA ARG A 40 -8.77 -7.28 -1.18
C ARG A 40 -8.53 -6.99 -2.67
N ILE A 41 -7.38 -6.41 -2.99
CA ILE A 41 -7.08 -6.11 -4.39
C ILE A 41 -6.65 -7.39 -5.13
N ALA A 42 -5.46 -7.87 -4.81
CA ALA A 42 -4.92 -9.08 -5.44
C ALA A 42 -5.91 -10.25 -5.39
N THR A 43 -6.85 -10.22 -4.45
CA THR A 43 -7.83 -11.30 -4.36
C THR A 43 -8.92 -11.05 -5.38
N GLU A 44 -9.46 -9.84 -5.37
CA GLU A 44 -10.49 -9.51 -6.33
C GLU A 44 -9.91 -9.59 -7.73
N ALA A 45 -8.66 -9.15 -7.90
CA ALA A 45 -8.05 -9.24 -9.22
C ALA A 45 -7.95 -10.71 -9.57
N SER A 46 -7.44 -11.47 -8.61
CA SER A 46 -7.32 -12.90 -8.81
C SER A 46 -8.72 -13.50 -8.92
N LYS A 47 -9.74 -12.76 -8.46
CA LYS A 47 -11.10 -13.27 -8.53
C LYS A 47 -11.69 -13.05 -9.92
N LEU A 48 -11.86 -11.80 -10.32
CA LEU A 48 -12.40 -11.53 -11.64
C LEU A 48 -11.56 -12.26 -12.68
N ALA A 49 -10.38 -12.70 -12.25
CA ALA A 49 -9.49 -13.43 -13.14
C ALA A 49 -9.84 -14.91 -13.11
N ALA A 50 -10.29 -15.40 -11.96
CA ALA A 50 -10.68 -16.80 -11.87
C ALA A 50 -11.97 -16.96 -12.65
N TYR A 51 -12.63 -15.83 -12.88
CA TYR A 51 -13.88 -15.81 -13.62
C TYR A 51 -13.61 -15.33 -15.06
N ASN A 52 -12.86 -14.23 -15.21
CA ASN A 52 -12.58 -13.73 -16.54
C ASN A 52 -11.50 -14.57 -17.22
N LYS A 53 -10.91 -15.51 -16.48
CA LYS A 53 -9.86 -16.33 -17.04
C LYS A 53 -8.74 -15.43 -17.51
N LYS A 54 -8.81 -14.15 -17.12
CA LYS A 54 -7.79 -13.22 -17.54
C LYS A 54 -6.41 -13.85 -17.30
N SER A 55 -6.32 -14.68 -16.25
CA SER A 55 -5.07 -15.37 -15.91
C SER A 55 -3.93 -14.36 -15.82
N THR A 56 -3.54 -13.81 -16.94
CA THR A 56 -2.47 -12.82 -16.94
C THR A 56 -2.88 -11.66 -16.02
N ILE A 57 -2.50 -11.74 -14.74
CA ILE A 57 -2.86 -10.66 -13.82
C ILE A 57 -2.09 -9.40 -14.18
N SER A 58 -2.68 -8.55 -15.02
CA SER A 58 -2.02 -7.32 -15.46
C SER A 58 -2.58 -6.09 -14.75
N ALA A 59 -1.88 -4.96 -14.87
CA ALA A 59 -2.32 -3.72 -14.22
C ALA A 59 -3.83 -3.54 -14.39
N ARG A 60 -4.38 -4.00 -15.51
CA ARG A 60 -5.81 -3.84 -15.76
C ARG A 60 -6.66 -4.66 -14.80
N GLU A 61 -6.18 -5.82 -14.38
CA GLU A 61 -6.96 -6.64 -13.46
C GLU A 61 -6.99 -5.98 -12.09
N ILE A 62 -5.82 -5.68 -11.59
CA ILE A 62 -5.71 -5.04 -10.28
C ILE A 62 -6.29 -3.63 -10.36
N GLN A 63 -6.17 -2.95 -11.50
CA GLN A 63 -6.73 -1.61 -11.60
C GLN A 63 -8.23 -1.67 -11.34
N THR A 64 -8.93 -2.57 -12.04
CA THR A 64 -10.36 -2.69 -11.81
C THR A 64 -10.62 -2.93 -10.32
N ALA A 65 -10.07 -4.02 -9.78
CA ALA A 65 -10.25 -4.29 -8.36
C ALA A 65 -9.96 -3.01 -7.58
N VAL A 66 -8.75 -2.48 -7.72
CA VAL A 66 -8.40 -1.22 -7.05
C VAL A 66 -9.56 -0.21 -7.24
N ARG A 67 -10.17 -0.22 -8.43
CA ARG A 67 -11.27 0.71 -8.68
C ARG A 67 -12.56 0.24 -8.02
N LEU A 68 -12.69 -1.06 -7.85
CA LEU A 68 -13.89 -1.61 -7.19
C LEU A 68 -13.67 -1.68 -5.68
N ILE A 69 -12.41 -1.73 -5.30
CA ILE A 69 -12.06 -1.81 -3.88
C ILE A 69 -12.08 -0.44 -3.23
N LEU A 70 -11.14 0.37 -3.66
CA LEU A 70 -10.99 1.69 -3.10
C LEU A 70 -12.20 2.56 -3.49
N PRO A 71 -12.75 3.32 -2.57
CA PRO A 71 -13.93 4.17 -2.85
C PRO A 71 -13.88 4.81 -4.24
N GLY A 72 -12.67 5.13 -4.69
CA GLY A 72 -12.52 5.78 -6.01
C GLY A 72 -11.46 6.88 -5.92
N GLU A 73 -11.78 7.97 -5.21
CA GLU A 73 -10.79 9.05 -5.07
C GLU A 73 -9.45 8.45 -4.69
N LEU A 74 -9.43 7.71 -3.58
CA LEU A 74 -8.19 7.06 -3.17
C LEU A 74 -7.64 6.29 -4.36
N ALA A 75 -8.50 5.50 -5.00
CA ALA A 75 -8.07 4.77 -6.20
C ALA A 75 -7.42 5.76 -7.18
N LYS A 76 -8.14 6.85 -7.47
CA LYS A 76 -7.63 7.88 -8.39
C LYS A 76 -6.12 8.05 -8.21
N HIS A 77 -5.68 8.21 -6.96
CA HIS A 77 -4.26 8.34 -6.73
C HIS A 77 -3.57 6.99 -6.92
N ALA A 78 -4.23 5.94 -6.43
CA ALA A 78 -3.65 4.61 -6.54
C ALA A 78 -3.49 4.21 -8.01
N VAL A 79 -4.39 4.68 -8.88
CA VAL A 79 -4.27 4.33 -10.30
C VAL A 79 -3.17 5.17 -10.96
N SER A 80 -3.29 6.49 -10.89
CA SER A 80 -2.28 7.34 -11.51
C SER A 80 -0.88 7.06 -10.93
N GLU A 81 -0.82 6.77 -9.63
CA GLU A 81 0.48 6.51 -9.02
C GLU A 81 1.02 5.14 -9.46
N GLY A 82 0.12 4.20 -9.71
CA GLY A 82 0.57 2.87 -10.13
C GLY A 82 1.19 2.89 -11.53
N THR A 83 0.62 3.69 -12.43
CA THR A 83 1.18 3.76 -13.79
C THR A 83 2.49 4.53 -13.75
N ARG A 84 2.45 5.73 -13.18
CA ARG A 84 3.67 6.53 -13.06
C ARG A 84 4.79 5.65 -12.55
N ALA A 85 4.44 4.69 -11.71
CA ALA A 85 5.45 3.78 -11.18
C ALA A 85 5.97 2.90 -12.33
N VAL A 86 5.05 2.36 -13.14
CA VAL A 86 5.50 1.53 -14.27
C VAL A 86 6.50 2.34 -15.12
N THR A 87 6.13 3.58 -15.44
CA THR A 87 6.99 4.42 -16.24
C THR A 87 8.38 4.45 -15.65
N LYS A 88 8.56 5.16 -14.55
CA LYS A 88 9.88 5.22 -13.95
C LYS A 88 10.46 3.79 -13.83
N TYR A 89 9.66 2.90 -13.27
CA TYR A 89 10.10 1.52 -13.09
C TYR A 89 10.75 0.99 -14.36
N SER A 90 10.49 1.63 -15.50
CA SER A 90 11.07 1.17 -16.76
C SER A 90 11.73 2.32 -17.53
N SER A 91 10.99 3.41 -17.75
CA SER A 91 11.53 4.55 -18.48
C SER A 91 12.95 4.86 -18.01
N SER A 92 13.28 4.41 -16.80
CA SER A 92 14.61 4.65 -16.28
C SER A 92 15.65 3.96 -17.16
N THR A 93 16.51 3.17 -16.56
CA THR A 93 17.53 2.45 -17.33
C THR A 93 17.03 1.06 -17.65
N GLN A 94 15.73 0.83 -17.48
CA GLN A 94 15.18 -0.49 -17.75
C GLN A 94 15.94 -1.54 -16.94
N ALA A 95 16.87 -1.06 -16.11
CA ALA A 95 17.65 -1.99 -15.30
C ALA A 95 18.25 -1.27 -14.09
N GLN A 96 17.68 -1.53 -12.92
CA GLN A 96 18.19 -0.91 -11.71
C GLN A 96 17.60 -1.61 -10.50
N SER A 97 17.53 -2.95 -10.57
CA SER A 97 17.00 -3.72 -9.45
C SER A 97 15.59 -3.27 -9.09
N SER A 98 14.65 -4.20 -9.18
CA SER A 98 13.27 -3.87 -8.87
C SER A 98 13.14 -3.18 -7.52
N SER A 99 14.05 -3.49 -6.59
CA SER A 99 13.98 -2.86 -5.28
C SER A 99 14.56 -1.44 -5.34
N ALA A 100 14.88 -0.98 -6.54
CA ALA A 100 15.41 0.36 -6.72
C ALA A 100 14.82 0.98 -7.98
N ARG A 101 14.51 0.12 -8.95
CA ARG A 101 13.90 0.61 -10.18
C ARG A 101 12.42 0.87 -9.95
N ALA A 102 11.73 -0.11 -9.34
CA ALA A 102 10.30 0.06 -9.05
C ALA A 102 10.07 1.43 -8.43
N GLY A 103 11.11 1.99 -7.82
CA GLY A 103 10.98 3.31 -7.21
C GLY A 103 10.09 3.23 -5.96
N LEU A 104 9.93 2.03 -5.41
CA LEU A 104 9.10 1.85 -4.22
C LEU A 104 9.83 0.98 -3.20
N GLN A 105 10.20 1.56 -2.07
CA GLN A 105 10.90 0.79 -1.04
C GLN A 105 9.92 -0.15 -0.34
N PHE A 106 9.37 -1.11 -1.09
CA PHE A 106 8.42 -2.07 -0.51
C PHE A 106 8.73 -3.49 -1.04
N PRO A 107 8.67 -4.51 -0.20
CA PRO A 107 8.97 -5.90 -0.63
C PRO A 107 8.38 -6.28 -1.98
N VAL A 108 9.22 -6.17 -3.02
CA VAL A 108 8.76 -6.53 -4.35
C VAL A 108 8.79 -8.05 -4.50
N GLY A 109 9.80 -8.70 -3.91
CA GLY A 109 9.91 -10.15 -4.00
C GLY A 109 8.99 -10.83 -3.00
N ARG A 110 8.99 -10.35 -1.75
CA ARG A 110 8.14 -10.96 -0.74
C ARG A 110 6.67 -10.85 -1.15
N ILE A 111 6.27 -9.70 -1.71
CA ILE A 111 4.88 -9.58 -2.14
C ILE A 111 4.71 -10.35 -3.45
N LYS A 112 5.60 -10.13 -4.41
CA LYS A 112 5.48 -10.88 -5.65
C LYS A 112 5.40 -12.35 -5.28
N ARG A 113 5.97 -12.67 -4.12
CA ARG A 113 5.90 -14.06 -3.66
C ARG A 113 4.46 -14.35 -3.23
N TYR A 114 3.81 -13.35 -2.64
CA TYR A 114 2.45 -13.53 -2.22
C TYR A 114 1.57 -13.66 -3.45
N LEU A 115 2.11 -13.21 -4.58
CA LEU A 115 1.39 -13.32 -5.84
C LEU A 115 1.69 -14.66 -6.51
N LYS A 116 2.80 -15.28 -6.12
CA LYS A 116 3.15 -16.57 -6.72
C LYS A 116 2.38 -17.70 -6.02
N ARG A 117 2.04 -17.50 -4.74
CA ARG A 117 1.30 -18.53 -3.99
C ARG A 117 -0.20 -18.19 -3.89
N HIS A 118 -0.54 -16.90 -3.86
CA HIS A 118 -1.96 -16.52 -3.75
C HIS A 118 -2.61 -16.49 -5.13
N ALA A 119 -1.88 -16.06 -6.15
CA ALA A 119 -2.45 -16.05 -7.49
C ALA A 119 -2.59 -17.48 -8.01
N THR A 120 -2.53 -18.44 -7.09
CA THR A 120 -2.64 -19.84 -7.47
C THR A 120 -1.38 -20.31 -8.17
N GLY A 121 -0.80 -19.46 -9.03
CA GLY A 121 0.42 -19.84 -9.75
C GLY A 121 0.12 -20.00 -11.23
N ARG A 122 -0.96 -20.69 -11.55
CA ARG A 122 -1.34 -20.86 -12.94
C ARG A 122 -1.49 -19.48 -13.58
N THR A 123 -1.42 -18.44 -12.74
CA THR A 123 -1.56 -17.08 -13.21
C THR A 123 -0.18 -16.55 -13.61
N ARG A 124 -0.07 -15.24 -13.76
CA ARG A 124 1.19 -14.62 -14.13
C ARG A 124 1.39 -13.33 -13.30
N VAL A 125 2.52 -12.64 -13.52
CA VAL A 125 2.79 -11.41 -12.79
C VAL A 125 3.55 -10.43 -13.68
N GLY A 126 2.95 -10.07 -14.81
CA GLY A 126 3.61 -9.14 -15.73
C GLY A 126 4.20 -7.94 -14.99
N SER A 127 5.26 -7.35 -15.56
CA SER A 127 5.90 -6.19 -14.95
C SER A 127 4.86 -5.09 -14.68
N LYS A 128 3.62 -5.32 -15.14
CA LYS A 128 2.56 -4.33 -14.95
C LYS A 128 1.56 -4.79 -13.87
N ALA A 129 2.05 -5.36 -12.77
CA ALA A 129 1.14 -5.83 -11.72
C ALA A 129 1.78 -5.76 -10.32
N ALA A 130 2.75 -6.65 -10.05
CA ALA A 130 3.40 -6.63 -8.73
C ALA A 130 3.69 -5.20 -8.30
N ILE A 131 4.01 -4.35 -9.27
CA ILE A 131 4.28 -2.95 -8.95
C ILE A 131 2.99 -2.22 -8.58
N TYR A 132 1.88 -2.53 -9.25
CA TYR A 132 0.64 -1.87 -8.93
C TYR A 132 0.29 -2.17 -7.47
N LEU A 133 0.89 -3.23 -6.93
CA LEU A 133 0.60 -3.63 -5.55
C LEU A 133 1.58 -2.98 -4.56
N THR A 134 2.79 -2.72 -5.01
CA THR A 134 3.76 -2.09 -4.12
C THR A 134 3.51 -0.59 -4.17
N ALA A 135 2.83 -0.16 -5.23
CA ALA A 135 2.51 1.24 -5.38
C ALA A 135 1.25 1.57 -4.57
N VAL A 136 0.20 0.75 -4.71
CA VAL A 136 -1.01 1.05 -3.93
C VAL A 136 -0.75 0.92 -2.44
N LEU A 137 0.13 -0.02 -2.05
CA LEU A 137 0.42 -0.18 -0.63
C LEU A 137 1.25 0.99 -0.10
N GLU A 138 2.41 1.22 -0.70
CA GLU A 138 3.27 2.32 -0.24
C GLU A 138 2.50 3.64 -0.19
N TYR A 139 1.42 3.72 -0.96
CA TYR A 139 0.62 4.94 -1.00
C TYR A 139 -0.28 5.01 0.24
N LEU A 140 -1.12 4.01 0.42
CA LEU A 140 -2.02 4.00 1.56
C LEU A 140 -1.29 3.58 2.82
N THR A 141 -0.19 2.86 2.65
CA THR A 141 0.58 2.45 3.82
C THR A 141 1.32 3.65 4.38
N ALA A 142 1.96 4.40 3.48
CA ALA A 142 2.68 5.60 3.92
C ALA A 142 1.68 6.66 4.37
N GLU A 143 0.44 6.56 3.90
CA GLU A 143 -0.58 7.54 4.29
C GLU A 143 -1.04 7.31 5.72
N VAL A 144 -1.57 6.12 6.01
CA VAL A 144 -2.03 5.85 7.37
C VAL A 144 -0.91 6.14 8.35
N LEU A 145 0.33 5.85 7.97
CA LEU A 145 1.45 6.11 8.87
C LEU A 145 1.81 7.61 8.87
N GLU A 146 1.56 8.30 7.77
CA GLU A 146 1.87 9.71 7.72
C GLU A 146 1.07 10.46 8.80
N LEU A 147 -0.24 10.25 8.81
CA LEU A 147 -1.06 10.92 9.82
C LEU A 147 -0.73 10.38 11.21
N ALA A 148 -0.61 9.06 11.31
CA ALA A 148 -0.29 8.45 12.60
C ALA A 148 0.82 9.22 13.33
N GLY A 149 1.96 9.42 12.67
CA GLY A 149 3.07 10.12 13.31
C GLY A 149 2.86 11.63 13.27
N ASN A 150 2.73 12.19 12.08
CA ASN A 150 2.55 13.64 11.95
C ASN A 150 1.39 14.14 12.82
N ALA A 151 0.70 13.23 13.52
CA ALA A 151 -0.43 13.64 14.36
C ALA A 151 -0.15 13.37 15.84
N ALA A 152 0.23 12.14 16.18
CA ALA A 152 0.47 11.81 17.57
C ALA A 152 1.91 12.18 18.00
N LYS A 153 2.90 11.79 17.20
CA LYS A 153 4.28 12.09 17.57
C LYS A 153 4.46 13.59 17.85
N ASP A 154 3.67 14.42 17.20
CA ASP A 154 3.81 15.85 17.41
C ASP A 154 3.18 16.26 18.74
N LEU A 155 2.20 15.49 19.19
CA LEU A 155 1.53 15.80 20.45
C LEU A 155 1.76 14.70 21.50
N LYS A 156 2.61 13.71 21.19
CA LYS A 156 2.85 12.61 22.14
C LYS A 156 4.34 12.26 22.22
N VAL A 157 4.83 11.39 21.33
CA VAL A 157 6.24 11.00 21.34
C VAL A 157 6.52 10.11 20.13
N LYS A 158 7.78 9.80 19.88
CA LYS A 158 8.11 8.96 18.74
C LYS A 158 7.31 7.65 18.82
N ARG A 159 6.58 7.46 19.91
CA ARG A 159 5.77 6.25 20.07
C ARG A 159 4.33 6.48 19.62
N ILE A 160 3.68 5.42 19.15
CA ILE A 160 2.28 5.53 18.71
C ILE A 160 1.46 4.36 19.26
N THR A 161 0.14 4.45 19.17
CA THR A 161 -0.72 3.37 19.66
C THR A 161 -1.96 3.21 18.75
N PRO A 162 -2.48 2.02 18.62
CA PRO A 162 -3.69 1.78 17.76
C PRO A 162 -4.73 2.89 17.84
N ARG A 163 -4.68 3.69 18.90
CA ARG A 163 -5.65 4.77 19.04
C ARG A 163 -5.46 5.83 17.95
N HIS A 164 -4.26 6.37 17.86
CA HIS A 164 -4.00 7.38 16.84
C HIS A 164 -4.41 6.86 15.47
N LEU A 165 -4.52 5.55 15.35
CA LEU A 165 -4.93 4.97 14.08
C LEU A 165 -6.44 5.10 13.96
N GLN A 166 -7.16 4.91 15.06
CA GLN A 166 -8.61 5.06 15.00
C GLN A 166 -8.92 6.47 14.47
N LEU A 167 -8.26 7.48 15.04
CA LEU A 167 -8.50 8.84 14.57
C LEU A 167 -8.28 8.91 13.06
N ALA A 168 -7.08 8.54 12.64
CA ALA A 168 -6.73 8.57 11.22
C ALA A 168 -7.59 7.60 10.42
N ILE A 169 -7.93 6.46 11.01
CA ILE A 169 -8.76 5.49 10.29
C ILE A 169 -10.21 5.94 10.36
N ARG A 170 -10.75 6.03 11.56
CA ARG A 170 -12.13 6.49 11.70
C ARG A 170 -12.25 7.85 10.99
N GLY A 171 -11.15 8.61 10.99
CA GLY A 171 -11.20 9.91 10.30
C GLY A 171 -11.74 9.70 8.89
N ASP A 172 -10.88 9.27 7.97
CA ASP A 172 -11.35 9.04 6.61
C ASP A 172 -12.49 8.02 6.60
N ASP A 173 -13.71 8.50 6.82
CA ASP A 173 -14.86 7.60 6.85
C ASP A 173 -14.80 6.56 5.72
N GLU A 174 -14.16 6.91 4.61
CA GLU A 174 -14.08 5.96 3.51
C GLU A 174 -13.14 4.81 3.87
N LEU A 175 -11.88 5.12 4.12
CA LEU A 175 -10.94 4.07 4.49
C LEU A 175 -11.51 3.19 5.58
N ASP A 176 -11.94 3.78 6.71
CA ASP A 176 -12.51 2.98 7.78
C ASP A 176 -13.53 2.01 7.22
N SER A 177 -14.52 2.53 6.50
CA SER A 177 -15.51 1.65 5.91
C SER A 177 -14.80 0.49 5.21
N LEU A 178 -13.51 0.67 4.90
CA LEU A 178 -12.74 -0.38 4.23
C LEU A 178 -11.63 -0.92 5.17
N ILE A 179 -11.31 -0.18 6.26
CA ILE A 179 -10.24 -0.63 7.18
C ILE A 179 -10.83 -1.04 8.54
N ARG A 180 -12.14 -1.05 8.66
CA ARG A 180 -12.74 -1.47 9.92
C ARG A 180 -12.39 -2.94 10.22
N ALA A 181 -11.18 -3.37 9.82
CA ALA A 181 -10.76 -4.74 10.04
C ALA A 181 -10.73 -5.11 11.53
N THR A 182 -9.99 -4.35 12.34
CA THR A 182 -9.91 -4.68 13.76
C THR A 182 -9.46 -3.47 14.59
N ILE A 183 -9.95 -2.30 14.24
CA ILE A 183 -9.59 -1.11 15.02
C ILE A 183 -10.25 -1.22 16.40
N ALA A 184 -9.91 -2.30 17.11
CA ALA A 184 -10.47 -2.55 18.44
C ALA A 184 -9.51 -2.12 19.52
N SER A 185 -9.43 -0.82 19.74
CA SER A 185 -8.52 -0.32 20.77
C SER A 185 -8.77 1.16 21.05
N GLY A 186 -8.62 2.03 20.03
CA GLY A 186 -8.87 3.45 20.24
C GLY A 186 -10.17 3.63 21.01
N GLY A 187 -11.00 2.59 20.96
CA GLY A 187 -12.29 2.62 21.66
C GLY A 187 -13.41 2.83 20.65
N VAL A 188 -13.19 2.32 19.44
CA VAL A 188 -14.15 2.44 18.37
C VAL A 188 -15.05 3.67 18.53
N LEU A 189 -14.45 4.83 18.32
CA LEU A 189 -15.18 6.09 18.44
C LEU A 189 -16.62 5.97 17.90
N PRO A 190 -16.82 5.52 16.67
CA PRO A 190 -18.20 5.37 16.10
C PRO A 190 -19.06 4.43 16.95
N HIS A 191 -19.49 4.90 18.12
CA HIS A 191 -20.31 4.07 18.99
C HIS A 191 -21.78 4.08 18.53
N ILE A 192 -22.47 2.96 18.73
CA ILE A 192 -23.87 2.89 18.31
C ILE A 192 -24.66 4.06 18.91
N THR B 1 20.09 -17.39 2.98
CA THR B 1 20.98 -17.25 4.17
C THR B 1 21.15 -15.78 4.51
N VAL B 2 20.36 -14.92 3.87
CA VAL B 2 20.47 -13.48 4.15
C VAL B 2 20.18 -13.19 5.62
N GLU B 3 20.18 -11.91 5.97
CA GLU B 3 19.90 -11.53 7.37
C GLU B 3 19.44 -10.07 7.41
N ASP B 4 19.79 -9.32 6.38
CA ASP B 4 19.39 -7.91 6.29
C ASP B 4 18.75 -7.65 4.94
N SER B 5 18.99 -8.57 4.00
CA SER B 5 18.42 -8.42 2.67
C SER B 5 18.99 -7.19 1.96
N GLU B 6 18.72 -6.01 2.51
CA GLU B 6 19.23 -4.79 1.89
C GLU B 6 18.75 -4.68 0.44
N SER B 7 17.65 -3.98 0.23
CA SER B 7 17.14 -3.83 -1.13
C SER B 7 16.91 -5.21 -1.76
N ASP B 8 16.86 -6.25 -0.93
CA ASP B 8 16.65 -7.60 -1.43
C ASP B 8 17.73 -7.99 -2.44
N MET B 9 17.69 -7.43 -3.65
CA MET B 9 18.70 -7.77 -4.65
C MET B 9 18.80 -9.28 -4.84
N ASP B 10 17.93 -10.03 -4.17
CA ASP B 10 17.95 -11.49 -4.31
C ASP B 10 16.60 -12.08 -3.89
N ASP B 11 15.56 -11.74 -4.63
CA ASP B 11 14.23 -12.25 -4.30
C ASP B 11 13.26 -12.02 -5.46
N ALA B 12 13.15 -10.77 -5.91
CA ALA B 12 12.24 -10.46 -7.00
C ALA B 12 12.55 -11.29 -8.24
N LYS B 13 13.77 -11.81 -8.35
CA LYS B 13 14.12 -12.62 -9.53
C LYS B 13 13.88 -14.11 -9.24
N LEU B 14 14.35 -14.56 -8.08
CA LEU B 14 14.20 -15.95 -7.71
C LEU B 14 12.72 -16.36 -7.77
N ASP B 15 11.82 -15.41 -7.49
CA ASP B 15 10.39 -15.72 -7.52
C ASP B 15 9.76 -15.29 -8.85
N ALA B 16 10.17 -14.13 -9.38
CA ALA B 16 9.62 -13.68 -10.66
C ALA B 16 10.42 -14.30 -11.80
N LEU B 17 11.15 -15.37 -11.51
CA LEU B 17 11.89 -16.02 -12.55
C LEU B 17 10.89 -16.50 -13.58
N MET B 18 9.63 -16.48 -13.15
CA MET B 18 8.53 -16.91 -14.00
C MET B 18 7.44 -15.82 -13.98
N GLY B 19 7.83 -14.57 -13.79
CA GLY B 19 6.84 -13.50 -13.75
C GLY B 19 6.31 -13.20 -15.15
N ASN B 20 6.98 -13.73 -16.17
CA ASN B 20 6.53 -13.49 -17.53
C ASN B 20 6.56 -11.99 -17.83
N GLU B 21 7.67 -11.33 -17.50
CA GLU B 21 7.79 -9.90 -17.75
C GLU B 21 7.30 -9.56 -19.16
N GLY B 22 7.81 -10.26 -20.15
CA GLY B 22 7.40 -10.01 -21.52
C GLY B 22 7.36 -8.51 -21.83
N GLU B 23 8.48 -7.81 -21.58
CA GLU B 23 8.56 -6.38 -21.84
C GLU B 23 7.22 -5.68 -21.54
N GLU B 24 6.51 -6.16 -20.52
CA GLU B 24 5.22 -5.56 -20.19
C GLU B 24 5.42 -4.19 -19.53
N GLU B 25 6.54 -3.54 -19.82
CA GLU B 25 6.79 -2.22 -19.25
C GLU B 25 5.92 -1.18 -19.95
N GLU B 26 6.22 -0.90 -21.22
CA GLU B 26 5.44 0.06 -21.96
C GLU B 26 3.97 -0.37 -22.04
N ASP B 27 3.66 -1.53 -21.44
CA ASP B 27 2.29 -2.01 -21.48
C ASP B 27 1.34 -0.97 -20.88
N ASP B 28 1.76 -0.32 -19.79
CA ASP B 28 0.90 0.67 -19.14
C ASP B 28 1.23 2.08 -19.65
N LEU B 29 1.79 2.93 -18.79
CA LEU B 29 2.12 4.29 -19.22
C LEU B 29 0.96 4.92 -19.98
N ALA B 30 -0.17 5.11 -19.30
CA ALA B 30 -1.33 5.71 -19.98
C ALA B 30 -2.49 5.93 -19.00
N GLU B 31 -2.83 4.90 -18.24
CA GLU B 31 -3.94 5.02 -17.29
C GLU B 31 -3.91 6.37 -16.57
N ILE B 32 -2.72 6.95 -16.41
CA ILE B 32 -2.61 8.24 -15.74
C ILE B 32 -3.68 9.21 -16.25
N ASP B 33 -4.05 10.18 -15.43
CA ASP B 33 -5.07 11.14 -15.85
C ASP B 33 -5.13 12.31 -14.86
N THR B 34 -5.28 12.01 -13.58
CA THR B 34 -5.35 13.07 -12.58
C THR B 34 -3.97 13.67 -12.33
N SER B 35 -3.06 13.44 -13.30
CA SER B 35 -1.69 13.95 -13.21
C SER B 35 -1.18 13.96 -11.76
N ASN B 36 -1.53 12.94 -11.00
CA ASN B 36 -1.08 12.88 -9.61
C ASN B 36 -1.53 14.13 -8.87
N ILE B 37 -2.22 15.01 -9.57
CA ILE B 37 -2.70 16.24 -8.96
C ILE B 37 -3.64 15.89 -7.81
N ILE B 38 -4.40 14.80 -7.96
CA ILE B 38 -5.31 14.42 -6.89
C ILE B 38 -4.55 14.35 -5.55
N THR B 39 -5.23 14.65 -4.45
CA THR B 39 -4.56 14.59 -3.15
C THR B 39 -4.20 13.15 -2.81
N SER B 40 -3.26 12.95 -1.88
CA SER B 40 -2.88 11.59 -1.52
C SER B 40 -1.99 11.58 -0.27
N GLY B 41 -1.13 10.57 -0.16
CA GLY B 41 -0.23 10.47 1.00
C GLY B 41 1.19 10.93 0.65
N ARG B 42 1.41 11.35 -0.59
CA ARG B 42 2.74 11.80 -0.97
C ARG B 42 3.17 13.04 -0.16
N ARG B 43 2.24 13.96 0.06
CA ARG B 43 2.58 15.16 0.82
C ARG B 43 1.32 15.96 1.16
N THR B 44 0.26 15.28 1.60
CA THR B 44 -0.98 15.97 1.94
C THR B 44 -0.99 16.31 3.44
N ARG B 45 -0.15 15.63 4.21
CA ARG B 45 -0.09 15.89 5.65
C ARG B 45 -1.50 15.87 6.24
N GLY B 46 -1.74 16.70 7.26
CA GLY B 46 -3.06 16.75 7.88
C GLY B 46 -2.93 16.96 9.39
N LYS B 47 -2.05 16.19 10.02
CA LYS B 47 -1.86 16.35 11.46
C LYS B 47 -3.15 15.95 12.20
N VAL B 48 -3.62 16.79 13.11
CA VAL B 48 -4.84 16.48 13.85
C VAL B 48 -5.20 17.64 14.77
N ILE B 49 -6.47 17.74 15.10
CA ILE B 49 -6.93 18.81 16.00
C ILE B 49 -6.57 18.47 17.43
N ASP B 50 -7.54 17.98 18.21
CA ASP B 50 -7.28 17.61 19.60
C ASP B 50 -7.95 16.30 19.96
N TYR B 51 -8.19 15.44 18.96
CA TYR B 51 -8.79 14.14 19.19
C TYR B 51 -10.30 14.22 19.42
N LYS B 52 -11.01 13.33 18.73
CA LYS B 52 -12.46 13.23 18.83
C LYS B 52 -13.14 14.20 17.87
N LYS B 53 -13.02 15.48 18.16
CA LYS B 53 -13.63 16.46 17.28
C LYS B 53 -13.11 16.24 15.87
N THR B 54 -11.87 15.79 15.79
CA THR B 54 -11.25 15.53 14.51
C THR B 54 -12.17 14.65 13.65
N ALA B 55 -12.65 13.55 14.23
CA ALA B 55 -13.52 12.65 13.48
C ALA B 55 -14.90 13.29 13.27
N GLU B 56 -15.24 14.26 14.11
CA GLU B 56 -16.54 14.92 13.97
C GLU B 56 -16.47 15.98 12.87
N GLU B 57 -15.77 17.08 13.14
CA GLU B 57 -15.64 18.13 12.15
C GLU B 57 -15.31 17.54 10.78
N LEU B 58 -14.59 16.42 10.79
CA LEU B 58 -14.21 15.77 9.55
C LEU B 58 -15.38 15.02 8.91
N ASP B 59 -15.96 14.10 9.66
CA ASP B 59 -17.06 13.31 9.10
C ASP B 59 -18.32 14.15 8.89
N LYS B 60 -18.30 15.42 9.32
CA LYS B 60 -19.49 16.28 9.15
C LYS B 60 -19.13 17.65 8.57
N LYS B 61 -17.87 17.86 8.15
CA LYS B 61 -17.50 19.16 7.61
C LYS B 61 -18.00 20.27 8.53
N GLU B 62 -18.37 19.89 9.74
CA GLU B 62 -18.88 20.86 10.71
C GLU B 62 -17.86 22.00 10.88
N ARG A 1 3.93 -8.14 15.31
CA ARG A 1 4.26 -8.93 16.52
C ARG A 1 5.35 -9.96 16.19
N LYS A 2 5.02 -10.91 15.33
CA LYS A 2 6.01 -11.92 14.95
C LYS A 2 7.07 -11.31 14.05
N GLU A 3 6.63 -10.85 12.89
CA GLU A 3 7.54 -10.29 11.93
C GLU A 3 6.76 -9.60 10.82
N THR A 4 6.32 -10.39 9.86
CA THR A 4 5.56 -9.85 8.77
C THR A 4 6.36 -8.75 8.06
N TYR A 5 5.74 -7.60 7.76
CA TYR A 5 6.47 -6.54 7.09
C TYR A 5 7.39 -5.80 8.07
N SER A 6 7.23 -6.09 9.37
CA SER A 6 8.03 -5.45 10.43
C SER A 6 9.32 -4.82 9.90
N SER A 7 10.34 -5.64 9.70
CA SER A 7 11.62 -5.13 9.21
C SER A 7 11.44 -4.03 8.16
N TYR A 8 11.12 -4.41 6.94
CA TYR A 8 10.97 -3.42 5.87
C TYR A 8 10.06 -2.24 6.27
N ILE A 9 8.86 -2.51 6.80
CA ILE A 9 7.97 -1.37 7.11
C ILE A 9 8.37 -0.61 8.38
N TYR A 10 8.76 -1.28 9.45
CA TYR A 10 9.13 -0.50 10.63
C TYR A 10 10.33 0.36 10.22
N LYS A 11 10.90 0.00 9.09
CA LYS A 11 11.98 0.82 8.52
C LYS A 11 11.32 1.97 7.78
N VAL A 12 10.17 1.67 7.17
CA VAL A 12 9.42 2.72 6.49
C VAL A 12 9.01 3.74 7.54
N LEU A 13 9.08 3.32 8.81
CA LEU A 13 8.74 4.23 9.89
C LEU A 13 9.96 5.07 10.20
N LYS A 14 11.11 4.41 10.34
CA LYS A 14 12.30 5.17 10.64
C LYS A 14 12.50 6.21 9.54
N GLN A 15 12.03 5.87 8.34
CA GLN A 15 12.13 6.77 7.21
C GLN A 15 11.13 7.94 7.37
N THR A 16 9.85 7.62 7.55
CA THR A 16 8.84 8.68 7.73
C THR A 16 9.19 9.49 8.99
N HIS A 17 9.68 8.81 10.01
CA HIS A 17 10.06 9.47 11.25
C HIS A 17 11.06 8.58 12.00
N PRO A 18 12.19 9.09 12.43
CA PRO A 18 13.23 8.26 13.11
C PRO A 18 12.86 7.85 14.53
N ASP A 19 11.79 8.45 15.07
CA ASP A 19 11.36 8.13 16.43
C ASP A 19 9.96 7.52 16.43
N THR A 20 9.83 6.36 15.80
CA THR A 20 8.53 5.69 15.75
C THR A 20 8.70 4.18 15.85
N GLY A 21 8.68 3.68 17.09
CA GLY A 21 8.82 2.24 17.30
C GLY A 21 7.49 1.55 17.02
N ILE A 22 6.49 2.35 16.69
CA ILE A 22 5.14 1.88 16.37
C ILE A 22 4.69 0.67 17.20
N SER A 23 3.56 0.84 17.89
CA SER A 23 3.02 -0.24 18.70
C SER A 23 3.00 -1.56 17.92
N GLN A 24 3.12 -2.68 18.64
CA GLN A 24 3.10 -3.97 17.98
C GLN A 24 1.76 -4.18 17.28
N LYS A 25 0.67 -3.91 17.99
CA LYS A 25 -0.65 -4.06 17.38
C LYS A 25 -0.84 -3.01 16.29
N SER A 26 -0.38 -1.79 16.53
CA SER A 26 -0.50 -0.78 15.49
C SER A 26 0.19 -1.32 14.26
N MET A 27 1.18 -2.18 14.52
CA MET A 27 1.91 -2.82 13.44
C MET A 27 1.10 -4.02 12.94
N SER A 28 0.16 -4.49 13.77
CA SER A 28 -0.69 -5.63 13.39
C SER A 28 -1.92 -5.13 12.64
N ILE A 29 -2.47 -4.02 13.12
CA ILE A 29 -3.65 -3.44 12.48
C ILE A 29 -3.28 -2.91 11.11
N LEU A 30 -2.18 -2.19 11.04
CA LEU A 30 -1.77 -1.72 9.73
C LEU A 30 -1.43 -2.96 8.91
N ASN A 31 -0.54 -3.81 9.43
CA ASN A 31 -0.19 -5.03 8.70
C ASN A 31 -1.46 -5.78 8.32
N SER A 32 -2.41 -5.86 9.24
CA SER A 32 -3.65 -6.56 8.93
C SER A 32 -4.35 -5.84 7.79
N PHE A 33 -4.32 -4.52 7.82
CA PHE A 33 -4.92 -3.76 6.75
C PHE A 33 -4.09 -4.00 5.49
N VAL A 34 -2.88 -3.51 5.53
CA VAL A 34 -1.91 -3.69 4.46
C VAL A 34 -2.03 -5.13 3.95
N ASN A 35 -2.29 -6.05 4.86
CA ASN A 35 -2.39 -7.45 4.47
C ASN A 35 -3.79 -7.72 3.93
N ASP A 36 -4.78 -7.05 4.52
CA ASP A 36 -6.16 -7.25 4.06
C ASP A 36 -6.39 -6.48 2.76
N ILE A 37 -5.86 -5.25 2.66
CA ILE A 37 -6.04 -4.51 1.44
C ILE A 37 -5.17 -5.13 0.35
N PHE A 38 -4.11 -5.82 0.76
CA PHE A 38 -3.27 -6.47 -0.21
C PHE A 38 -4.07 -7.60 -0.84
N GLU A 39 -4.85 -8.28 -0.02
CA GLU A 39 -5.66 -9.38 -0.53
C GLU A 39 -6.92 -8.84 -1.19
N ARG A 40 -7.61 -7.92 -0.51
CA ARG A 40 -8.83 -7.35 -1.08
C ARG A 40 -8.62 -7.04 -2.57
N ILE A 41 -7.47 -6.46 -2.89
CA ILE A 41 -7.17 -6.16 -4.29
C ILE A 41 -6.69 -7.45 -4.99
N ALA A 42 -5.45 -7.84 -4.71
CA ALA A 42 -4.88 -9.06 -5.31
C ALA A 42 -5.88 -10.20 -5.32
N THR A 43 -6.89 -10.18 -4.44
CA THR A 43 -7.87 -11.25 -4.44
C THR A 43 -8.91 -10.99 -5.49
N GLU A 44 -9.47 -9.79 -5.48
CA GLU A 44 -10.45 -9.47 -6.48
C GLU A 44 -9.80 -9.51 -7.86
N ALA A 45 -8.55 -9.08 -7.95
CA ALA A 45 -7.87 -9.14 -9.23
C ALA A 45 -7.74 -10.60 -9.61
N SER A 46 -7.25 -11.38 -8.67
CA SER A 46 -7.12 -12.80 -8.91
C SER A 46 -8.51 -13.42 -9.08
N LYS A 47 -9.56 -12.65 -8.73
CA LYS A 47 -10.92 -13.16 -8.86
C LYS A 47 -11.47 -12.89 -10.26
N LEU A 48 -11.63 -11.62 -10.63
CA LEU A 48 -12.13 -11.32 -11.96
C LEU A 48 -11.21 -11.94 -12.99
N ALA A 49 -10.07 -12.43 -12.51
CA ALA A 49 -9.09 -13.08 -13.39
C ALA A 49 -9.35 -14.58 -13.40
N ALA A 50 -9.77 -15.13 -12.26
CA ALA A 50 -10.05 -16.56 -12.21
C ALA A 50 -11.31 -16.81 -13.03
N TYR A 51 -12.10 -15.76 -13.18
CA TYR A 51 -13.32 -15.83 -13.97
C TYR A 51 -13.03 -15.42 -15.41
N ASN A 52 -12.21 -14.38 -15.59
CA ASN A 52 -11.88 -13.93 -16.93
C ASN A 52 -10.80 -14.82 -17.55
N LYS A 53 -10.23 -15.71 -16.73
CA LYS A 53 -9.17 -16.58 -17.21
C LYS A 53 -8.00 -15.73 -17.64
N LYS A 54 -8.10 -14.43 -17.43
CA LYS A 54 -7.02 -13.56 -17.82
C LYS A 54 -5.70 -14.15 -17.32
N SER A 55 -5.76 -14.84 -16.17
CA SER A 55 -4.57 -15.47 -15.59
C SER A 55 -3.44 -14.47 -15.44
N THR A 56 -2.94 -13.98 -16.57
CA THR A 56 -1.87 -13.00 -16.52
C THR A 56 -2.33 -11.80 -15.69
N ILE A 57 -2.04 -11.81 -14.39
CA ILE A 57 -2.48 -10.70 -13.55
C ILE A 57 -1.69 -9.44 -13.93
N SER A 58 -2.23 -8.67 -14.87
CA SER A 58 -1.56 -7.44 -15.32
C SER A 58 -2.12 -6.21 -14.60
N ALA A 59 -1.46 -5.07 -14.81
CA ALA A 59 -1.90 -3.83 -14.18
C ALA A 59 -3.40 -3.60 -14.43
N ARG A 60 -3.99 -4.36 -15.34
CA ARG A 60 -5.40 -4.18 -15.67
C ARG A 60 -6.32 -4.86 -14.63
N GLU A 61 -5.91 -6.03 -14.13
CA GLU A 61 -6.74 -6.72 -13.17
C GLU A 61 -6.75 -5.96 -11.84
N ILE A 62 -5.56 -5.65 -11.37
CA ILE A 62 -5.43 -4.90 -10.12
C ILE A 62 -6.01 -3.49 -10.27
N GLN A 63 -5.91 -2.92 -11.47
CA GLN A 63 -6.47 -1.58 -11.66
C GLN A 63 -7.97 -1.61 -11.38
N THR A 64 -8.70 -2.46 -12.09
CA THR A 64 -10.14 -2.54 -11.85
C THR A 64 -10.41 -2.71 -10.35
N ALA A 65 -9.91 -3.79 -9.76
CA ALA A 65 -10.10 -4.00 -8.33
C ALA A 65 -9.82 -2.69 -7.59
N VAL A 66 -8.59 -2.21 -7.67
CA VAL A 66 -8.26 -0.95 -7.01
C VAL A 66 -9.35 0.09 -7.31
N ARG A 67 -9.89 0.07 -8.53
CA ARG A 67 -10.93 1.03 -8.89
C ARG A 67 -12.28 0.64 -8.29
N LEU A 68 -12.47 -0.64 -8.05
CA LEU A 68 -13.73 -1.10 -7.46
C LEU A 68 -13.61 -1.19 -5.94
N ILE A 69 -12.37 -1.30 -5.48
CA ILE A 69 -12.10 -1.41 -4.05
C ILE A 69 -12.20 -0.06 -3.35
N LEU A 70 -11.29 0.81 -3.72
CA LEU A 70 -11.22 2.11 -3.08
C LEU A 70 -12.45 2.93 -3.46
N PRO A 71 -12.99 3.69 -2.53
CA PRO A 71 -14.20 4.51 -2.80
C PRO A 71 -14.20 5.13 -4.20
N GLY A 72 -13.01 5.48 -4.68
CA GLY A 72 -12.90 6.11 -6.00
C GLY A 72 -11.89 7.25 -5.96
N GLU A 73 -12.22 8.34 -5.27
CA GLU A 73 -11.29 9.46 -5.17
C GLU A 73 -9.91 8.94 -4.77
N LEU A 74 -9.86 8.18 -3.68
CA LEU A 74 -8.59 7.62 -3.27
C LEU A 74 -8.02 6.81 -4.43
N ALA A 75 -8.85 5.96 -5.03
CA ALA A 75 -8.38 5.19 -6.18
C ALA A 75 -7.64 6.10 -7.16
N LYS A 76 -8.32 7.17 -7.61
CA LYS A 76 -7.69 8.11 -8.53
C LYS A 76 -6.26 8.40 -8.09
N HIS A 77 -6.08 8.66 -6.80
CA HIS A 77 -4.73 8.92 -6.31
C HIS A 77 -3.91 7.63 -6.44
N ALA A 78 -4.56 6.50 -6.22
CA ALA A 78 -3.87 5.21 -6.33
C ALA A 78 -3.59 4.88 -7.80
N VAL A 79 -4.44 5.35 -8.71
CA VAL A 79 -4.22 5.06 -10.13
C VAL A 79 -3.07 5.90 -10.67
N SER A 80 -3.06 7.19 -10.38
CA SER A 80 -1.99 8.05 -10.87
C SER A 80 -0.63 7.62 -10.31
N GLU A 81 -0.59 7.31 -9.03
CA GLU A 81 0.68 6.90 -8.42
C GLU A 81 1.10 5.52 -8.92
N GLY A 82 0.13 4.63 -9.13
CA GLY A 82 0.45 3.28 -9.60
C GLY A 82 0.98 3.29 -11.04
N THR A 83 0.43 4.14 -11.88
CA THR A 83 0.90 4.19 -13.26
C THR A 83 2.25 4.87 -13.32
N ARG A 84 2.27 6.16 -13.01
CA ARG A 84 3.52 6.93 -13.00
C ARG A 84 4.66 6.07 -12.45
N ALA A 85 4.37 5.24 -11.46
CA ALA A 85 5.40 4.37 -10.93
C ALA A 85 5.78 3.37 -12.02
N VAL A 86 4.77 2.70 -12.57
CA VAL A 86 5.02 1.74 -13.63
C VAL A 86 5.84 2.41 -14.74
N THR A 87 5.62 3.71 -14.95
CA THR A 87 6.37 4.43 -15.96
C THR A 87 7.84 4.43 -15.62
N LYS A 88 8.23 5.24 -14.65
CA LYS A 88 9.63 5.28 -14.27
C LYS A 88 10.16 3.85 -14.11
N TYR A 89 9.47 3.07 -13.29
CA TYR A 89 9.86 1.68 -13.08
C TYR A 89 10.12 1.00 -14.41
N SER A 90 9.45 1.47 -15.47
CA SER A 90 9.64 0.88 -16.79
C SER A 90 10.29 1.87 -17.78
N SER A 91 10.57 3.10 -17.35
CA SER A 91 11.19 4.06 -18.27
C SER A 91 12.67 3.77 -18.46
N SER A 92 13.32 3.24 -17.42
CA SER A 92 14.74 2.94 -17.52
C SER A 92 14.97 1.68 -18.37
N THR A 93 15.96 0.87 -18.00
CA THR A 93 16.23 -0.35 -18.75
C THR A 93 15.30 -1.47 -18.29
N GLN A 94 14.26 -1.09 -17.58
CA GLN A 94 13.31 -2.09 -17.07
C GLN A 94 14.07 -3.20 -16.33
N ALA A 95 15.39 -3.05 -16.18
CA ALA A 95 16.19 -4.07 -15.51
C ALA A 95 17.40 -3.46 -14.82
N GLN A 96 17.32 -3.33 -13.49
CA GLN A 96 18.43 -2.77 -12.75
C GLN A 96 18.29 -3.11 -11.26
N SER A 97 17.09 -2.88 -10.71
CA SER A 97 16.89 -3.16 -9.30
C SER A 97 15.47 -2.78 -8.89
N SER A 98 14.64 -3.78 -8.63
CA SER A 98 13.27 -3.49 -8.25
C SER A 98 13.21 -2.67 -6.97
N SER A 99 14.11 -2.94 -6.03
CA SER A 99 14.08 -2.18 -4.79
C SER A 99 14.76 -0.82 -4.97
N ALA A 100 14.85 -0.36 -6.21
CA ALA A 100 15.48 0.93 -6.50
C ALA A 100 14.85 1.52 -7.76
N ARG A 101 14.38 0.64 -8.65
CA ARG A 101 13.75 1.08 -9.88
C ARG A 101 12.25 1.29 -9.63
N ALA A 102 11.65 0.38 -8.88
CA ALA A 102 10.22 0.49 -8.57
C ALA A 102 9.95 1.86 -7.93
N GLY A 103 11.02 2.57 -7.58
CA GLY A 103 10.84 3.88 -6.95
C GLY A 103 9.86 3.79 -5.79
N LEU A 104 9.75 2.60 -5.19
CA LEU A 104 8.83 2.41 -4.07
C LEU A 104 9.50 1.57 -2.99
N GLN A 105 9.76 2.17 -1.83
CA GLN A 105 10.40 1.43 -0.75
C GLN A 105 9.40 0.50 -0.06
N PHE A 106 9.14 -0.66 -0.66
CA PHE A 106 8.19 -1.60 -0.06
C PHE A 106 8.52 -3.05 -0.53
N PRO A 107 8.39 -4.04 0.33
CA PRO A 107 8.69 -5.46 -0.03
C PRO A 107 8.23 -5.84 -1.42
N VAL A 108 9.11 -5.63 -2.41
CA VAL A 108 8.77 -6.01 -3.76
C VAL A 108 9.01 -7.50 -3.95
N GLY A 109 9.96 -8.04 -3.19
CA GLY A 109 10.26 -9.47 -3.29
C GLY A 109 9.32 -10.29 -2.43
N ARG A 110 8.99 -9.79 -1.24
CA ARG A 110 8.08 -10.53 -0.36
C ARG A 110 6.67 -10.54 -0.95
N ILE A 111 6.19 -9.38 -1.37
CA ILE A 111 4.85 -9.34 -1.97
C ILE A 111 4.89 -10.17 -3.25
N LYS A 112 5.91 -9.91 -4.09
CA LYS A 112 6.02 -10.69 -5.31
C LYS A 112 5.93 -12.16 -4.93
N ARG A 113 6.30 -12.44 -3.68
CA ARG A 113 6.22 -13.82 -3.20
C ARG A 113 4.77 -14.15 -2.85
N TYR A 114 4.04 -13.14 -2.39
CA TYR A 114 2.66 -13.35 -2.06
C TYR A 114 1.87 -13.55 -3.34
N LEU A 115 2.45 -13.07 -4.43
CA LEU A 115 1.82 -13.22 -5.74
C LEU A 115 2.29 -14.53 -6.40
N LYS A 116 3.42 -15.06 -5.94
CA LYS A 116 3.94 -16.29 -6.52
C LYS A 116 3.40 -17.52 -5.76
N ARG A 117 2.97 -17.31 -4.51
CA ARG A 117 2.44 -18.43 -3.70
C ARG A 117 0.93 -18.32 -3.44
N HIS A 118 0.42 -17.12 -3.14
CA HIS A 118 -1.00 -16.98 -2.86
C HIS A 118 -1.82 -16.87 -4.15
N ALA A 119 -1.23 -16.32 -5.19
CA ALA A 119 -1.97 -16.21 -6.45
C ALA A 119 -2.12 -17.59 -7.09
N THR A 120 -1.93 -18.63 -6.28
CA THR A 120 -2.04 -20.00 -6.79
C THR A 120 -0.85 -20.37 -7.67
N GLY A 121 -0.54 -19.53 -8.66
CA GLY A 121 0.59 -19.82 -9.55
C GLY A 121 0.17 -19.63 -11.01
N ARG A 122 -0.90 -20.30 -11.42
CA ARG A 122 -1.36 -20.15 -12.79
C ARG A 122 -1.48 -18.67 -13.14
N THR A 123 -1.41 -17.82 -12.12
CA THR A 123 -1.50 -16.38 -12.33
C THR A 123 -0.09 -15.81 -12.54
N ARG A 124 0.26 -15.54 -13.78
CA ARG A 124 1.57 -14.99 -14.06
C ARG A 124 1.83 -13.78 -13.15
N VAL A 125 2.98 -13.15 -13.30
CA VAL A 125 3.33 -11.98 -12.49
C VAL A 125 4.11 -10.98 -13.33
N GLY A 126 3.44 -10.40 -14.33
CA GLY A 126 4.13 -9.45 -15.20
C GLY A 126 4.61 -8.21 -14.42
N SER A 127 5.76 -7.67 -14.82
CA SER A 127 6.29 -6.47 -14.16
C SER A 127 5.18 -5.43 -14.03
N LYS A 128 4.10 -5.63 -14.78
CA LYS A 128 2.97 -4.72 -14.74
C LYS A 128 1.93 -5.17 -13.72
N ALA A 129 2.33 -5.31 -12.46
CA ALA A 129 1.38 -5.76 -11.45
C ALA A 129 1.98 -5.67 -10.03
N ALA A 130 3.02 -6.46 -9.76
CA ALA A 130 3.64 -6.44 -8.44
C ALA A 130 3.82 -4.99 -7.98
N ILE A 131 4.12 -4.10 -8.91
CA ILE A 131 4.30 -2.71 -8.55
C ILE A 131 2.96 -2.07 -8.16
N TYR A 132 1.90 -2.36 -8.91
CA TYR A 132 0.61 -1.77 -8.57
C TYR A 132 0.23 -2.14 -7.15
N LEU A 133 0.81 -3.22 -6.65
CA LEU A 133 0.49 -3.67 -5.30
C LEU A 133 1.41 -2.98 -4.28
N THR A 134 2.63 -2.66 -4.69
CA THR A 134 3.56 -1.99 -3.80
C THR A 134 3.34 -0.50 -3.92
N ALA A 135 2.72 -0.11 -5.02
CA ALA A 135 2.42 1.30 -5.24
C ALA A 135 1.17 1.67 -4.46
N VAL A 136 0.15 0.80 -4.48
CA VAL A 136 -1.08 1.13 -3.73
C VAL A 136 -0.85 0.95 -2.23
N LEU A 137 -0.01 -0.02 -1.85
CA LEU A 137 0.25 -0.23 -0.42
C LEU A 137 1.09 0.92 0.12
N GLU A 138 2.26 1.14 -0.44
CA GLU A 138 3.10 2.24 0.02
C GLU A 138 2.28 3.53 0.06
N TYR A 139 1.36 3.66 -0.87
CA TYR A 139 0.52 4.85 -0.94
C TYR A 139 -0.31 5.01 0.34
N LEU A 140 -1.18 4.04 0.61
CA LEU A 140 -2.01 4.11 1.80
C LEU A 140 -1.20 3.74 3.03
N THR A 141 -0.27 2.83 2.87
CA THR A 141 0.55 2.44 3.99
C THR A 141 1.43 3.62 4.43
N ALA A 142 2.20 4.18 3.49
CA ALA A 142 3.02 5.33 3.86
C ALA A 142 2.13 6.44 4.43
N GLU A 143 0.87 6.47 3.98
CA GLU A 143 -0.05 7.50 4.46
C GLU A 143 -0.49 7.23 5.91
N VAL A 144 -1.14 6.08 6.17
CA VAL A 144 -1.55 5.81 7.56
C VAL A 144 -0.33 5.95 8.47
N LEU A 145 0.85 6.01 7.86
CA LEU A 145 2.09 6.16 8.63
C LEU A 145 2.36 7.64 8.91
N GLU A 146 2.26 8.48 7.89
CA GLU A 146 2.50 9.89 8.10
C GLU A 146 1.54 10.42 9.20
N LEU A 147 0.28 9.99 9.16
CA LEU A 147 -0.67 10.43 10.16
C LEU A 147 -0.34 9.81 11.52
N ALA A 148 -0.43 8.49 11.61
CA ALA A 148 -0.12 7.82 12.87
C ALA A 148 1.14 8.39 13.52
N GLY A 149 2.24 8.43 12.77
CA GLY A 149 3.49 8.96 13.33
C GLY A 149 3.31 10.38 13.85
N ASN A 150 3.11 11.34 12.95
CA ASN A 150 2.96 12.73 13.36
C ASN A 150 1.66 12.95 14.14
N ALA A 151 1.01 11.86 14.56
CA ALA A 151 -0.24 11.98 15.32
C ALA A 151 -0.02 11.68 16.80
N ALA A 152 0.76 10.65 17.10
CA ALA A 152 1.01 10.28 18.49
C ALA A 152 2.31 10.93 18.99
N LYS A 153 3.38 10.83 18.19
CA LYS A 153 4.64 11.41 18.62
C LYS A 153 4.52 12.94 18.67
N ASP A 154 3.42 13.47 18.18
CA ASP A 154 3.24 14.91 18.20
C ASP A 154 2.90 15.35 19.62
N LEU A 155 2.16 14.51 20.34
CA LEU A 155 1.77 14.88 21.70
C LEU A 155 1.85 13.69 22.67
N LYS A 156 2.55 12.60 22.33
CA LYS A 156 2.61 11.44 23.24
C LYS A 156 4.03 10.89 23.37
N VAL A 157 4.55 10.23 22.33
CA VAL A 157 5.89 9.65 22.39
C VAL A 157 6.15 8.83 21.13
N LYS A 158 7.42 8.49 20.90
CA LYS A 158 7.77 7.71 19.73
C LYS A 158 6.88 6.47 19.63
N ARG A 159 6.12 6.20 20.68
CA ARG A 159 5.24 5.03 20.68
C ARG A 159 3.87 5.38 20.12
N ILE A 160 3.13 4.36 19.67
CA ILE A 160 1.80 4.57 19.11
C ILE A 160 0.82 3.54 19.70
N THR A 161 -0.48 3.72 19.44
CA THR A 161 -1.47 2.78 19.97
C THR A 161 -2.69 2.74 19.06
N PRO A 162 -3.42 1.63 18.97
CA PRO A 162 -4.64 1.55 18.12
C PRO A 162 -5.52 2.79 18.28
N ARG A 163 -5.23 3.60 19.30
CA ARG A 163 -6.01 4.81 19.52
C ARG A 163 -5.69 5.83 18.42
N HIS A 164 -4.43 6.23 18.32
CA HIS A 164 -4.06 7.18 17.29
C HIS A 164 -4.56 6.68 15.95
N LEU A 165 -4.80 5.37 15.88
CA LEU A 165 -5.34 4.81 14.66
C LEU A 165 -6.85 5.04 14.66
N GLN A 166 -7.48 4.94 15.84
CA GLN A 166 -8.91 5.21 15.93
C GLN A 166 -9.23 6.48 15.14
N LEU A 167 -8.37 7.48 15.30
CA LEU A 167 -8.60 8.73 14.57
C LEU A 167 -8.14 8.59 13.12
N ALA A 168 -6.87 8.30 12.93
CA ALA A 168 -6.33 8.15 11.58
C ALA A 168 -7.13 7.12 10.77
N ILE A 169 -7.89 6.27 11.47
CA ILE A 169 -8.69 5.25 10.76
C ILE A 169 -10.15 5.71 10.71
N ARG A 170 -10.77 5.89 11.88
CA ARG A 170 -12.16 6.33 11.86
C ARG A 170 -12.20 7.75 11.29
N GLY A 171 -11.09 8.47 11.36
CA GLY A 171 -11.08 9.81 10.80
C GLY A 171 -11.53 9.75 9.33
N ASP A 172 -10.67 9.23 8.46
CA ASP A 172 -11.05 9.12 7.06
C ASP A 172 -12.34 8.29 6.93
N ASP A 173 -13.49 8.97 6.98
CA ASP A 173 -14.77 8.27 6.88
C ASP A 173 -14.76 7.21 5.76
N GLU A 174 -14.27 7.57 4.58
CA GLU A 174 -14.27 6.60 3.49
C GLU A 174 -13.42 5.37 3.84
N LEU A 175 -12.11 5.57 3.99
CA LEU A 175 -11.26 4.45 4.34
C LEU A 175 -11.86 3.67 5.51
N ASP A 176 -12.27 4.37 6.56
CA ASP A 176 -12.88 3.69 7.70
C ASP A 176 -13.90 2.67 7.22
N SER A 177 -14.90 3.15 6.51
CA SER A 177 -15.92 2.25 6.00
C SER A 177 -15.25 1.09 5.25
N LEU A 178 -13.97 1.27 4.88
CA LEU A 178 -13.24 0.22 4.15
C LEU A 178 -12.21 -0.45 5.08
N ILE A 179 -11.78 0.25 6.14
CA ILE A 179 -10.79 -0.33 7.08
C ILE A 179 -11.46 -0.78 8.36
N ARG A 180 -12.78 -0.67 8.41
CA ARG A 180 -13.51 -1.11 9.60
C ARG A 180 -13.31 -2.61 9.85
N ALA A 181 -12.22 -3.18 9.32
CA ALA A 181 -11.97 -4.60 9.49
C ALA A 181 -11.42 -4.97 10.88
N THR A 182 -10.22 -4.47 11.22
CA THR A 182 -9.60 -4.82 12.51
C THR A 182 -9.67 -3.65 13.49
N ILE A 183 -10.67 -2.78 13.35
CA ILE A 183 -10.78 -1.67 14.29
C ILE A 183 -11.25 -2.25 15.63
N ALA A 184 -10.45 -3.17 16.17
CA ALA A 184 -10.80 -3.83 17.44
C ALA A 184 -9.87 -3.42 18.58
N SER A 185 -9.96 -2.18 19.02
CA SER A 185 -9.13 -1.72 20.11
C SER A 185 -9.34 -0.22 20.30
N GLY A 186 -8.85 0.56 19.35
CA GLY A 186 -9.03 2.01 19.44
C GLY A 186 -10.42 2.37 18.91
N GLY A 187 -10.95 1.52 18.03
CA GLY A 187 -12.29 1.76 17.45
C GLY A 187 -13.34 1.75 18.56
N VAL A 188 -13.24 2.71 19.46
CA VAL A 188 -14.17 2.79 20.58
C VAL A 188 -15.21 3.89 20.37
N LEU A 189 -15.17 4.50 19.19
CA LEU A 189 -16.13 5.57 18.89
C LEU A 189 -17.54 5.01 18.66
N PRO A 190 -17.70 3.85 18.09
CA PRO A 190 -19.06 3.27 17.84
C PRO A 190 -19.59 2.51 19.06
N HIS A 191 -20.66 1.73 18.87
CA HIS A 191 -21.22 0.98 19.97
C HIS A 191 -21.67 1.93 21.09
N ILE A 192 -22.64 1.51 21.88
CA ILE A 192 -23.12 2.35 22.97
C ILE A 192 -22.13 2.36 24.13
N THR B 1 24.23 0.08 3.08
CA THR B 1 24.16 0.34 4.54
C THR B 1 23.10 -0.57 5.17
N VAL B 2 22.53 -1.47 4.37
CA VAL B 2 21.51 -2.36 4.90
C VAL B 2 22.06 -3.20 6.06
N GLU B 3 21.25 -4.10 6.58
CA GLU B 3 21.69 -4.95 7.69
C GLU B 3 20.93 -6.28 7.66
N ASP B 4 19.70 -6.23 7.17
CA ASP B 4 18.87 -7.43 7.07
C ASP B 4 18.47 -7.66 5.62
N SER B 5 18.58 -6.60 4.81
CA SER B 5 18.23 -6.72 3.40
C SER B 5 16.73 -6.97 3.24
N GLU B 6 16.25 -8.11 3.75
CA GLU B 6 14.84 -8.44 3.64
C GLU B 6 14.48 -8.69 2.17
N SER B 7 14.82 -7.75 1.30
CA SER B 7 14.52 -7.89 -0.12
C SER B 7 15.50 -7.06 -0.94
N ASP B 8 16.66 -7.65 -1.25
CA ASP B 8 17.68 -6.94 -2.05
C ASP B 8 17.94 -7.68 -3.36
N MET B 9 17.31 -7.21 -4.44
CA MET B 9 17.49 -7.84 -5.75
C MET B 9 17.07 -9.32 -5.74
N ASP B 10 16.79 -9.86 -4.56
CA ASP B 10 16.37 -11.25 -4.49
C ASP B 10 14.97 -11.43 -5.09
N ASP B 11 14.49 -10.38 -5.77
CA ASP B 11 13.16 -10.46 -6.39
C ASP B 11 13.25 -10.78 -7.88
N ALA B 12 14.12 -10.09 -8.59
CA ALA B 12 14.27 -10.35 -10.03
C ALA B 12 14.27 -11.85 -10.32
N LYS B 13 14.59 -12.66 -9.32
CA LYS B 13 14.61 -14.10 -9.54
C LYS B 13 13.20 -14.68 -9.49
N LEU B 14 12.65 -14.83 -8.28
CA LEU B 14 11.30 -15.38 -8.17
C LEU B 14 10.32 -14.49 -8.93
N ASP B 15 10.76 -13.28 -9.30
CA ASP B 15 9.90 -12.37 -10.03
C ASP B 15 10.00 -12.63 -11.53
N ALA B 16 11.17 -13.11 -11.97
CA ALA B 16 11.37 -13.39 -13.39
C ALA B 16 11.50 -14.90 -13.62
N LEU B 17 11.08 -15.70 -12.63
CA LEU B 17 11.16 -17.13 -12.79
C LEU B 17 10.03 -17.58 -13.71
N MET B 18 9.01 -16.74 -13.81
CA MET B 18 7.87 -17.05 -14.67
C MET B 18 8.21 -16.74 -16.14
N GLY B 19 8.94 -15.65 -16.37
CA GLY B 19 9.30 -15.28 -17.74
C GLY B 19 8.15 -14.56 -18.43
N ASN B 20 7.38 -13.78 -17.67
CA ASN B 20 6.26 -13.06 -18.26
C ASN B 20 6.76 -11.76 -18.91
N GLU B 21 6.48 -10.61 -18.29
CA GLU B 21 6.94 -9.35 -18.85
C GLU B 21 6.52 -9.22 -20.32
N GLY B 22 5.69 -10.15 -20.78
CA GLY B 22 5.23 -10.11 -22.17
C GLY B 22 4.84 -8.68 -22.58
N GLU B 23 3.56 -8.34 -22.42
CA GLU B 23 3.11 -7.01 -22.79
C GLU B 23 3.58 -5.97 -21.75
N GLU B 24 4.86 -6.00 -21.42
CA GLU B 24 5.39 -5.06 -20.45
C GLU B 24 5.57 -3.69 -21.10
N GLU B 25 5.66 -3.65 -22.43
CA GLU B 25 5.82 -2.37 -23.10
C GLU B 25 4.73 -1.39 -22.64
N GLU B 26 3.48 -1.67 -23.03
CA GLU B 26 2.38 -0.82 -22.61
C GLU B 26 1.92 -1.21 -21.20
N ASP B 27 2.88 -1.63 -20.37
CA ASP B 27 2.56 -2.05 -19.01
C ASP B 27 1.42 -1.22 -18.39
N ASP B 28 1.51 0.11 -18.38
CA ASP B 28 0.42 0.89 -17.79
C ASP B 28 0.50 2.40 -18.10
N LEU B 29 1.66 2.90 -18.47
CA LEU B 29 1.79 4.33 -18.77
C LEU B 29 0.69 4.80 -19.72
N ALA B 30 -0.47 5.18 -19.18
CA ALA B 30 -1.55 5.65 -20.02
C ALA B 30 -2.75 6.09 -19.18
N GLU B 31 -3.17 5.26 -18.24
CA GLU B 31 -4.31 5.61 -17.41
C GLU B 31 -4.06 6.94 -16.68
N ILE B 32 -2.89 7.53 -16.90
CA ILE B 32 -2.58 8.81 -16.24
C ILE B 32 -3.49 9.92 -16.76
N ASP B 33 -4.80 9.71 -16.69
CA ASP B 33 -5.74 10.73 -17.16
C ASP B 33 -6.12 11.67 -16.03
N THR B 34 -5.63 11.40 -14.82
CA THR B 34 -5.93 12.25 -13.67
C THR B 34 -4.69 12.47 -12.80
N SER B 35 -3.51 12.36 -13.39
CA SER B 35 -2.29 12.56 -12.63
C SER B 35 -2.06 14.06 -12.39
N ASN B 36 -2.39 14.87 -13.38
CA ASN B 36 -2.22 16.31 -13.24
C ASN B 36 -3.33 16.89 -12.37
N ILE B 37 -4.44 16.18 -12.28
CA ILE B 37 -5.56 16.65 -11.48
C ILE B 37 -5.22 16.49 -9.99
N ILE B 38 -4.80 15.29 -9.58
CA ILE B 38 -4.46 15.04 -8.18
C ILE B 38 -3.23 14.13 -8.08
N THR B 39 -2.73 13.94 -6.85
CA THR B 39 -1.56 13.07 -6.64
C THR B 39 -1.89 11.94 -5.65
N SER B 40 -1.07 11.78 -4.62
CA SER B 40 -1.35 10.73 -3.65
C SER B 40 -0.41 10.84 -2.44
N GLY B 41 0.02 9.71 -1.92
CA GLY B 41 0.92 9.73 -0.75
C GLY B 41 2.17 10.55 -1.06
N ARG B 42 2.28 11.02 -2.30
CA ARG B 42 3.46 11.81 -2.65
C ARG B 42 3.42 13.18 -1.97
N ARG B 43 2.20 13.68 -1.70
CA ARG B 43 2.09 14.97 -1.04
C ARG B 43 2.73 14.93 0.35
N THR B 44 2.37 13.93 1.14
CA THR B 44 2.93 13.82 2.48
C THR B 44 2.76 15.13 3.25
N ARG B 45 3.24 15.16 4.49
CA ARG B 45 3.14 16.36 5.30
C ARG B 45 1.68 16.80 5.47
N GLY B 46 1.25 17.00 6.71
CA GLY B 46 -0.12 17.41 6.97
C GLY B 46 -0.51 17.13 8.42
N LYS B 47 -0.10 15.96 8.91
CA LYS B 47 -0.41 15.57 10.29
C LYS B 47 -1.85 15.91 10.67
N VAL B 48 -2.17 15.71 11.94
CA VAL B 48 -3.50 15.99 12.43
C VAL B 48 -3.44 16.15 13.96
N ILE B 49 -4.55 16.56 14.55
CA ILE B 49 -4.60 16.73 16.00
C ILE B 49 -4.96 15.41 16.66
N ASP B 50 -5.95 14.74 16.09
CA ASP B 50 -6.42 13.47 16.62
C ASP B 50 -7.24 13.71 17.89
N TYR B 51 -7.84 14.89 17.99
CA TYR B 51 -8.65 15.23 19.17
C TYR B 51 -10.15 15.16 18.81
N LYS B 52 -10.56 14.05 18.20
CA LYS B 52 -11.96 13.86 17.81
C LYS B 52 -12.42 14.94 16.82
N LYS B 53 -12.20 16.21 17.15
CA LYS B 53 -12.60 17.27 16.24
C LYS B 53 -12.15 16.94 14.82
N THR B 54 -10.95 16.39 14.70
CA THR B 54 -10.44 16.01 13.40
C THR B 54 -11.47 15.17 12.66
N ALA B 55 -11.75 13.99 13.18
CA ALA B 55 -12.74 13.12 12.54
C ALA B 55 -13.98 13.91 12.15
N GLU B 56 -14.31 14.94 12.94
CA GLU B 56 -15.49 15.74 12.62
C GLU B 56 -15.16 16.76 11.55
N GLU B 57 -14.49 17.85 11.91
CA GLU B 57 -14.14 18.85 10.93
C GLU B 57 -13.79 18.19 9.61
N LEU B 58 -13.21 16.98 9.70
CA LEU B 58 -12.83 16.22 8.54
C LEU B 58 -14.03 15.74 7.71
N ASP B 59 -14.92 14.94 8.32
CA ASP B 59 -16.06 14.39 7.57
C ASP B 59 -17.35 15.21 7.77
N LYS B 60 -17.22 16.47 8.18
CA LYS B 60 -18.38 17.31 8.42
C LYS B 60 -18.29 18.58 7.58
N LYS B 61 -17.14 19.27 7.64
CA LYS B 61 -16.99 20.50 6.85
C LYS B 61 -15.65 20.48 6.11
N GLU B 62 -14.55 20.31 6.83
CA GLU B 62 -13.24 20.24 6.20
C GLU B 62 -13.09 21.28 5.08
N ARG A 1 7.14 -16.95 11.66
CA ARG A 1 5.98 -16.77 12.58
C ARG A 1 5.66 -15.28 12.71
N LYS A 2 4.38 -14.94 12.60
CA LYS A 2 3.99 -13.53 12.72
C LYS A 2 4.94 -12.64 11.91
N GLU A 3 4.83 -11.33 12.13
CA GLU A 3 5.71 -10.40 11.43
C GLU A 3 5.56 -10.56 9.92
N THR A 4 5.91 -9.53 9.16
CA THR A 4 5.79 -9.61 7.71
C THR A 4 6.59 -8.48 7.04
N TYR A 5 5.99 -7.30 6.92
CA TYR A 5 6.71 -6.19 6.29
C TYR A 5 7.66 -5.55 7.31
N SER A 6 7.64 -6.07 8.53
CA SER A 6 8.49 -5.56 9.62
C SER A 6 9.74 -4.81 9.13
N SER A 7 10.53 -5.42 8.27
CA SER A 7 11.74 -4.74 7.81
C SER A 7 11.44 -3.57 6.86
N TYR A 8 11.19 -3.87 5.58
CA TYR A 8 10.93 -2.80 4.61
C TYR A 8 10.00 -1.73 5.20
N ILE A 9 9.08 -2.10 6.09
CA ILE A 9 8.24 -1.06 6.65
C ILE A 9 9.05 -0.28 7.66
N TYR A 10 9.91 -0.98 8.39
CA TYR A 10 10.77 -0.29 9.37
C TYR A 10 11.47 0.85 8.63
N LYS A 11 11.55 0.68 7.32
CA LYS A 11 12.19 1.69 6.49
C LYS A 11 11.16 2.74 6.12
N VAL A 12 9.90 2.31 5.99
CA VAL A 12 8.85 3.27 5.69
C VAL A 12 8.41 3.92 6.99
N LEU A 13 8.92 3.35 8.08
CA LEU A 13 8.62 3.84 9.41
C LEU A 13 9.57 4.96 9.78
N LYS A 14 10.84 4.80 9.40
CA LYS A 14 11.83 5.84 9.69
C LYS A 14 11.77 6.91 8.61
N GLN A 15 11.44 6.49 7.39
CA GLN A 15 11.36 7.43 6.29
C GLN A 15 10.11 8.31 6.41
N THR A 16 8.92 7.71 6.49
CA THR A 16 7.71 8.51 6.66
C THR A 16 7.89 9.46 7.83
N HIS A 17 8.60 9.00 8.86
CA HIS A 17 8.84 9.82 10.03
C HIS A 17 9.99 9.22 10.85
N PRO A 18 10.85 10.02 11.43
CA PRO A 18 12.00 9.49 12.23
C PRO A 18 11.59 9.04 13.62
N ASP A 19 10.41 9.47 14.08
CA ASP A 19 9.93 9.10 15.42
C ASP A 19 8.64 8.30 15.30
N THR A 20 8.77 7.06 14.83
CA THR A 20 7.62 6.19 14.68
C THR A 20 8.02 4.76 15.05
N GLY A 21 7.90 4.42 16.33
CA GLY A 21 8.24 3.08 16.78
C GLY A 21 7.05 2.16 16.60
N ILE A 22 6.00 2.71 16.02
CA ILE A 22 4.76 1.97 15.75
C ILE A 22 4.47 0.83 16.76
N SER A 23 3.38 0.99 17.50
CA SER A 23 3.01 -0.05 18.47
C SER A 23 2.95 -1.43 17.81
N GLN A 24 2.96 -2.47 18.63
CA GLN A 24 2.90 -3.81 18.08
C GLN A 24 1.64 -3.97 17.23
N LYS A 25 0.48 -3.92 17.87
CA LYS A 25 -0.76 -4.05 17.11
C LYS A 25 -0.81 -3.00 16.02
N SER A 26 -0.27 -1.82 16.28
CA SER A 26 -0.27 -0.81 15.23
C SER A 26 0.41 -1.41 14.02
N MET A 27 1.34 -2.29 14.30
CA MET A 27 2.05 -3.00 13.24
C MET A 27 1.17 -4.15 12.74
N SER A 28 0.17 -4.54 13.54
CA SER A 28 -0.73 -5.63 13.13
C SER A 28 -1.92 -5.07 12.37
N ILE A 29 -2.40 -3.91 12.80
CA ILE A 29 -3.53 -3.29 12.13
C ILE A 29 -3.10 -2.84 10.76
N LEU A 30 -1.96 -2.17 10.70
CA LEU A 30 -1.48 -1.76 9.40
C LEU A 30 -1.20 -3.04 8.60
N ASN A 31 -0.33 -3.92 9.13
CA ASN A 31 -0.03 -5.15 8.42
C ASN A 31 -1.33 -5.88 8.07
N SER A 32 -2.30 -5.86 8.97
CA SER A 32 -3.56 -6.52 8.67
C SER A 32 -4.27 -5.79 7.53
N PHE A 33 -4.16 -4.46 7.54
CA PHE A 33 -4.77 -3.70 6.47
C PHE A 33 -3.97 -3.97 5.21
N VAL A 34 -2.73 -3.54 5.24
CA VAL A 34 -1.79 -3.76 4.15
C VAL A 34 -1.98 -5.19 3.64
N ASN A 35 -2.25 -6.11 4.56
CA ASN A 35 -2.43 -7.49 4.16
C ASN A 35 -3.84 -7.70 3.62
N ASP A 36 -4.80 -7.01 4.23
CA ASP A 36 -6.18 -7.13 3.78
C ASP A 36 -6.39 -6.35 2.50
N ILE A 37 -5.85 -5.13 2.40
CA ILE A 37 -6.02 -4.38 1.19
C ILE A 37 -5.22 -5.07 0.08
N PHE A 38 -4.20 -5.82 0.48
CA PHE A 38 -3.43 -6.55 -0.52
C PHE A 38 -4.35 -7.60 -1.13
N GLU A 39 -5.16 -8.22 -0.29
CA GLU A 39 -6.08 -9.24 -0.77
C GLU A 39 -7.27 -8.60 -1.46
N ARG A 40 -7.93 -7.65 -0.80
CA ARG A 40 -9.09 -7.00 -1.39
C ARG A 40 -8.83 -6.69 -2.87
N ILE A 41 -7.67 -6.13 -3.16
CA ILE A 41 -7.33 -5.81 -4.54
C ILE A 41 -6.99 -7.11 -5.30
N ALA A 42 -5.82 -7.65 -5.03
CA ALA A 42 -5.38 -8.88 -5.68
C ALA A 42 -6.48 -9.95 -5.69
N THR A 43 -7.46 -9.83 -4.81
CA THR A 43 -8.53 -10.81 -4.78
C THR A 43 -9.52 -10.48 -5.89
N GLU A 44 -10.02 -9.26 -5.88
CA GLU A 44 -10.94 -8.86 -6.92
C GLU A 44 -10.23 -8.96 -8.27
N ALA A 45 -8.96 -8.58 -8.31
CA ALA A 45 -8.22 -8.70 -9.56
C ALA A 45 -8.20 -10.16 -9.95
N SER A 46 -7.84 -10.99 -8.97
CA SER A 46 -7.82 -12.42 -9.19
C SER A 46 -9.25 -12.91 -9.42
N LYS A 47 -10.24 -12.13 -8.97
CA LYS A 47 -11.62 -12.54 -9.17
C LYS A 47 -12.09 -12.23 -10.58
N LEU A 48 -12.08 -10.96 -10.97
CA LEU A 48 -12.50 -10.62 -12.31
C LEU A 48 -11.64 -11.38 -13.32
N ALA A 49 -10.54 -11.95 -12.82
CA ALA A 49 -9.64 -12.73 -13.68
C ALA A 49 -10.11 -14.18 -13.71
N ALA A 50 -10.70 -14.64 -12.62
CA ALA A 50 -11.21 -16.01 -12.61
C ALA A 50 -12.40 -16.08 -13.54
N TYR A 51 -13.02 -14.90 -13.73
CA TYR A 51 -14.17 -14.80 -14.61
C TYR A 51 -13.72 -14.29 -15.99
N ASN A 52 -12.87 -13.26 -16.00
CA ASN A 52 -12.39 -12.73 -17.28
C ASN A 52 -11.30 -13.64 -17.84
N LYS A 53 -10.85 -14.60 -17.03
CA LYS A 53 -9.80 -15.53 -17.47
C LYS A 53 -8.50 -14.78 -17.66
N LYS A 54 -8.48 -13.52 -17.27
CA LYS A 54 -7.26 -12.75 -17.42
C LYS A 54 -6.19 -13.26 -16.46
N SER A 55 -5.87 -14.56 -16.56
CA SER A 55 -4.85 -15.13 -15.69
C SER A 55 -3.65 -14.20 -15.60
N THR A 56 -3.25 -13.64 -16.73
CA THR A 56 -2.12 -12.72 -16.71
C THR A 56 -2.50 -11.47 -15.91
N ILE A 57 -2.44 -11.58 -14.59
CA ILE A 57 -2.81 -10.45 -13.75
C ILE A 57 -1.90 -9.25 -14.05
N SER A 58 -2.32 -8.41 -14.99
CA SER A 58 -1.52 -7.24 -15.36
C SER A 58 -2.00 -5.97 -14.64
N ALA A 59 -1.27 -4.88 -14.82
CA ALA A 59 -1.64 -3.61 -14.18
C ALA A 59 -3.12 -3.29 -14.44
N ARG A 60 -3.63 -3.72 -15.58
CA ARG A 60 -5.02 -3.44 -15.93
C ARG A 60 -6.01 -4.18 -15.01
N GLU A 61 -5.62 -5.37 -14.55
CA GLU A 61 -6.52 -6.13 -13.68
C GLU A 61 -6.60 -5.48 -12.31
N ILE A 62 -5.44 -5.26 -11.71
CA ILE A 62 -5.41 -4.63 -10.40
C ILE A 62 -5.98 -3.21 -10.51
N GLN A 63 -5.73 -2.53 -11.63
CA GLN A 63 -6.27 -1.18 -11.78
C GLN A 63 -7.79 -1.23 -11.58
N THR A 64 -8.48 -2.04 -12.37
CA THR A 64 -9.93 -2.13 -12.22
C THR A 64 -10.27 -2.34 -10.74
N ALA A 65 -9.79 -3.44 -10.17
CA ALA A 65 -10.05 -3.68 -8.75
C ALA A 65 -9.72 -2.41 -7.96
N VAL A 66 -8.47 -1.97 -8.02
CA VAL A 66 -8.10 -0.73 -7.33
C VAL A 66 -9.15 0.36 -7.63
N ARG A 67 -9.69 0.36 -8.84
CA ARG A 67 -10.69 1.37 -9.20
C ARG A 67 -12.05 1.02 -8.60
N LEU A 68 -12.28 -0.27 -8.36
CA LEU A 68 -13.57 -0.69 -7.79
C LEU A 68 -13.45 -0.83 -6.28
N ILE A 69 -12.23 -1.05 -5.84
CA ILE A 69 -11.96 -1.23 -4.41
C ILE A 69 -11.92 0.11 -3.68
N LEU A 70 -11.02 0.95 -4.14
CA LEU A 70 -10.81 2.23 -3.50
C LEU A 70 -11.98 3.19 -3.83
N PRO A 71 -12.57 3.83 -2.84
CA PRO A 71 -13.69 4.76 -3.07
C PRO A 71 -13.56 5.57 -4.36
N GLY A 72 -12.33 5.86 -4.77
CA GLY A 72 -12.12 6.63 -6.01
C GLY A 72 -11.01 7.67 -5.81
N GLU A 73 -11.28 8.70 -4.99
CA GLU A 73 -10.25 9.72 -4.76
C GLU A 73 -8.91 9.05 -4.49
N LEU A 74 -8.88 8.13 -3.53
CA LEU A 74 -7.65 7.45 -3.25
C LEU A 74 -7.15 6.79 -4.54
N ALA A 75 -8.05 6.09 -5.24
CA ALA A 75 -7.66 5.46 -6.50
C ALA A 75 -6.89 6.47 -7.37
N LYS A 76 -7.48 7.64 -7.61
CA LYS A 76 -6.81 8.65 -8.41
C LYS A 76 -5.35 8.79 -7.97
N HIS A 77 -5.12 8.81 -6.66
CA HIS A 77 -3.76 8.89 -6.16
C HIS A 77 -3.02 7.57 -6.43
N ALA A 78 -3.75 6.46 -6.32
CA ALA A 78 -3.13 5.15 -6.54
C ALA A 78 -2.95 4.86 -8.04
N VAL A 79 -3.79 5.45 -8.88
CA VAL A 79 -3.67 5.21 -10.32
C VAL A 79 -2.52 6.03 -10.91
N SER A 80 -2.34 7.25 -10.42
CA SER A 80 -1.26 8.09 -10.93
C SER A 80 0.10 7.56 -10.44
N GLU A 81 0.18 7.26 -9.15
CA GLU A 81 1.43 6.75 -8.59
C GLU A 81 1.73 5.35 -9.12
N GLY A 82 0.68 4.56 -9.35
CA GLY A 82 0.88 3.21 -9.84
C GLY A 82 1.42 3.19 -11.28
N THR A 83 0.89 4.04 -12.15
CA THR A 83 1.37 4.06 -13.52
C THR A 83 2.75 4.70 -13.58
N ARG A 84 2.79 6.01 -13.31
CA ARG A 84 4.06 6.75 -13.32
C ARG A 84 5.17 5.88 -12.73
N ALA A 85 4.84 5.08 -11.72
CA ALA A 85 5.86 4.20 -11.16
C ALA A 85 6.24 3.16 -12.20
N VAL A 86 5.23 2.51 -12.78
CA VAL A 86 5.50 1.52 -13.81
C VAL A 86 6.40 2.14 -14.89
N THR A 87 6.16 3.42 -15.19
CA THR A 87 6.98 4.09 -16.19
C THR A 87 8.43 4.10 -15.76
N LYS A 88 8.78 4.95 -14.81
CA LYS A 88 10.17 4.99 -14.36
C LYS A 88 10.68 3.56 -14.14
N TYR A 89 9.93 2.80 -13.39
CA TYR A 89 10.28 1.41 -13.11
C TYR A 89 10.83 0.71 -14.34
N SER A 90 10.07 0.70 -15.44
CA SER A 90 10.53 0.03 -16.64
C SER A 90 11.11 1.01 -17.67
N SER A 91 10.92 2.32 -17.46
CA SER A 91 11.44 3.30 -18.40
C SER A 91 12.90 3.64 -18.08
N SER A 92 13.39 3.15 -16.93
CA SER A 92 14.76 3.43 -16.54
C SER A 92 15.72 2.61 -17.41
N THR A 93 16.82 2.15 -16.81
CA THR A 93 17.80 1.36 -17.55
C THR A 93 17.38 -0.11 -17.59
N GLN A 94 16.13 -0.38 -17.22
CA GLN A 94 15.67 -1.75 -17.20
C GLN A 94 16.58 -2.61 -16.31
N ALA A 95 17.58 -1.96 -15.70
CA ALA A 95 18.51 -2.68 -14.83
C ALA A 95 18.89 -1.82 -13.63
N GLN A 96 18.23 -2.06 -12.48
CA GLN A 96 18.53 -1.28 -11.29
C GLN A 96 17.80 -1.89 -10.09
N SER A 97 17.77 -3.22 -10.02
CA SER A 97 17.11 -3.89 -8.89
C SER A 97 15.65 -3.46 -8.76
N SER A 98 14.77 -4.42 -8.57
CA SER A 98 13.37 -4.09 -8.43
C SER A 98 13.12 -3.30 -7.15
N SER A 99 13.95 -3.55 -6.14
CA SER A 99 13.78 -2.82 -4.89
C SER A 99 14.41 -1.43 -4.96
N ALA A 100 14.77 -1.02 -6.18
CA ALA A 100 15.36 0.31 -6.38
C ALA A 100 14.86 0.88 -7.70
N ARG A 101 14.56 -0.02 -8.64
CA ARG A 101 14.05 0.42 -9.93
C ARG A 101 12.56 0.75 -9.77
N ALA A 102 11.84 -0.09 -9.05
CA ALA A 102 10.41 0.16 -8.83
C ALA A 102 10.22 1.60 -8.35
N GLY A 103 11.29 2.18 -7.80
CA GLY A 103 11.20 3.56 -7.33
C GLY A 103 10.48 3.64 -5.99
N LEU A 104 10.40 2.50 -5.29
CA LEU A 104 9.73 2.45 -3.99
C LEU A 104 10.60 1.71 -2.97
N GLN A 105 9.99 1.26 -1.88
CA GLN A 105 10.74 0.54 -0.86
C GLN A 105 9.82 -0.45 -0.13
N PHE A 106 9.27 -1.42 -0.86
CA PHE A 106 8.40 -2.42 -0.25
C PHE A 106 8.78 -3.81 -0.78
N PRO A 107 8.46 -4.88 -0.08
CA PRO A 107 8.82 -6.26 -0.54
C PRO A 107 8.30 -6.57 -1.93
N VAL A 108 9.18 -6.44 -2.92
CA VAL A 108 8.78 -6.73 -4.28
C VAL A 108 8.77 -8.25 -4.52
N GLY A 109 9.72 -8.95 -3.90
CA GLY A 109 9.80 -10.40 -4.09
C GLY A 109 8.89 -11.13 -3.09
N ARG A 110 8.81 -10.61 -1.86
CA ARG A 110 7.97 -11.26 -0.86
C ARG A 110 6.49 -11.11 -1.23
N ILE A 111 6.09 -9.93 -1.71
CA ILE A 111 4.69 -9.76 -2.10
C ILE A 111 4.47 -10.47 -3.42
N LYS A 112 5.38 -10.25 -4.37
CA LYS A 112 5.24 -10.94 -5.65
C LYS A 112 5.10 -12.42 -5.34
N ARG A 113 5.58 -12.80 -4.15
CA ARG A 113 5.46 -14.20 -3.74
C ARG A 113 4.03 -14.44 -3.29
N TYR A 114 3.42 -13.43 -2.67
CA TYR A 114 2.06 -13.57 -2.23
C TYR A 114 1.17 -13.64 -3.45
N LEU A 115 1.59 -12.99 -4.52
CA LEU A 115 0.84 -13.02 -5.76
C LEU A 115 1.04 -14.38 -6.43
N LYS A 116 2.26 -14.89 -6.39
CA LYS A 116 2.53 -16.18 -7.02
C LYS A 116 1.65 -17.26 -6.37
N ARG A 117 1.41 -17.14 -5.07
CA ARG A 117 0.60 -18.14 -4.35
C ARG A 117 -0.86 -17.67 -4.17
N HIS A 118 -1.10 -16.35 -4.22
CA HIS A 118 -2.48 -15.84 -4.04
C HIS A 118 -3.11 -15.45 -5.39
N ALA A 119 -2.36 -14.75 -6.24
CA ALA A 119 -2.93 -14.34 -7.54
C ALA A 119 -3.67 -15.52 -8.18
N THR A 120 -3.36 -16.73 -7.72
CA THR A 120 -3.99 -17.92 -8.25
C THR A 120 -3.28 -19.15 -7.69
N GLY A 121 -1.99 -19.26 -7.99
CA GLY A 121 -1.20 -20.40 -7.51
C GLY A 121 -0.11 -20.76 -8.52
N ARG A 122 -0.38 -20.50 -9.78
CA ARG A 122 0.58 -20.79 -10.83
C ARG A 122 0.38 -19.84 -12.01
N THR A 123 0.01 -18.59 -11.70
CA THR A 123 -0.22 -17.61 -12.74
C THR A 123 1.13 -17.13 -13.30
N ARG A 124 1.13 -15.97 -13.94
CA ARG A 124 2.36 -15.41 -14.50
C ARG A 124 2.88 -14.27 -13.62
N VAL A 125 2.01 -13.32 -13.34
CA VAL A 125 2.39 -12.18 -12.49
C VAL A 125 3.42 -11.29 -13.19
N GLY A 126 3.05 -10.68 -14.30
CA GLY A 126 3.99 -9.80 -15.00
C GLY A 126 4.34 -8.58 -14.14
N SER A 127 5.54 -8.04 -14.32
CA SER A 127 5.95 -6.85 -13.57
C SER A 127 4.83 -5.81 -13.58
N LYS A 128 3.86 -5.99 -14.47
CA LYS A 128 2.74 -5.06 -14.59
C LYS A 128 1.79 -5.18 -13.40
N ALA A 129 2.21 -5.84 -12.31
CA ALA A 129 1.32 -6.01 -11.15
C ALA A 129 2.07 -5.80 -9.83
N ALA A 130 3.12 -6.59 -9.60
CA ALA A 130 3.88 -6.48 -8.36
C ALA A 130 4.06 -5.02 -7.94
N ILE A 131 4.48 -4.18 -8.88
CA ILE A 131 4.66 -2.78 -8.56
C ILE A 131 3.34 -2.13 -8.16
N TYR A 132 2.25 -2.43 -8.88
CA TYR A 132 0.98 -1.82 -8.53
C TYR A 132 0.64 -2.16 -7.07
N LEU A 133 1.27 -3.19 -6.53
CA LEU A 133 1.01 -3.58 -5.14
C LEU A 133 1.92 -2.81 -4.18
N THR A 134 3.11 -2.49 -4.62
CA THR A 134 4.03 -1.75 -3.76
C THR A 134 3.75 -0.27 -3.90
N ALA A 135 3.11 0.09 -5.01
CA ALA A 135 2.76 1.49 -5.24
C ALA A 135 1.48 1.82 -4.49
N VAL A 136 0.47 0.96 -4.57
CA VAL A 136 -0.77 1.27 -3.85
C VAL A 136 -0.61 1.07 -2.34
N LEU A 137 0.24 0.13 -1.94
CA LEU A 137 0.43 -0.09 -0.51
C LEU A 137 1.27 1.05 0.09
N GLU A 138 2.44 1.31 -0.49
CA GLU A 138 3.28 2.39 0.04
C GLU A 138 2.52 3.72 0.00
N TYR A 139 1.53 3.81 -0.88
CA TYR A 139 0.74 5.04 -0.99
C TYR A 139 -0.19 5.16 0.21
N LEU A 140 -1.04 4.16 0.42
CA LEU A 140 -1.97 4.22 1.54
C LEU A 140 -1.27 3.81 2.82
N THR A 141 -0.42 2.80 2.76
CA THR A 141 0.29 2.38 3.96
C THR A 141 1.05 3.59 4.52
N ALA A 142 1.82 4.26 3.67
CA ALA A 142 2.55 5.42 4.15
C ALA A 142 1.55 6.44 4.69
N GLU A 143 0.48 6.66 3.95
CA GLU A 143 -0.54 7.62 4.38
C GLU A 143 -1.01 7.28 5.81
N VAL A 144 -1.24 6.00 6.10
CA VAL A 144 -1.70 5.65 7.44
C VAL A 144 -0.68 6.12 8.48
N LEU A 145 0.61 5.99 8.18
CA LEU A 145 1.63 6.41 9.16
C LEU A 145 1.78 7.94 9.17
N GLU A 146 1.66 8.58 8.02
CA GLU A 146 1.79 10.04 8.01
C GLU A 146 0.79 10.63 9.00
N LEU A 147 -0.47 10.32 8.77
CA LEU A 147 -1.51 10.83 9.66
C LEU A 147 -1.22 10.42 11.10
N ALA A 148 -1.21 9.11 11.37
CA ALA A 148 -0.96 8.64 12.73
C ALA A 148 0.45 9.00 13.20
N GLY A 149 1.48 8.46 12.55
CA GLY A 149 2.85 8.75 12.97
C GLY A 149 3.05 10.23 13.33
N ASN A 150 2.73 11.12 12.40
CA ASN A 150 2.91 12.55 12.66
C ASN A 150 1.93 13.06 13.72
N ALA A 151 0.87 12.30 14.00
CA ALA A 151 -0.12 12.75 14.99
C ALA A 151 0.21 12.17 16.37
N ALA A 152 0.66 10.93 16.41
CA ALA A 152 0.98 10.31 17.69
C ALA A 152 2.36 10.75 18.18
N LYS A 153 3.25 11.08 17.25
CA LYS A 153 4.60 11.50 17.66
C LYS A 153 4.65 13.00 17.94
N ASP A 154 3.77 13.76 17.29
CA ASP A 154 3.75 15.19 17.51
C ASP A 154 2.94 15.51 18.75
N LEU A 155 1.98 14.62 19.08
CA LEU A 155 1.12 14.83 20.24
C LEU A 155 1.31 13.76 21.32
N LYS A 156 2.05 12.66 21.04
CA LYS A 156 2.21 11.62 22.08
C LYS A 156 3.66 11.12 22.17
N VAL A 157 4.12 10.30 21.22
CA VAL A 157 5.51 9.81 21.29
C VAL A 157 5.79 8.97 20.05
N LYS A 158 7.03 8.49 19.94
CA LYS A 158 7.38 7.66 18.79
C LYS A 158 6.37 6.51 18.65
N ARG A 159 5.47 6.38 19.62
CA ARG A 159 4.47 5.32 19.58
C ARG A 159 3.23 5.76 18.78
N ILE A 160 2.34 4.81 18.50
CA ILE A 160 1.11 5.12 17.75
C ILE A 160 -0.10 4.52 18.48
N THR A 161 -0.04 3.22 18.77
CA THR A 161 -1.14 2.56 19.47
C THR A 161 -2.44 2.63 18.64
N PRO A 162 -3.25 1.59 18.62
CA PRO A 162 -4.53 1.60 17.85
C PRO A 162 -5.32 2.90 18.05
N ARG A 163 -4.90 3.73 19.00
CA ARG A 163 -5.62 4.98 19.25
C ARG A 163 -5.46 5.95 18.07
N HIS A 164 -4.23 6.40 17.80
CA HIS A 164 -4.04 7.33 16.70
C HIS A 164 -4.49 6.68 15.39
N LEU A 165 -4.54 5.35 15.37
CA LEU A 165 -5.00 4.68 14.17
C LEU A 165 -6.52 4.71 14.17
N GLN A 166 -7.09 4.87 15.37
CA GLN A 166 -8.54 4.94 15.46
C GLN A 166 -9.01 6.21 14.75
N LEU A 167 -8.33 7.32 14.99
CA LEU A 167 -8.72 8.56 14.32
C LEU A 167 -8.33 8.51 12.85
N ALA A 168 -7.22 7.85 12.57
CA ALA A 168 -6.75 7.76 11.18
C ALA A 168 -7.53 6.73 10.39
N ILE A 169 -8.27 5.86 11.09
CA ILE A 169 -9.05 4.82 10.40
C ILE A 169 -10.53 5.16 10.41
N ARG A 170 -11.17 5.19 11.57
CA ARG A 170 -12.59 5.52 11.59
C ARG A 170 -12.78 7.02 11.40
N GLY A 171 -11.73 7.82 11.56
CA GLY A 171 -11.92 9.24 11.35
C GLY A 171 -12.24 9.48 9.87
N ASP A 172 -11.35 9.04 8.97
CA ASP A 172 -11.64 9.21 7.56
C ASP A 172 -12.83 8.35 7.16
N ASP A 173 -13.92 8.98 6.70
CA ASP A 173 -15.11 8.22 6.32
C ASP A 173 -14.85 7.28 5.15
N GLU A 174 -14.24 7.80 4.08
CA GLU A 174 -13.98 6.95 2.91
C GLU A 174 -13.13 5.75 3.31
N LEU A 175 -11.90 6.00 3.78
CA LEU A 175 -11.04 4.90 4.18
C LEU A 175 -11.81 3.93 5.07
N ASP A 176 -12.43 4.43 6.13
CA ASP A 176 -13.21 3.56 7.00
C ASP A 176 -14.23 2.80 6.16
N SER A 177 -14.73 3.45 5.13
CA SER A 177 -15.69 2.78 4.28
C SER A 177 -14.99 1.64 3.56
N LEU A 178 -13.65 1.60 3.65
CA LEU A 178 -12.87 0.54 2.99
C LEU A 178 -11.90 -0.17 3.95
N ILE A 179 -11.54 0.46 5.07
CA ILE A 179 -10.61 -0.20 6.01
C ILE A 179 -11.36 -1.17 6.91
N ARG A 180 -12.27 -0.64 7.76
CA ARG A 180 -13.08 -1.47 8.69
C ARG A 180 -12.35 -2.79 8.99
N ALA A 181 -11.05 -2.69 9.13
CA ALA A 181 -10.24 -3.87 9.37
C ALA A 181 -10.49 -4.47 10.77
N THR A 182 -9.81 -3.93 11.80
CA THR A 182 -9.97 -4.45 13.15
C THR A 182 -9.75 -3.35 14.18
N ILE A 183 -10.41 -2.22 14.01
CA ILE A 183 -10.26 -1.13 14.97
C ILE A 183 -10.90 -1.55 16.31
N ALA A 184 -10.49 -2.71 16.81
CA ALA A 184 -11.02 -3.23 18.07
C ALA A 184 -10.07 -2.95 19.23
N SER A 185 -9.91 -1.68 19.58
CA SER A 185 -9.02 -1.33 20.66
C SER A 185 -9.12 0.17 20.94
N GLY A 186 -8.67 0.98 19.98
CA GLY A 186 -8.74 2.43 20.16
C GLY A 186 -10.16 2.90 19.91
N GLY A 187 -10.99 2.00 19.37
CA GLY A 187 -12.40 2.29 19.05
C GLY A 187 -13.16 2.74 20.29
N VAL A 188 -12.56 3.67 20.99
CA VAL A 188 -13.14 4.21 22.20
C VAL A 188 -13.80 5.58 21.93
N LEU A 189 -13.66 6.07 20.70
CA LEU A 189 -14.24 7.36 20.36
C LEU A 189 -15.74 7.27 20.01
N PRO A 190 -16.20 6.19 19.40
CA PRO A 190 -17.64 6.06 19.05
C PRO A 190 -18.48 5.53 20.22
N HIS A 191 -17.82 5.16 21.31
CA HIS A 191 -18.55 4.65 22.46
C HIS A 191 -19.37 5.77 23.10
N ILE A 192 -18.87 7.00 23.01
CA ILE A 192 -19.58 8.14 23.59
C ILE A 192 -20.30 8.94 22.51
N THR B 1 21.86 3.59 6.97
CA THR B 1 20.91 2.96 6.01
C THR B 1 21.16 1.45 5.98
N VAL B 2 20.55 0.76 5.03
CA VAL B 2 20.74 -0.68 4.93
C VAL B 2 22.21 -1.02 4.67
N GLU B 3 22.49 -2.28 4.39
CA GLU B 3 23.86 -2.70 4.14
C GLU B 3 23.88 -4.05 3.43
N ASP B 4 22.72 -4.45 2.92
CA ASP B 4 22.60 -5.73 2.23
C ASP B 4 21.18 -5.85 1.69
N SER B 5 20.30 -5.04 2.25
CA SER B 5 18.91 -5.03 1.83
C SER B 5 18.27 -6.40 1.99
N GLU B 6 17.02 -6.38 2.41
CA GLU B 6 16.29 -7.62 2.60
C GLU B 6 15.94 -8.26 1.25
N SER B 7 15.27 -7.52 0.38
CA SER B 7 14.90 -8.07 -0.92
C SER B 7 16.11 -8.75 -1.57
N ASP B 8 17.28 -8.12 -1.47
CA ASP B 8 18.47 -8.71 -2.06
C ASP B 8 18.23 -9.05 -3.53
N MET B 9 17.09 -8.65 -4.07
CA MET B 9 16.79 -8.95 -5.47
C MET B 9 16.60 -10.45 -5.69
N ASP B 10 17.45 -11.25 -5.05
CA ASP B 10 17.35 -12.71 -5.21
C ASP B 10 16.04 -13.23 -4.61
N ASP B 11 14.92 -12.65 -5.01
CA ASP B 11 13.61 -13.08 -4.50
C ASP B 11 12.56 -13.12 -5.62
N ALA B 12 12.39 -12.00 -6.31
CA ALA B 12 11.40 -11.95 -7.39
C ALA B 12 11.76 -12.91 -8.53
N LYS B 13 13.03 -13.28 -8.67
CA LYS B 13 13.41 -14.18 -9.76
C LYS B 13 13.30 -15.64 -9.32
N LEU B 14 13.77 -15.91 -8.11
CA LEU B 14 13.73 -17.29 -7.60
C LEU B 14 12.27 -17.74 -7.42
N ASP B 15 11.35 -16.77 -7.25
CA ASP B 15 9.94 -17.12 -7.06
C ASP B 15 9.15 -16.97 -8.37
N ALA B 16 9.47 -15.95 -9.17
CA ALA B 16 8.74 -15.75 -10.42
C ALA B 16 9.22 -16.71 -11.49
N LEU B 17 10.35 -17.37 -11.23
CA LEU B 17 10.94 -18.29 -12.18
C LEU B 17 11.36 -17.48 -13.39
N MET B 18 11.14 -16.19 -13.27
CA MET B 18 11.50 -15.28 -14.32
C MET B 18 10.73 -15.66 -15.58
N GLY B 19 9.83 -16.63 -15.44
CA GLY B 19 9.02 -17.06 -16.57
C GLY B 19 7.67 -16.34 -16.54
N ASN B 20 7.66 -15.16 -15.92
CA ASN B 20 6.44 -14.39 -15.82
C ASN B 20 5.84 -14.11 -17.20
N GLU B 21 6.32 -13.08 -17.90
CA GLU B 21 5.77 -12.77 -19.22
C GLU B 21 6.76 -11.92 -20.01
N GLY B 22 7.15 -10.79 -19.44
CA GLY B 22 8.12 -9.92 -20.11
C GLY B 22 7.44 -8.72 -20.77
N GLU B 23 6.12 -8.74 -20.86
CA GLU B 23 5.43 -7.61 -21.48
C GLU B 23 5.43 -6.41 -20.55
N GLU B 24 6.51 -6.27 -19.78
CA GLU B 24 6.63 -5.16 -18.84
C GLU B 24 6.72 -3.82 -19.56
N GLU B 25 6.61 -3.83 -20.89
CA GLU B 25 6.68 -2.56 -21.63
C GLU B 25 5.29 -1.92 -21.69
N GLU B 26 4.33 -2.61 -22.30
CA GLU B 26 2.98 -2.05 -22.37
C GLU B 26 2.28 -2.20 -21.02
N ASP B 27 3.02 -2.55 -19.99
CA ASP B 27 2.43 -2.71 -18.67
C ASP B 27 1.45 -1.57 -18.36
N ASP B 28 1.88 -0.34 -18.60
CA ASP B 28 1.01 0.80 -18.34
C ASP B 28 1.41 1.98 -19.22
N LEU B 29 2.14 2.93 -18.65
CA LEU B 29 2.58 4.09 -19.42
C LEU B 29 1.47 4.61 -20.32
N ALA B 30 0.29 4.87 -19.74
CA ALA B 30 -0.82 5.37 -20.54
C ALA B 30 -2.01 5.73 -19.65
N GLU B 31 -2.46 4.77 -18.86
CA GLU B 31 -3.61 5.02 -17.98
C GLU B 31 -3.38 6.33 -17.21
N ILE B 32 -2.14 6.77 -17.15
CA ILE B 32 -1.84 8.01 -16.42
C ILE B 32 -2.60 9.19 -17.03
N ASP B 33 -3.62 9.67 -16.31
CA ASP B 33 -4.41 10.80 -16.79
C ASP B 33 -4.52 11.86 -15.70
N THR B 34 -3.58 11.85 -14.76
CA THR B 34 -3.60 12.82 -13.67
C THR B 34 -2.17 13.17 -13.24
N SER B 35 -1.24 13.13 -14.19
CA SER B 35 0.15 13.45 -13.87
C SER B 35 0.25 14.82 -13.21
N ASN B 36 -0.73 15.69 -13.48
CA ASN B 36 -0.73 17.04 -12.89
C ASN B 36 -2.12 17.36 -12.35
N ILE B 37 -2.73 16.40 -11.66
CA ILE B 37 -4.06 16.62 -11.08
C ILE B 37 -4.19 15.88 -9.75
N ILE B 38 -3.35 14.86 -9.54
CA ILE B 38 -3.39 14.10 -8.29
C ILE B 38 -1.97 13.69 -7.86
N THR B 39 -1.65 13.86 -6.59
CA THR B 39 -0.31 13.49 -6.10
C THR B 39 -0.27 12.04 -5.63
N SER B 40 -0.05 11.84 -4.32
CA SER B 40 0.02 10.48 -3.79
C SER B 40 -0.26 10.48 -2.29
N GLY B 41 0.70 10.02 -1.49
CA GLY B 41 0.50 9.99 -0.04
C GLY B 41 0.28 11.40 0.51
N ARG B 42 0.27 12.40 -0.38
CA ARG B 42 0.06 13.77 0.06
C ARG B 42 1.07 14.14 1.15
N ARG B 43 2.10 13.32 1.30
CA ARG B 43 3.11 13.60 2.32
C ARG B 43 2.47 13.65 3.71
N THR B 44 1.81 14.75 4.03
CA THR B 44 1.16 14.87 5.33
C THR B 44 0.14 16.01 5.33
N ARG B 45 -0.75 15.98 4.35
CA ARG B 45 -1.77 17.03 4.25
C ARG B 45 -3.06 16.59 4.97
N GLY B 46 -3.16 16.92 6.25
CA GLY B 46 -4.34 16.55 7.01
C GLY B 46 -4.09 16.63 8.51
N LYS B 47 -3.04 15.97 8.99
CA LYS B 47 -2.74 15.99 10.41
C LYS B 47 -3.97 15.57 11.21
N VAL B 48 -3.85 15.60 12.54
CA VAL B 48 -4.97 15.21 13.39
C VAL B 48 -5.00 16.05 14.67
N ILE B 49 -5.74 17.16 14.63
CA ILE B 49 -5.82 18.03 15.81
C ILE B 49 -6.32 17.23 17.03
N ASP B 50 -5.48 17.12 18.06
CA ASP B 50 -5.85 16.38 19.26
C ASP B 50 -6.66 15.12 18.92
N TYR B 51 -7.86 15.02 19.49
CA TYR B 51 -8.70 13.87 19.23
C TYR B 51 -10.05 14.10 19.89
N LYS B 52 -11.00 13.30 19.51
CA LYS B 52 -12.36 13.39 20.03
C LYS B 52 -13.13 14.47 19.27
N LYS B 53 -12.73 15.73 19.43
CA LYS B 53 -13.41 16.79 18.70
C LYS B 53 -13.15 16.55 17.22
N THR B 54 -12.07 15.85 16.96
CA THR B 54 -11.72 15.52 15.60
C THR B 54 -12.74 14.52 15.07
N ALA B 55 -12.74 13.31 15.63
CA ALA B 55 -13.68 12.28 15.20
C ALA B 55 -15.07 12.88 14.95
N GLU B 56 -15.38 13.96 15.66
CA GLU B 56 -16.68 14.60 15.45
C GLU B 56 -16.71 15.30 14.09
N GLU B 57 -15.94 16.37 13.96
CA GLU B 57 -15.90 17.10 12.71
C GLU B 57 -15.23 16.26 11.60
N LEU B 58 -14.40 15.31 11.98
CA LEU B 58 -13.71 14.50 10.99
C LEU B 58 -14.64 13.42 10.42
N ASP B 59 -15.14 12.55 11.28
CA ASP B 59 -16.01 11.47 10.81
C ASP B 59 -17.38 11.97 10.37
N LYS B 60 -17.73 13.24 10.64
CA LYS B 60 -19.06 13.74 10.24
C LYS B 60 -18.99 15.14 9.61
N LYS B 61 -17.80 15.61 9.23
CA LYS B 61 -17.70 16.94 8.62
C LYS B 61 -18.57 17.93 9.40
N GLU B 62 -18.76 17.64 10.68
CA GLU B 62 -19.58 18.51 11.52
C GLU B 62 -18.79 19.75 11.97
N ARG A 1 4.90 -7.89 16.00
CA ARG A 1 6.08 -8.21 16.85
C ARG A 1 6.77 -9.47 16.34
N LYS A 2 6.13 -10.15 15.39
CA LYS A 2 6.72 -11.37 14.83
C LYS A 2 7.76 -11.01 13.76
N GLU A 3 7.27 -10.40 12.69
CA GLU A 3 8.14 -10.06 11.59
C GLU A 3 7.39 -9.18 10.60
N THR A 4 6.64 -9.84 9.72
CA THR A 4 5.88 -9.09 8.74
C THR A 4 6.79 -8.14 7.96
N TYR A 5 6.21 -7.07 7.42
CA TYR A 5 7.00 -6.11 6.66
C TYR A 5 7.64 -5.09 7.61
N SER A 6 7.85 -5.49 8.86
CA SER A 6 8.45 -4.58 9.84
C SER A 6 9.67 -3.86 9.28
N SER A 7 10.65 -4.62 8.81
CA SER A 7 11.87 -4.02 8.30
C SER A 7 11.60 -2.88 7.30
N TYR A 8 11.30 -3.21 6.04
CA TYR A 8 11.07 -2.16 5.06
C TYR A 8 10.16 -1.07 5.61
N ILE A 9 9.16 -1.43 6.40
CA ILE A 9 8.33 -0.38 6.97
C ILE A 9 9.19 0.44 7.90
N TYR A 10 9.96 -0.26 8.73
CA TYR A 10 10.85 0.43 9.67
C TYR A 10 11.62 1.51 8.92
N LYS A 11 11.77 1.31 7.62
CA LYS A 11 12.49 2.28 6.81
C LYS A 11 11.52 3.37 6.39
N VAL A 12 10.25 2.99 6.22
CA VAL A 12 9.25 3.97 5.85
C VAL A 12 8.76 4.64 7.13
N LEU A 13 9.22 4.07 8.24
CA LEU A 13 8.85 4.57 9.56
C LEU A 13 9.83 5.65 9.98
N LYS A 14 11.10 5.45 9.67
CA LYS A 14 12.11 6.45 10.02
C LYS A 14 12.10 7.54 8.94
N GLN A 15 11.88 7.13 7.71
CA GLN A 15 11.85 8.07 6.60
C GLN A 15 10.62 8.97 6.69
N THR A 16 9.43 8.38 6.77
CA THR A 16 8.22 9.20 6.88
C THR A 16 8.35 10.14 8.08
N HIS A 17 9.02 9.67 9.13
CA HIS A 17 9.23 10.48 10.32
C HIS A 17 10.35 9.87 11.16
N PRO A 18 11.23 10.65 11.73
CA PRO A 18 12.34 10.11 12.57
C PRO A 18 11.89 9.73 13.98
N ASP A 19 10.72 10.25 14.39
CA ASP A 19 10.18 9.94 15.71
C ASP A 19 8.90 9.14 15.58
N THR A 20 9.02 7.88 15.21
CA THR A 20 7.87 7.02 15.04
C THR A 20 8.25 5.58 15.39
N GLY A 21 8.16 5.24 16.68
CA GLY A 21 8.49 3.89 17.11
C GLY A 21 7.30 2.97 16.89
N ILE A 22 6.20 3.58 16.45
CA ILE A 22 4.97 2.86 16.16
C ILE A 22 4.70 1.65 17.07
N SER A 23 3.59 1.72 17.81
CA SER A 23 3.24 0.62 18.70
C SER A 23 3.24 -0.72 17.95
N GLN A 24 3.64 -1.78 18.64
CA GLN A 24 3.68 -3.09 18.01
C GLN A 24 2.35 -3.41 17.32
N LYS A 25 1.23 -3.10 17.98
CA LYS A 25 -0.06 -3.38 17.37
C LYS A 25 -0.32 -2.40 16.24
N SER A 26 0.02 -1.13 16.44
CA SER A 26 -0.19 -0.18 15.35
C SER A 26 0.60 -0.70 14.16
N MET A 27 1.60 -1.50 14.48
CA MET A 27 2.42 -2.13 13.46
C MET A 27 1.70 -3.39 12.97
N SER A 28 0.80 -3.92 13.81
CA SER A 28 0.04 -5.11 13.45
C SER A 28 -1.20 -4.71 12.68
N ILE A 29 -1.76 -3.54 13.02
CA ILE A 29 -2.94 -3.06 12.33
C ILE A 29 -2.56 -2.60 10.94
N LEU A 30 -1.50 -1.82 10.85
CA LEU A 30 -1.08 -1.39 9.53
C LEU A 30 -0.68 -2.66 8.76
N ASN A 31 0.25 -3.42 9.32
CA ASN A 31 0.68 -4.65 8.65
C ASN A 31 -0.51 -5.52 8.33
N SER A 32 -1.47 -5.58 9.24
CA SER A 32 -2.65 -6.39 8.97
C SER A 32 -3.45 -5.76 7.84
N PHE A 33 -3.51 -4.44 7.85
CA PHE A 33 -4.22 -3.74 6.79
C PHE A 33 -3.48 -3.99 5.50
N VAL A 34 -2.27 -3.49 5.46
CA VAL A 34 -1.37 -3.69 4.34
C VAL A 34 -1.50 -5.13 3.87
N ASN A 35 -1.68 -6.06 4.81
CA ASN A 35 -1.80 -7.45 4.44
C ASN A 35 -3.23 -7.76 4.01
N ASP A 36 -4.18 -7.11 4.68
CA ASP A 36 -5.58 -7.34 4.34
C ASP A 36 -5.94 -6.59 3.06
N ILE A 37 -5.49 -5.33 2.92
CA ILE A 37 -5.81 -4.62 1.71
C ILE A 37 -5.02 -5.25 0.56
N PHE A 38 -3.90 -5.86 0.88
CA PHE A 38 -3.13 -6.51 -0.15
C PHE A 38 -3.98 -7.66 -0.70
N GLU A 39 -4.69 -8.32 0.20
CA GLU A 39 -5.55 -9.41 -0.23
C GLU A 39 -6.78 -8.88 -0.96
N ARG A 40 -7.52 -7.98 -0.31
CA ARG A 40 -8.72 -7.41 -0.94
C ARG A 40 -8.51 -7.17 -2.43
N ILE A 41 -7.42 -6.52 -2.79
CA ILE A 41 -7.15 -6.27 -4.19
C ILE A 41 -6.81 -7.60 -4.88
N ALA A 42 -5.62 -8.10 -4.58
CA ALA A 42 -5.15 -9.36 -5.16
C ALA A 42 -6.21 -10.47 -5.08
N THR A 43 -7.23 -10.27 -4.25
CA THR A 43 -8.28 -11.29 -4.15
C THR A 43 -9.28 -11.07 -5.27
N GLU A 44 -9.79 -9.85 -5.34
CA GLU A 44 -10.73 -9.55 -6.40
C GLU A 44 -10.03 -9.65 -7.74
N ALA A 45 -8.78 -9.18 -7.81
CA ALA A 45 -8.05 -9.28 -9.07
C ALA A 45 -7.98 -10.75 -9.46
N SER A 46 -7.55 -11.58 -8.52
CA SER A 46 -7.48 -13.00 -8.79
C SER A 46 -8.89 -13.55 -8.96
N LYS A 47 -9.91 -12.75 -8.63
CA LYS A 47 -11.29 -13.21 -8.79
C LYS A 47 -11.79 -12.91 -10.19
N LEU A 48 -11.72 -11.65 -10.59
CA LEU A 48 -12.19 -11.28 -11.93
C LEU A 48 -11.20 -11.80 -12.97
N ALA A 49 -10.13 -12.43 -12.49
CA ALA A 49 -9.10 -12.98 -13.39
C ALA A 49 -9.17 -14.51 -13.39
N ALA A 50 -9.48 -15.12 -12.25
CA ALA A 50 -9.57 -16.57 -12.20
C ALA A 50 -10.88 -17.01 -12.84
N TYR A 51 -11.89 -16.18 -12.70
CA TYR A 51 -13.19 -16.48 -13.29
C TYR A 51 -13.17 -16.09 -14.77
N ASN A 52 -12.37 -15.09 -15.11
CA ASN A 52 -12.28 -14.65 -16.50
C ASN A 52 -11.27 -15.50 -17.26
N LYS A 53 -10.56 -16.38 -16.54
CA LYS A 53 -9.54 -17.23 -17.14
C LYS A 53 -8.31 -16.41 -17.42
N LYS A 54 -8.48 -15.09 -17.42
CA LYS A 54 -7.34 -14.24 -17.68
C LYS A 54 -6.18 -14.68 -16.80
N SER A 55 -6.44 -14.79 -15.50
CA SER A 55 -5.41 -15.23 -14.57
C SER A 55 -4.28 -14.19 -14.52
N THR A 56 -3.90 -13.67 -15.67
CA THR A 56 -2.84 -12.66 -15.68
C THR A 56 -3.15 -11.54 -14.70
N ILE A 57 -2.40 -11.47 -13.59
CA ILE A 57 -2.65 -10.41 -12.62
C ILE A 57 -2.01 -9.11 -13.13
N SER A 58 -2.44 -8.66 -14.30
CA SER A 58 -1.88 -7.45 -14.90
C SER A 58 -2.45 -6.17 -14.29
N ALA A 59 -1.74 -5.05 -14.47
CA ALA A 59 -2.19 -3.77 -13.93
C ALA A 59 -3.70 -3.59 -14.12
N ARG A 60 -4.22 -4.04 -15.26
CA ARG A 60 -5.64 -3.88 -15.54
C ARG A 60 -6.52 -4.69 -14.57
N GLU A 61 -6.03 -5.84 -14.11
CA GLU A 61 -6.82 -6.63 -13.18
C GLU A 61 -6.86 -5.96 -11.82
N ILE A 62 -5.67 -5.69 -11.30
CA ILE A 62 -5.57 -5.03 -10.00
C ILE A 62 -6.12 -3.61 -10.09
N GLN A 63 -6.11 -3.02 -11.28
CA GLN A 63 -6.64 -1.66 -11.40
C GLN A 63 -8.14 -1.67 -11.18
N THR A 64 -8.85 -2.58 -11.85
CA THR A 64 -10.29 -2.65 -11.65
C THR A 64 -10.57 -2.92 -10.17
N ALA A 65 -9.98 -3.97 -9.60
CA ALA A 65 -10.19 -4.23 -8.19
C ALA A 65 -9.93 -2.94 -7.41
N VAL A 66 -8.72 -2.41 -7.53
CA VAL A 66 -8.40 -1.14 -6.86
C VAL A 66 -9.57 -0.16 -7.06
N ARG A 67 -10.15 -0.13 -8.27
CA ARG A 67 -11.25 0.78 -8.53
C ARG A 67 -12.53 0.33 -7.83
N LEU A 68 -12.68 -0.97 -7.64
CA LEU A 68 -13.88 -1.48 -6.95
C LEU A 68 -13.63 -1.51 -5.44
N ILE A 69 -12.39 -1.78 -5.07
CA ILE A 69 -11.99 -1.86 -3.67
C ILE A 69 -12.02 -0.51 -3.01
N LEU A 70 -11.13 0.35 -3.49
CA LEU A 70 -10.98 1.66 -2.92
C LEU A 70 -12.19 2.54 -3.26
N PRO A 71 -12.76 3.23 -2.29
CA PRO A 71 -13.93 4.10 -2.52
C PRO A 71 -13.91 4.80 -3.89
N GLY A 72 -12.72 5.12 -4.37
CA GLY A 72 -12.59 5.80 -5.66
C GLY A 72 -11.57 6.93 -5.57
N GLU A 73 -11.87 7.96 -4.78
CA GLU A 73 -10.92 9.07 -4.63
C GLU A 73 -9.52 8.51 -4.40
N LEU A 74 -9.36 7.68 -3.37
CA LEU A 74 -8.06 7.10 -3.11
C LEU A 74 -7.59 6.40 -4.39
N ALA A 75 -8.46 5.57 -4.97
CA ALA A 75 -8.09 4.89 -6.22
C ALA A 75 -7.46 5.90 -7.19
N LYS A 76 -8.18 7.00 -7.45
CA LYS A 76 -7.64 8.02 -8.36
C LYS A 76 -6.17 8.27 -8.04
N HIS A 77 -5.86 8.33 -6.75
CA HIS A 77 -4.48 8.54 -6.35
C HIS A 77 -3.69 7.24 -6.50
N ALA A 78 -4.38 6.11 -6.36
CA ALA A 78 -3.72 4.81 -6.48
C ALA A 78 -3.52 4.42 -7.97
N VAL A 79 -4.41 4.87 -8.85
CA VAL A 79 -4.28 4.53 -10.26
C VAL A 79 -3.23 5.45 -10.92
N SER A 80 -3.28 6.74 -10.59
CA SER A 80 -2.31 7.66 -11.17
C SER A 80 -0.90 7.35 -10.64
N GLU A 81 -0.80 7.05 -9.36
CA GLU A 81 0.49 6.74 -8.77
C GLU A 81 1.00 5.37 -9.24
N GLY A 82 0.10 4.41 -9.34
CA GLY A 82 0.49 3.06 -9.76
C GLY A 82 1.07 3.06 -11.17
N THR A 83 0.40 3.74 -12.11
CA THR A 83 0.90 3.76 -13.48
C THR A 83 2.20 4.56 -13.55
N ARG A 84 2.12 5.83 -13.18
CA ARG A 84 3.32 6.68 -13.19
C ARG A 84 4.50 5.90 -12.63
N ALA A 85 4.22 4.94 -11.75
CA ALA A 85 5.31 4.13 -11.20
C ALA A 85 5.78 3.17 -12.29
N VAL A 86 4.84 2.53 -12.99
CA VAL A 86 5.23 1.62 -14.07
C VAL A 86 6.16 2.38 -15.03
N THR A 87 5.90 3.67 -15.23
CA THR A 87 6.75 4.48 -16.11
C THR A 87 8.13 4.59 -15.52
N LYS A 88 8.27 5.36 -14.46
CA LYS A 88 9.57 5.51 -13.84
C LYS A 88 10.22 4.12 -13.69
N TYR A 89 9.42 3.19 -13.23
CA TYR A 89 9.91 1.82 -13.03
C TYR A 89 10.48 1.25 -14.32
N SER A 90 9.75 1.38 -15.43
CA SER A 90 10.25 0.83 -16.67
C SER A 90 11.09 1.84 -17.45
N SER A 91 10.63 3.08 -17.53
CA SER A 91 11.38 4.09 -18.27
C SER A 91 12.86 4.08 -17.86
N SER A 92 13.20 3.35 -16.80
CA SER A 92 14.59 3.30 -16.33
C SER A 92 15.26 1.99 -16.77
N THR A 93 16.07 2.06 -17.82
CA THR A 93 16.77 0.87 -18.30
C THR A 93 15.83 -0.32 -18.42
N GLN A 94 14.53 -0.09 -18.24
CA GLN A 94 13.59 -1.20 -18.32
C GLN A 94 14.03 -2.35 -17.41
N ALA A 95 15.12 -2.15 -16.65
CA ALA A 95 15.58 -3.23 -15.77
C ALA A 95 16.94 -2.90 -15.15
N GLN A 96 16.94 -2.13 -14.06
CA GLN A 96 18.18 -1.76 -13.38
C GLN A 96 18.20 -2.34 -11.97
N SER A 97 17.09 -2.22 -11.25
CA SER A 97 17.01 -2.73 -9.90
C SER A 97 15.64 -2.43 -9.31
N SER A 98 14.82 -3.45 -9.15
CA SER A 98 13.48 -3.23 -8.65
C SER A 98 13.49 -2.53 -7.28
N SER A 99 14.39 -2.93 -6.39
CA SER A 99 14.42 -2.31 -5.07
C SER A 99 15.07 -0.92 -5.13
N ALA A 100 15.02 -0.30 -6.31
CA ALA A 100 15.60 1.03 -6.46
C ALA A 100 15.01 1.71 -7.70
N ARG A 101 14.52 0.88 -8.61
CA ARG A 101 13.91 1.37 -9.84
C ARG A 101 12.40 1.53 -9.65
N ALA A 102 11.77 0.54 -9.02
CA ALA A 102 10.34 0.62 -8.79
C ALA A 102 10.00 1.94 -8.09
N GLY A 103 11.03 2.66 -7.66
CA GLY A 103 10.80 3.93 -6.98
C GLY A 103 10.05 3.70 -5.67
N LEU A 104 9.88 2.42 -5.30
CA LEU A 104 9.17 2.09 -4.06
C LEU A 104 9.97 1.07 -3.26
N GLN A 105 10.46 1.48 -2.10
CA GLN A 105 11.25 0.57 -1.27
C GLN A 105 10.33 -0.42 -0.54
N PHE A 106 9.19 -0.75 -1.14
CA PHE A 106 8.26 -1.70 -0.50
C PHE A 106 8.56 -3.13 -1.00
N PRO A 107 8.50 -4.12 -0.15
CA PRO A 107 8.78 -5.54 -0.54
C PRO A 107 8.34 -5.88 -1.94
N VAL A 108 9.22 -5.63 -2.90
CA VAL A 108 8.90 -5.97 -4.27
C VAL A 108 9.10 -7.46 -4.52
N GLY A 109 10.05 -8.04 -3.80
CA GLY A 109 10.33 -9.47 -3.96
C GLY A 109 9.40 -10.33 -3.11
N ARG A 110 9.11 -9.86 -1.90
CA ARG A 110 8.24 -10.62 -1.00
C ARG A 110 6.81 -10.59 -1.52
N ILE A 111 6.32 -9.42 -1.93
CA ILE A 111 4.97 -9.35 -2.47
C ILE A 111 4.95 -10.10 -3.80
N LYS A 112 5.94 -9.82 -4.65
CA LYS A 112 6.01 -10.52 -5.92
C LYS A 112 5.86 -12.00 -5.63
N ARG A 113 6.26 -12.38 -4.43
CA ARG A 113 6.16 -13.79 -4.04
C ARG A 113 4.72 -14.09 -3.61
N TYR A 114 4.05 -13.09 -3.06
CA TYR A 114 2.69 -13.30 -2.63
C TYR A 114 1.81 -13.41 -3.86
N LEU A 115 2.26 -12.82 -4.96
CA LEU A 115 1.53 -12.88 -6.22
C LEU A 115 1.89 -14.15 -6.97
N LYS A 116 3.13 -14.62 -6.80
CA LYS A 116 3.56 -15.82 -7.51
C LYS A 116 3.00 -17.08 -6.83
N ARG A 117 2.72 -17.01 -5.52
CA ARG A 117 2.21 -18.19 -4.80
C ARG A 117 0.75 -18.05 -4.35
N HIS A 118 0.28 -16.83 -4.04
CA HIS A 118 -1.11 -16.69 -3.57
C HIS A 118 -2.09 -16.48 -4.73
N ALA A 119 -1.76 -15.60 -5.67
CA ALA A 119 -2.67 -15.39 -6.80
C ALA A 119 -3.15 -16.73 -7.34
N THR A 120 -2.19 -17.62 -7.65
CA THR A 120 -2.54 -18.95 -8.15
C THR A 120 -1.32 -19.64 -8.75
N GLY A 121 -0.59 -18.94 -9.61
CA GLY A 121 0.60 -19.54 -10.23
C GLY A 121 0.81 -18.99 -11.64
N ARG A 122 -0.14 -19.23 -12.53
CA ARG A 122 -0.01 -18.73 -13.90
C ARG A 122 0.43 -17.26 -13.89
N THR A 123 -0.15 -16.49 -12.97
CA THR A 123 0.17 -15.06 -12.83
C THR A 123 1.57 -14.72 -13.34
N ARG A 124 1.65 -14.30 -14.60
CA ARG A 124 2.94 -13.95 -15.15
C ARG A 124 3.54 -12.75 -14.39
N VAL A 125 2.85 -12.28 -13.37
CA VAL A 125 3.34 -11.13 -12.59
C VAL A 125 3.90 -10.06 -13.53
N GLY A 126 3.13 -9.67 -14.53
CA GLY A 126 3.62 -8.66 -15.46
C GLY A 126 4.23 -7.46 -14.71
N SER A 127 5.35 -6.95 -15.20
CA SER A 127 5.99 -5.79 -14.56
C SER A 127 4.94 -4.73 -14.23
N LYS A 128 3.77 -4.85 -14.87
CA LYS A 128 2.68 -3.91 -14.63
C LYS A 128 1.71 -4.47 -13.60
N ALA A 129 2.21 -4.89 -12.45
CA ALA A 129 1.30 -5.45 -11.44
C ALA A 129 1.95 -5.46 -10.04
N ALA A 130 3.02 -6.25 -9.87
CA ALA A 130 3.66 -6.29 -8.56
C ALA A 130 3.91 -4.86 -8.08
N ILE A 131 4.18 -3.97 -9.03
CA ILE A 131 4.42 -2.58 -8.68
C ILE A 131 3.10 -1.87 -8.34
N TYR A 132 2.02 -2.19 -9.06
CA TYR A 132 0.75 -1.54 -8.78
C TYR A 132 0.38 -1.81 -7.33
N LEU A 133 0.94 -2.86 -6.75
CA LEU A 133 0.64 -3.21 -5.36
C LEU A 133 1.65 -2.61 -4.40
N THR A 134 2.87 -2.40 -4.87
CA THR A 134 3.86 -1.78 -4.01
C THR A 134 3.57 -0.30 -3.97
N ALA A 135 2.90 0.17 -5.02
CA ALA A 135 2.53 1.57 -5.11
C ALA A 135 1.26 1.83 -4.31
N VAL A 136 0.28 0.93 -4.39
CA VAL A 136 -0.95 1.17 -3.62
C VAL A 136 -0.68 1.06 -2.12
N LEU A 137 0.14 0.09 -1.73
CA LEU A 137 0.44 -0.05 -0.30
C LEU A 137 1.26 1.13 0.21
N GLU A 138 2.43 1.37 -0.39
CA GLU A 138 3.25 2.50 0.05
C GLU A 138 2.44 3.80 0.02
N TYR A 139 1.39 3.82 -0.78
CA TYR A 139 0.54 5.00 -0.89
C TYR A 139 -0.37 5.11 0.32
N LEU A 140 -1.17 4.07 0.56
CA LEU A 140 -2.08 4.09 1.70
C LEU A 140 -1.33 3.76 2.98
N THR A 141 -0.35 2.87 2.89
CA THR A 141 0.43 2.53 4.07
C THR A 141 1.14 3.78 4.58
N ALA A 142 1.85 4.46 3.70
CA ALA A 142 2.55 5.67 4.12
C ALA A 142 1.54 6.73 4.57
N GLU A 143 0.34 6.71 3.97
CA GLU A 143 -0.68 7.69 4.35
C GLU A 143 -1.16 7.45 5.78
N VAL A 144 -1.65 6.24 6.08
CA VAL A 144 -2.12 5.98 7.44
C VAL A 144 -1.06 6.38 8.45
N LEU A 145 0.21 6.17 8.09
CA LEU A 145 1.30 6.52 9.02
C LEU A 145 1.57 8.04 8.99
N GLU A 146 1.59 8.63 7.79
CA GLU A 146 1.85 10.05 7.69
C GLU A 146 0.95 10.83 8.66
N LEU A 147 -0.36 10.57 8.61
CA LEU A 147 -1.27 11.27 9.51
C LEU A 147 -1.04 10.83 10.95
N ALA A 148 -1.16 9.53 11.20
CA ALA A 148 -0.97 9.03 12.56
C ALA A 148 0.33 9.56 13.18
N GLY A 149 1.44 9.37 12.49
CA GLY A 149 2.72 9.84 13.03
C GLY A 149 2.73 11.37 13.24
N ASN A 150 2.72 12.11 12.14
CA ASN A 150 2.74 13.57 12.24
C ASN A 150 1.61 14.07 13.15
N ALA A 151 0.74 13.16 13.57
CA ALA A 151 -0.38 13.53 14.44
C ALA A 151 -0.40 12.69 15.72
N ALA A 152 0.59 11.82 15.90
CA ALA A 152 0.66 11.01 17.12
C ALA A 152 1.77 11.54 18.03
N LYS A 153 2.65 12.40 17.49
CA LYS A 153 3.74 12.95 18.30
C LYS A 153 3.38 14.34 18.84
N ASP A 154 2.74 15.16 18.01
CA ASP A 154 2.38 16.49 18.48
C ASP A 154 1.33 16.37 19.57
N LEU A 155 0.72 15.19 19.64
CA LEU A 155 -0.30 14.96 20.65
C LEU A 155 0.34 14.66 22.00
N LYS A 156 1.33 13.77 22.03
CA LYS A 156 1.96 13.46 23.32
C LYS A 156 3.16 12.50 23.19
N VAL A 157 3.04 11.45 22.37
CA VAL A 157 4.15 10.50 22.26
C VAL A 157 4.23 9.87 20.87
N LYS A 158 5.45 9.75 20.36
CA LYS A 158 5.64 9.16 19.05
C LYS A 158 5.02 7.77 19.00
N ARG A 159 4.87 7.15 20.17
CA ARG A 159 4.28 5.82 20.21
C ARG A 159 2.87 5.84 19.64
N ILE A 160 2.69 5.32 18.43
CA ILE A 160 1.37 5.29 17.83
C ILE A 160 0.58 4.12 18.39
N THR A 161 -0.33 4.41 19.33
CA THR A 161 -1.14 3.35 19.92
C THR A 161 -2.46 3.19 19.15
N PRO A 162 -3.10 2.05 19.18
CA PRO A 162 -4.40 1.86 18.47
C PRO A 162 -5.36 3.02 18.74
N ARG A 163 -4.98 3.91 19.65
CA ARG A 163 -5.80 5.07 19.97
C ARG A 163 -5.58 6.15 18.89
N HIS A 164 -4.31 6.45 18.65
CA HIS A 164 -3.99 7.44 17.65
C HIS A 164 -4.58 7.00 16.31
N LEU A 165 -4.78 5.68 16.17
CA LEU A 165 -5.35 5.17 14.94
C LEU A 165 -6.87 5.25 15.01
N GLN A 166 -7.42 5.12 16.21
CA GLN A 166 -8.87 5.21 16.36
C GLN A 166 -9.33 6.54 15.77
N LEU A 167 -8.56 7.60 16.03
CA LEU A 167 -8.94 8.92 15.52
C LEU A 167 -8.48 9.07 14.05
N ALA A 168 -7.37 8.44 13.69
CA ALA A 168 -6.87 8.56 12.31
C ALA A 168 -7.60 7.60 11.36
N ILE A 169 -7.88 6.38 11.81
CA ILE A 169 -8.57 5.42 10.94
C ILE A 169 -10.07 5.68 10.95
N ARG A 170 -10.67 5.84 12.12
CA ARG A 170 -12.11 6.10 12.15
C ARG A 170 -12.37 7.55 11.74
N GLY A 171 -11.34 8.40 11.87
CA GLY A 171 -11.52 9.80 11.45
C GLY A 171 -12.00 9.83 9.99
N ASP A 172 -11.14 9.42 9.06
CA ASP A 172 -11.54 9.41 7.67
C ASP A 172 -12.71 8.45 7.47
N ASP A 173 -13.85 8.97 7.02
CA ASP A 173 -15.03 8.13 6.82
C ASP A 173 -14.79 7.09 5.71
N GLU A 174 -14.26 7.53 4.57
CA GLU A 174 -14.04 6.59 3.48
C GLU A 174 -13.10 5.46 3.93
N LEU A 175 -11.86 5.79 4.28
CA LEU A 175 -10.93 4.77 4.71
C LEU A 175 -11.58 3.86 5.75
N ASP A 176 -12.07 4.43 6.84
CA ASP A 176 -12.70 3.64 7.89
C ASP A 176 -13.63 2.59 7.28
N SER A 177 -14.63 3.06 6.55
CA SER A 177 -15.57 2.14 5.93
C SER A 177 -14.81 1.15 5.03
N LEU A 178 -13.53 1.44 4.77
CA LEU A 178 -12.72 0.56 3.91
C LEU A 178 -11.70 -0.23 4.76
N ILE A 179 -11.21 0.37 5.85
CA ILE A 179 -10.24 -0.33 6.68
C ILE A 179 -10.96 -1.29 7.64
N ARG A 180 -11.78 -0.75 8.56
CA ARG A 180 -12.53 -1.56 9.54
C ARG A 180 -11.79 -2.86 9.85
N ALA A 181 -10.47 -2.77 9.89
CA ALA A 181 -9.66 -3.95 10.12
C ALA A 181 -9.97 -4.59 11.48
N THR A 182 -9.41 -4.05 12.56
CA THR A 182 -9.65 -4.63 13.88
C THR A 182 -9.19 -3.68 14.97
N ILE A 183 -9.66 -2.43 14.93
CA ILE A 183 -9.26 -1.47 15.95
C ILE A 183 -9.86 -1.88 17.30
N ALA A 184 -9.63 -3.13 17.68
CA ALA A 184 -10.15 -3.65 18.94
C ALA A 184 -9.23 -3.32 20.10
N SER A 185 -9.03 -2.04 20.37
CA SER A 185 -8.17 -1.63 21.46
C SER A 185 -8.32 -0.13 21.68
N GLY A 186 -8.16 0.63 20.60
CA GLY A 186 -8.31 2.08 20.67
C GLY A 186 -9.64 2.46 20.03
N GLY A 187 -10.16 1.59 19.18
CA GLY A 187 -11.43 1.87 18.52
C GLY A 187 -12.58 1.73 19.50
N VAL A 188 -12.60 2.62 20.49
CA VAL A 188 -13.64 2.57 21.53
C VAL A 188 -14.85 3.46 21.17
N LEU A 189 -15.03 3.77 19.89
CA LEU A 189 -16.18 4.61 19.50
C LEU A 189 -17.48 3.79 19.42
N PRO A 190 -17.44 2.56 18.96
CA PRO A 190 -18.67 1.73 18.84
C PRO A 190 -19.01 1.01 20.15
N HIS A 191 -18.06 0.98 21.08
CA HIS A 191 -18.30 0.32 22.36
C HIS A 191 -18.45 -1.19 22.18
N ILE A 192 -19.37 -1.58 21.30
CA ILE A 192 -19.59 -3.01 21.06
C ILE A 192 -18.64 -3.52 19.97
N THR B 1 12.65 -15.59 8.51
CA THR B 1 13.76 -14.85 9.18
C THR B 1 14.82 -14.47 8.14
N VAL B 2 15.09 -13.18 8.01
CA VAL B 2 16.08 -12.74 7.04
C VAL B 2 17.47 -13.30 7.40
N GLU B 3 18.43 -13.14 6.50
CA GLU B 3 19.78 -13.64 6.77
C GLU B 3 20.76 -12.97 5.81
N ASP B 4 20.19 -12.24 4.87
CA ASP B 4 20.99 -11.52 3.88
C ASP B 4 20.04 -10.70 3.04
N SER B 5 18.83 -10.51 3.56
CA SER B 5 17.80 -9.75 2.84
C SER B 5 18.40 -8.49 2.21
N GLU B 6 18.26 -7.36 2.88
CA GLU B 6 18.80 -6.12 2.35
C GLU B 6 18.31 -5.89 0.91
N SER B 7 17.21 -5.13 0.78
CA SER B 7 16.67 -4.86 -0.54
C SER B 7 16.24 -6.16 -1.24
N ASP B 8 16.17 -7.25 -0.47
CA ASP B 8 15.78 -8.54 -1.04
C ASP B 8 16.73 -8.99 -2.16
N MET B 9 16.72 -8.27 -3.29
CA MET B 9 17.58 -8.62 -4.42
C MET B 9 17.27 -10.01 -4.98
N ASP B 10 16.94 -10.95 -4.11
CA ASP B 10 16.64 -12.30 -4.58
C ASP B 10 15.30 -12.32 -5.33
N ASP B 11 14.93 -11.21 -5.95
CA ASP B 11 13.67 -11.15 -6.68
C ASP B 11 13.88 -11.43 -8.17
N ALA B 12 14.91 -10.81 -8.74
CA ALA B 12 15.18 -11.00 -10.17
C ALA B 12 15.02 -12.47 -10.59
N LYS B 13 15.22 -13.40 -9.66
CA LYS B 13 15.08 -14.82 -10.00
C LYS B 13 13.61 -15.23 -9.89
N LEU B 14 13.19 -15.58 -8.67
CA LEU B 14 11.79 -15.99 -8.43
C LEU B 14 10.83 -15.19 -9.32
N ASP B 15 11.18 -13.94 -9.64
CA ASP B 15 10.31 -13.14 -10.50
C ASP B 15 10.54 -13.49 -11.97
N ALA B 16 11.81 -13.66 -12.34
CA ALA B 16 12.14 -14.01 -13.72
C ALA B 16 12.17 -15.52 -13.87
N LEU B 17 11.71 -16.24 -12.86
CA LEU B 17 11.70 -17.69 -12.94
C LEU B 17 10.41 -18.11 -13.65
N MET B 18 9.55 -17.13 -13.86
CA MET B 18 8.28 -17.38 -14.51
C MET B 18 7.56 -16.06 -14.75
N GLY B 19 7.31 -15.32 -13.67
CA GLY B 19 6.64 -14.04 -13.77
C GLY B 19 7.21 -13.21 -14.92
N ASN B 20 6.66 -13.40 -16.11
CA ASN B 20 7.15 -12.66 -17.27
C ASN B 20 6.00 -12.44 -18.25
N GLU B 21 5.11 -11.52 -17.92
CA GLU B 21 3.98 -11.25 -18.78
C GLU B 21 4.47 -10.57 -20.06
N GLY B 22 5.79 -10.49 -20.20
CA GLY B 22 6.34 -9.85 -21.38
C GLY B 22 5.75 -8.46 -21.56
N GLU B 23 5.67 -7.99 -22.81
CA GLU B 23 5.11 -6.68 -23.07
C GLU B 23 5.73 -5.61 -22.15
N GLU B 24 6.72 -5.98 -21.34
CA GLU B 24 7.35 -5.01 -20.45
C GLU B 24 7.51 -3.65 -21.12
N GLU B 25 7.56 -3.63 -22.44
CA GLU B 25 7.67 -2.37 -23.16
C GLU B 25 6.36 -1.62 -23.02
N GLU B 26 6.37 -0.54 -22.26
CA GLU B 26 5.16 0.22 -22.06
C GLU B 26 4.01 -0.72 -21.70
N ASP B 27 4.29 -1.65 -20.78
CA ASP B 27 3.30 -2.62 -20.37
C ASP B 27 1.95 -1.99 -19.98
N ASP B 28 1.95 -0.77 -19.41
CA ASP B 28 0.66 -0.18 -19.01
C ASP B 28 0.72 1.34 -18.93
N LEU B 29 1.66 1.97 -19.63
CA LEU B 29 1.73 3.43 -19.59
C LEU B 29 0.68 4.05 -20.50
N ALA B 30 -0.41 4.55 -19.91
CA ALA B 30 -1.46 5.17 -20.71
C ALA B 30 -2.64 5.57 -19.82
N GLU B 31 -3.09 4.66 -18.98
CA GLU B 31 -4.21 4.95 -18.08
C GLU B 31 -3.91 6.22 -17.28
N ILE B 32 -2.69 6.73 -17.40
CA ILE B 32 -2.32 7.94 -16.65
C ILE B 32 -3.28 9.10 -16.94
N ASP B 33 -2.76 10.20 -17.48
CA ASP B 33 -3.61 11.35 -17.76
C ASP B 33 -4.23 11.89 -16.47
N THR B 34 -3.96 11.20 -15.35
CA THR B 34 -4.50 11.63 -14.05
C THR B 34 -3.36 12.16 -13.16
N SER B 35 -2.16 12.23 -13.71
CA SER B 35 -1.02 12.72 -12.93
C SER B 35 -1.03 14.25 -12.86
N ASN B 36 -1.14 14.88 -14.02
CA ASN B 36 -1.16 16.34 -14.03
C ASN B 36 -2.45 16.86 -13.41
N ILE B 37 -3.27 15.94 -12.88
CA ILE B 37 -4.53 16.34 -12.25
C ILE B 37 -4.41 16.25 -10.72
N ILE B 38 -4.30 15.04 -10.19
CA ILE B 38 -4.17 14.89 -8.74
C ILE B 38 -3.46 13.58 -8.39
N THR B 39 -2.59 13.61 -7.38
CA THR B 39 -1.87 12.41 -6.97
C THR B 39 -1.68 12.39 -5.45
N SER B 40 -0.83 11.51 -4.97
CA SER B 40 -0.60 11.42 -3.54
C SER B 40 0.68 10.62 -3.24
N GLY B 41 0.69 9.90 -2.13
CA GLY B 41 1.87 9.10 -1.79
C GLY B 41 3.03 10.02 -1.36
N ARG B 42 2.74 11.28 -1.12
CA ARG B 42 3.79 12.21 -0.71
C ARG B 42 3.19 13.52 -0.19
N ARG B 43 1.88 13.65 -0.29
CA ARG B 43 1.23 14.87 0.18
C ARG B 43 1.26 14.93 1.71
N THR B 44 2.33 15.45 2.28
CA THR B 44 2.43 15.55 3.73
C THR B 44 1.24 16.32 4.29
N ARG B 45 0.17 15.62 4.65
CA ARG B 45 -1.00 16.29 5.19
C ARG B 45 -0.68 16.89 6.57
N GLY B 46 -0.09 16.09 7.44
CA GLY B 46 0.25 16.60 8.78
C GLY B 46 -0.96 17.31 9.39
N LYS B 47 -1.95 16.53 9.82
CA LYS B 47 -3.16 17.13 10.41
C LYS B 47 -3.65 16.25 11.58
N VAL B 48 -4.96 16.06 11.70
CA VAL B 48 -5.51 15.25 12.78
C VAL B 48 -5.07 15.78 14.15
N ILE B 49 -6.02 16.24 14.96
CA ILE B 49 -5.70 16.78 16.28
C ILE B 49 -6.57 16.15 17.38
N ASP B 50 -6.17 16.39 18.63
CA ASP B 50 -6.91 15.86 19.79
C ASP B 50 -7.62 14.53 19.47
N TYR B 51 -8.94 14.47 19.74
CA TYR B 51 -9.69 13.26 19.49
C TYR B 51 -11.18 13.56 19.43
N LYS B 52 -11.83 13.05 18.39
CA LYS B 52 -13.27 13.19 18.19
C LYS B 52 -13.63 14.38 17.29
N LYS B 53 -13.31 15.59 17.71
CA LYS B 53 -13.66 16.74 16.87
C LYS B 53 -13.17 16.49 15.46
N THR B 54 -12.02 15.87 15.36
CA THR B 54 -11.47 15.57 14.04
C THR B 54 -12.54 14.90 13.18
N ALA B 55 -12.91 13.67 13.55
CA ALA B 55 -13.92 12.92 12.80
C ALA B 55 -15.16 13.78 12.55
N GLU B 56 -15.37 14.80 13.38
CA GLU B 56 -16.54 15.66 13.19
C GLU B 56 -16.27 16.69 12.09
N GLU B 57 -15.40 17.65 12.40
CA GLU B 57 -15.07 18.67 11.40
C GLU B 57 -14.57 18.00 10.11
N LEU B 58 -13.93 16.85 10.25
CA LEU B 58 -13.41 16.16 9.10
C LEU B 58 -14.53 15.58 8.23
N ASP B 59 -15.41 14.79 8.83
CA ASP B 59 -16.47 14.17 8.05
C ASP B 59 -17.36 15.23 7.39
N LYS B 60 -17.40 16.44 7.96
CA LYS B 60 -18.22 17.51 7.38
C LYS B 60 -17.36 18.65 6.84
N LYS B 61 -16.03 18.53 6.98
CA LYS B 61 -15.16 19.60 6.51
C LYS B 61 -15.73 20.94 6.95
N GLU B 62 -16.18 20.98 8.20
CA GLU B 62 -16.81 22.18 8.75
C GLU B 62 -15.80 22.94 9.63
N ARG A 1 0.98 -15.12 10.73
CA ARG A 1 1.33 -14.46 12.02
C ARG A 1 2.79 -14.76 12.37
N LYS A 2 3.69 -13.82 12.11
CA LYS A 2 5.09 -14.03 12.41
C LYS A 2 5.86 -12.71 12.45
N GLU A 3 6.74 -12.52 11.47
CA GLU A 3 7.55 -11.32 11.39
C GLU A 3 6.83 -10.22 10.61
N THR A 4 5.94 -10.62 9.71
CA THR A 4 5.21 -9.64 8.93
C THR A 4 6.18 -8.71 8.19
N TYR A 5 5.68 -7.58 7.71
CA TYR A 5 6.55 -6.64 7.00
C TYR A 5 7.29 -5.73 7.99
N SER A 6 7.35 -6.16 9.25
CA SER A 6 8.02 -5.36 10.29
C SER A 6 9.31 -4.71 9.76
N SER A 7 10.30 -5.53 9.45
CA SER A 7 11.57 -5.00 8.98
C SER A 7 11.37 -3.89 7.94
N TYR A 8 10.99 -4.25 6.72
CA TYR A 8 10.82 -3.23 5.69
C TYR A 8 9.98 -2.06 6.20
N ILE A 9 8.92 -2.33 6.96
CA ILE A 9 8.16 -1.20 7.46
C ILE A 9 9.08 -0.41 8.37
N TYR A 10 9.78 -1.12 9.25
CA TYR A 10 10.70 -0.47 10.16
C TYR A 10 11.56 0.53 9.39
N LYS A 11 11.71 0.28 8.10
CA LYS A 11 12.51 1.18 7.28
C LYS A 11 11.61 2.31 6.80
N VAL A 12 10.34 2.00 6.62
CA VAL A 12 9.39 3.05 6.20
C VAL A 12 8.90 3.75 7.46
N LEU A 13 9.30 3.19 8.59
CA LEU A 13 8.93 3.73 9.88
C LEU A 13 9.94 4.79 10.30
N LYS A 14 11.22 4.54 10.01
CA LYS A 14 12.25 5.51 10.35
C LYS A 14 12.33 6.55 9.24
N GLN A 15 12.12 6.11 8.02
CA GLN A 15 12.17 7.02 6.87
C GLN A 15 10.97 7.97 6.90
N THR A 16 9.75 7.42 6.95
CA THR A 16 8.57 8.27 7.01
C THR A 16 8.73 9.27 8.16
N HIS A 17 9.37 8.82 9.23
CA HIS A 17 9.59 9.67 10.38
C HIS A 17 10.66 9.03 11.28
N PRO A 18 11.58 9.78 11.81
CA PRO A 18 12.65 9.22 12.69
C PRO A 18 12.15 8.94 14.11
N ASP A 19 11.00 9.51 14.44
CA ASP A 19 10.41 9.32 15.77
C ASP A 19 9.09 8.58 15.65
N THR A 20 9.16 7.28 15.38
CA THR A 20 7.95 6.48 15.22
C THR A 20 8.23 5.04 15.62
N GLY A 21 8.17 4.76 16.92
CA GLY A 21 8.40 3.41 17.40
C GLY A 21 7.16 2.56 17.14
N ILE A 22 6.08 3.25 16.79
CA ILE A 22 4.79 2.64 16.48
C ILE A 22 4.41 1.47 17.41
N SER A 23 3.22 1.58 17.98
CA SER A 23 2.73 0.53 18.87
C SER A 23 2.70 -0.82 18.14
N GLN A 24 3.00 -1.90 18.87
CA GLN A 24 2.99 -3.22 18.27
C GLN A 24 1.65 -3.45 17.56
N LYS A 25 0.55 -3.22 18.26
CA LYS A 25 -0.76 -3.40 17.65
C LYS A 25 -0.94 -2.44 16.48
N SER A 26 -0.50 -1.21 16.65
CA SER A 26 -0.61 -0.28 15.53
C SER A 26 0.15 -0.87 14.37
N MET A 27 1.13 -1.70 14.72
CA MET A 27 1.92 -2.38 13.72
C MET A 27 1.16 -3.63 13.27
N SER A 28 0.13 -3.99 14.06
CA SER A 28 -0.69 -5.16 13.73
C SER A 28 -1.87 -4.71 12.86
N ILE A 29 -2.40 -3.52 13.16
CA ILE A 29 -3.51 -3.00 12.38
C ILE A 29 -3.00 -2.63 11.00
N LEU A 30 -1.89 -1.89 10.96
CA LEU A 30 -1.33 -1.57 9.66
C LEU A 30 -1.00 -2.89 8.97
N ASN A 31 -0.17 -3.70 9.63
CA ASN A 31 0.21 -4.99 9.06
C ASN A 31 -1.02 -5.77 8.62
N SER A 32 -2.07 -5.72 9.42
CA SER A 32 -3.28 -6.45 9.05
C SER A 32 -3.97 -5.75 7.89
N PHE A 33 -3.90 -4.43 7.88
CA PHE A 33 -4.49 -3.69 6.77
C PHE A 33 -3.65 -3.98 5.55
N VAL A 34 -2.39 -3.65 5.67
CA VAL A 34 -1.42 -3.92 4.63
C VAL A 34 -1.64 -5.33 4.11
N ASN A 35 -1.92 -6.25 5.03
CA ASN A 35 -2.12 -7.63 4.63
C ASN A 35 -3.52 -7.82 4.08
N ASP A 36 -4.49 -7.14 4.69
CA ASP A 36 -5.86 -7.26 4.23
C ASP A 36 -6.04 -6.48 2.92
N ILE A 37 -5.60 -5.22 2.88
CA ILE A 37 -5.74 -4.48 1.66
C ILE A 37 -4.92 -5.15 0.56
N PHE A 38 -3.87 -5.86 0.93
CA PHE A 38 -3.11 -6.55 -0.07
C PHE A 38 -3.99 -7.66 -0.66
N GLU A 39 -4.81 -8.24 0.22
CA GLU A 39 -5.71 -9.29 -0.23
C GLU A 39 -6.92 -8.70 -0.96
N ARG A 40 -7.61 -7.76 -0.34
CA ARG A 40 -8.78 -7.15 -0.99
C ARG A 40 -8.50 -6.88 -2.47
N ILE A 41 -7.35 -6.28 -2.76
CA ILE A 41 -7.01 -6.00 -4.14
C ILE A 41 -6.66 -7.30 -4.88
N ALA A 42 -5.52 -7.87 -4.55
CA ALA A 42 -5.07 -9.11 -5.19
C ALA A 42 -6.12 -10.21 -5.09
N THR A 43 -7.11 -10.05 -4.23
CA THR A 43 -8.15 -11.06 -4.13
C THR A 43 -9.14 -10.84 -5.25
N GLU A 44 -9.69 -9.64 -5.30
CA GLU A 44 -10.63 -9.34 -6.37
C GLU A 44 -9.91 -9.52 -7.71
N ALA A 45 -8.65 -9.07 -7.79
CA ALA A 45 -7.92 -9.25 -9.03
C ALA A 45 -7.87 -10.74 -9.33
N SER A 46 -7.43 -11.50 -8.34
CA SER A 46 -7.36 -12.93 -8.50
C SER A 46 -8.77 -13.50 -8.66
N LYS A 47 -9.79 -12.67 -8.36
CA LYS A 47 -11.17 -13.14 -8.49
C LYS A 47 -11.68 -12.92 -9.92
N LEU A 48 -11.66 -11.68 -10.37
CA LEU A 48 -12.13 -11.40 -11.72
C LEU A 48 -11.17 -12.05 -12.73
N ALA A 49 -10.11 -12.65 -12.21
CA ALA A 49 -9.11 -13.32 -13.06
C ALA A 49 -9.28 -14.84 -12.97
N ALA A 50 -9.70 -15.34 -11.80
CA ALA A 50 -9.89 -16.78 -11.67
C ALA A 50 -11.16 -17.17 -12.41
N TYR A 51 -12.09 -16.22 -12.45
CA TYR A 51 -13.35 -16.46 -13.15
C TYR A 51 -13.18 -16.09 -14.63
N ASN A 52 -12.33 -15.10 -14.92
CA ASN A 52 -12.11 -14.70 -16.30
C ASN A 52 -10.94 -15.48 -16.92
N LYS A 53 -10.32 -16.34 -16.11
CA LYS A 53 -9.19 -17.13 -16.58
C LYS A 53 -7.99 -16.25 -16.87
N LYS A 54 -8.16 -14.95 -16.67
CA LYS A 54 -7.05 -14.05 -16.93
C LYS A 54 -5.95 -14.25 -15.90
N SER A 55 -5.46 -15.49 -15.77
CA SER A 55 -4.40 -15.76 -14.79
C SER A 55 -3.32 -14.68 -14.87
N THR A 56 -3.09 -14.15 -16.06
CA THR A 56 -2.09 -13.11 -16.20
C THR A 56 -2.54 -11.88 -15.41
N ILE A 57 -2.22 -11.85 -14.12
CA ILE A 57 -2.63 -10.71 -13.30
C ILE A 57 -1.85 -9.45 -13.72
N SER A 58 -2.48 -8.62 -14.56
CA SER A 58 -1.82 -7.39 -15.03
C SER A 58 -2.39 -6.15 -14.33
N ALA A 59 -1.75 -5.01 -14.54
CA ALA A 59 -2.21 -3.77 -13.91
C ALA A 59 -3.71 -3.60 -14.14
N ARG A 60 -4.20 -4.10 -15.26
CA ARG A 60 -5.62 -3.96 -15.59
C ARG A 60 -6.51 -4.73 -14.60
N GLU A 61 -6.04 -5.88 -14.13
CA GLU A 61 -6.84 -6.66 -13.20
C GLU A 61 -6.92 -5.97 -11.85
N ILE A 62 -5.77 -5.64 -11.31
CA ILE A 62 -5.72 -4.96 -10.03
C ILE A 62 -6.30 -3.55 -10.17
N GLN A 63 -6.11 -2.90 -11.32
CA GLN A 63 -6.68 -1.57 -11.49
C GLN A 63 -8.17 -1.63 -11.19
N THR A 64 -8.89 -2.47 -11.91
CA THR A 64 -10.32 -2.59 -11.66
C THR A 64 -10.55 -2.77 -10.15
N ALA A 65 -9.96 -3.79 -9.56
CA ALA A 65 -10.11 -3.98 -8.12
C ALA A 65 -9.74 -2.68 -7.42
N VAL A 66 -8.48 -2.27 -7.53
CA VAL A 66 -8.05 -1.00 -6.91
C VAL A 66 -9.11 0.09 -7.19
N ARG A 67 -9.73 0.05 -8.37
CA ARG A 67 -10.73 1.05 -8.69
C ARG A 67 -12.04 0.76 -7.96
N LEU A 68 -12.28 -0.50 -7.66
CA LEU A 68 -13.51 -0.87 -6.94
C LEU A 68 -13.26 -0.89 -5.43
N ILE A 69 -12.05 -1.26 -5.06
CA ILE A 69 -11.65 -1.32 -3.66
C ILE A 69 -11.62 0.05 -3.03
N LEU A 70 -10.71 0.85 -3.56
CA LEU A 70 -10.49 2.17 -3.02
C LEU A 70 -11.68 3.09 -3.34
N PRO A 71 -12.26 3.76 -2.36
CA PRO A 71 -13.42 4.64 -2.59
C PRO A 71 -13.35 5.41 -3.91
N GLY A 72 -12.15 5.69 -4.39
CA GLY A 72 -12.00 6.42 -5.65
C GLY A 72 -10.89 7.47 -5.55
N GLU A 73 -11.14 8.53 -4.77
CA GLU A 73 -10.12 9.57 -4.61
C GLU A 73 -8.74 8.95 -4.40
N LEU A 74 -8.63 8.11 -3.39
CA LEU A 74 -7.36 7.44 -3.15
C LEU A 74 -6.96 6.73 -4.45
N ALA A 75 -7.88 5.99 -5.03
CA ALA A 75 -7.58 5.30 -6.29
C ALA A 75 -6.94 6.28 -7.28
N LYS A 76 -7.60 7.42 -7.52
CA LYS A 76 -7.05 8.41 -8.44
C LYS A 76 -5.55 8.57 -8.21
N HIS A 77 -5.15 8.69 -6.95
CA HIS A 77 -3.73 8.81 -6.65
C HIS A 77 -3.04 7.47 -6.81
N ALA A 78 -3.77 6.38 -6.57
CA ALA A 78 -3.18 5.05 -6.70
C ALA A 78 -3.08 4.65 -8.18
N VAL A 79 -3.97 5.18 -9.00
CA VAL A 79 -3.94 4.86 -10.43
C VAL A 79 -2.83 5.62 -11.13
N SER A 80 -2.69 6.91 -10.83
CA SER A 80 -1.64 7.70 -11.47
C SER A 80 -0.26 7.28 -10.94
N GLU A 81 -0.20 6.91 -9.67
CA GLU A 81 1.07 6.49 -9.08
C GLU A 81 1.43 5.06 -9.53
N GLY A 82 0.43 4.20 -9.64
CA GLY A 82 0.70 2.82 -10.03
C GLY A 82 1.19 2.75 -11.48
N THR A 83 0.60 3.55 -12.37
CA THR A 83 1.02 3.52 -13.76
C THR A 83 2.37 4.25 -13.90
N ARG A 84 2.37 5.55 -13.64
CA ARG A 84 3.61 6.33 -13.72
C ARG A 84 4.78 5.51 -13.17
N ALA A 85 4.50 4.68 -12.18
CA ALA A 85 5.56 3.84 -11.63
C ALA A 85 5.92 2.79 -12.67
N VAL A 86 4.91 2.10 -13.20
CA VAL A 86 5.15 1.11 -14.24
C VAL A 86 5.98 1.76 -15.35
N THR A 87 5.72 3.04 -15.61
CA THR A 87 6.48 3.76 -16.64
C THR A 87 7.95 3.79 -16.28
N LYS A 88 8.33 4.63 -15.34
CA LYS A 88 9.73 4.70 -14.97
C LYS A 88 10.27 3.28 -14.75
N TYR A 89 9.57 2.52 -13.93
CA TYR A 89 9.97 1.15 -13.65
C TYR A 89 10.43 0.42 -14.90
N SER A 90 9.70 0.59 -16.01
CA SER A 90 10.09 -0.07 -17.24
C SER A 90 10.80 0.89 -18.20
N SER A 91 10.24 2.08 -18.38
CA SER A 91 10.83 3.05 -19.27
C SER A 91 12.35 3.15 -19.04
N SER A 92 12.80 2.71 -17.87
CA SER A 92 14.24 2.77 -17.58
C SER A 92 15.03 1.95 -18.61
N THR A 93 15.72 0.91 -18.14
CA THR A 93 16.49 0.05 -19.04
C THR A 93 16.22 -1.41 -18.73
N GLN A 94 15.03 -1.69 -18.21
CA GLN A 94 14.69 -3.06 -17.88
C GLN A 94 15.81 -3.70 -17.06
N ALA A 95 16.77 -2.88 -16.63
CA ALA A 95 17.89 -3.41 -15.85
C ALA A 95 18.38 -2.39 -14.81
N GLN A 96 17.86 -2.49 -13.59
CA GLN A 96 18.28 -1.57 -12.54
C GLN A 96 17.66 -2.00 -11.22
N SER A 97 17.66 -3.30 -10.93
CA SER A 97 17.12 -3.80 -9.67
C SER A 97 15.66 -3.38 -9.48
N SER A 98 14.80 -4.34 -9.19
CA SER A 98 13.40 -3.99 -8.99
C SER A 98 13.24 -3.13 -7.74
N SER A 99 14.12 -3.32 -6.77
CA SER A 99 14.03 -2.52 -5.54
C SER A 99 14.70 -1.16 -5.75
N ALA A 100 15.01 -0.83 -7.00
CA ALA A 100 15.64 0.45 -7.32
C ALA A 100 15.07 0.97 -8.63
N ARG A 101 14.62 0.05 -9.48
CA ARG A 101 14.03 0.42 -10.74
C ARG A 101 12.56 0.79 -10.52
N ALA A 102 11.88 0.00 -9.70
CA ALA A 102 10.48 0.28 -9.41
C ALA A 102 10.34 1.74 -8.97
N GLY A 103 11.41 2.30 -8.42
CA GLY A 103 11.35 3.68 -7.97
C GLY A 103 10.55 3.80 -6.67
N LEU A 104 10.34 2.66 -6.02
CA LEU A 104 9.57 2.64 -4.76
C LEU A 104 10.44 2.09 -3.63
N GLN A 105 9.80 1.64 -2.55
CA GLN A 105 10.55 1.09 -1.42
C GLN A 105 9.69 0.11 -0.64
N PHE A 106 9.20 -0.94 -1.30
CA PHE A 106 8.37 -1.94 -0.63
C PHE A 106 8.75 -3.35 -1.11
N PRO A 107 8.66 -4.35 -0.25
CA PRO A 107 9.01 -5.76 -0.63
C PRO A 107 8.49 -6.16 -1.99
N VAL A 108 9.33 -6.01 -3.00
CA VAL A 108 8.92 -6.37 -4.34
C VAL A 108 8.97 -7.89 -4.52
N GLY A 109 9.93 -8.55 -3.88
CA GLY A 109 10.06 -10.00 -4.01
C GLY A 109 9.19 -10.73 -2.98
N ARG A 110 9.08 -10.15 -1.78
CA ARG A 110 8.26 -10.80 -0.75
C ARG A 110 6.79 -10.72 -1.14
N ILE A 111 6.35 -9.58 -1.65
CA ILE A 111 4.95 -9.48 -2.07
C ILE A 111 4.77 -10.26 -3.37
N LYS A 112 5.67 -10.05 -4.33
CA LYS A 112 5.55 -10.80 -5.56
C LYS A 112 5.54 -12.28 -5.20
N ARG A 113 6.06 -12.59 -4.01
CA ARG A 113 6.04 -13.98 -3.56
C ARG A 113 4.62 -14.29 -3.08
N TYR A 114 3.94 -13.28 -2.56
CA TYR A 114 2.59 -13.48 -2.08
C TYR A 114 1.65 -13.61 -3.27
N LEU A 115 2.01 -12.95 -4.37
CA LEU A 115 1.20 -13.02 -5.58
C LEU A 115 1.61 -14.24 -6.40
N LYS A 116 2.90 -14.44 -6.56
CA LYS A 116 3.36 -15.58 -7.34
C LYS A 116 2.86 -16.89 -6.71
N ARG A 117 2.63 -16.87 -5.40
CA ARG A 117 2.15 -18.08 -4.72
C ARG A 117 0.62 -18.07 -4.59
N HIS A 118 0.01 -16.88 -4.54
CA HIS A 118 -1.45 -16.79 -4.42
C HIS A 118 -2.11 -16.62 -5.78
N ALA A 119 -1.39 -16.03 -6.74
CA ALA A 119 -1.98 -15.88 -8.06
C ALA A 119 -2.04 -17.25 -8.73
N THR A 120 -2.21 -18.30 -7.92
CA THR A 120 -2.29 -19.66 -8.42
C THR A 120 -0.91 -20.16 -8.84
N GLY A 121 -0.03 -19.27 -9.29
CA GLY A 121 1.31 -19.70 -9.71
C GLY A 121 1.42 -19.75 -11.23
N ARG A 122 0.53 -20.50 -11.87
CA ARG A 122 0.57 -20.58 -13.33
C ARG A 122 0.68 -19.16 -13.91
N THR A 123 0.36 -18.18 -13.07
CA THR A 123 0.43 -16.80 -13.50
C THR A 123 1.78 -16.48 -14.10
N ARG A 124 2.02 -15.19 -14.29
CA ARG A 124 3.29 -14.71 -14.85
C ARG A 124 3.75 -13.47 -14.09
N VAL A 125 2.91 -12.99 -13.16
CA VAL A 125 3.25 -11.79 -12.38
C VAL A 125 3.90 -10.74 -13.28
N GLY A 126 3.27 -10.41 -14.38
CA GLY A 126 3.85 -9.40 -15.27
C GLY A 126 4.25 -8.15 -14.48
N SER A 127 5.21 -7.40 -15.01
CA SER A 127 5.67 -6.18 -14.34
C SER A 127 4.51 -5.18 -14.17
N LYS A 128 3.32 -5.56 -14.60
CA LYS A 128 2.17 -4.67 -14.50
C LYS A 128 1.32 -4.98 -13.25
N ALA A 129 1.89 -5.68 -12.26
CA ALA A 129 1.09 -6.02 -11.05
C ALA A 129 1.88 -5.82 -9.75
N ALA A 130 2.85 -6.70 -9.48
CA ALA A 130 3.63 -6.58 -8.24
C ALA A 130 3.90 -5.12 -7.90
N ILE A 131 4.22 -4.34 -8.92
CA ILE A 131 4.48 -2.93 -8.69
C ILE A 131 3.18 -2.20 -8.32
N TYR A 132 2.07 -2.53 -8.97
CA TYR A 132 0.83 -1.85 -8.67
C TYR A 132 0.48 -2.01 -7.19
N LEU A 133 1.03 -3.03 -6.55
CA LEU A 133 0.73 -3.27 -5.13
C LEU A 133 1.79 -2.67 -4.22
N THR A 134 2.99 -2.48 -4.73
CA THR A 134 4.03 -1.87 -3.91
C THR A 134 3.82 -0.37 -3.98
N ALA A 135 3.07 0.03 -5.00
CA ALA A 135 2.76 1.44 -5.16
C ALA A 135 1.53 1.80 -4.34
N VAL A 136 0.46 1.01 -4.45
CA VAL A 136 -0.73 1.35 -3.66
C VAL A 136 -0.42 1.23 -2.16
N LEU A 137 0.40 0.25 -1.79
CA LEU A 137 0.73 0.11 -0.36
C LEU A 137 1.64 1.27 0.08
N GLU A 138 2.84 1.36 -0.49
CA GLU A 138 3.75 2.45 -0.11
C GLU A 138 3.00 3.78 0.01
N TYR A 139 1.90 3.91 -0.72
CA TYR A 139 1.11 5.13 -0.69
C TYR A 139 0.15 5.12 0.51
N LEU A 140 -0.71 4.13 0.58
CA LEU A 140 -1.66 4.06 1.68
C LEU A 140 -0.96 3.68 2.97
N THR A 141 0.21 3.04 2.86
CA THR A 141 0.94 2.67 4.06
C THR A 141 1.67 3.89 4.60
N ALA A 142 2.35 4.61 3.72
CA ALA A 142 3.07 5.80 4.16
C ALA A 142 2.09 6.91 4.54
N GLU A 143 0.82 6.75 4.14
CA GLU A 143 -0.19 7.76 4.47
C GLU A 143 -0.79 7.49 5.85
N VAL A 144 -1.13 6.23 6.15
CA VAL A 144 -1.71 5.96 7.46
C VAL A 144 -0.68 6.26 8.55
N LEU A 145 0.58 5.92 8.28
CA LEU A 145 1.62 6.18 9.28
C LEU A 145 2.01 7.66 9.31
N GLU A 146 2.07 8.30 8.15
CA GLU A 146 2.44 9.71 8.11
C GLU A 146 1.46 10.52 8.99
N LEU A 147 0.18 10.19 8.92
CA LEU A 147 -0.82 10.91 9.71
C LEU A 147 -0.67 10.57 11.20
N ALA A 148 -0.93 9.32 11.56
CA ALA A 148 -0.83 8.93 12.96
C ALA A 148 0.54 9.26 13.54
N GLY A 149 1.51 9.56 12.67
CA GLY A 149 2.85 9.88 13.17
C GLY A 149 2.99 11.36 13.52
N ASN A 150 3.00 12.22 12.50
CA ASN A 150 3.16 13.65 12.75
C ASN A 150 2.06 14.17 13.69
N ALA A 151 1.02 13.38 13.92
CA ALA A 151 -0.08 13.81 14.80
C ALA A 151 0.03 13.20 16.19
N ALA A 152 0.39 11.92 16.27
CA ALA A 152 0.49 11.28 17.58
C ALA A 152 1.79 11.66 18.28
N LYS A 153 2.66 12.44 17.62
CA LYS A 153 3.94 12.83 18.23
C LYS A 153 3.94 14.30 18.64
N ASP A 154 3.53 15.18 17.73
CA ASP A 154 3.52 16.60 18.06
C ASP A 154 2.39 16.89 19.03
N LEU A 155 1.40 16.01 19.07
CA LEU A 155 0.26 16.20 19.97
C LEU A 155 0.42 15.39 21.25
N LYS A 156 1.32 14.39 21.26
CA LYS A 156 1.48 13.60 22.48
C LYS A 156 2.81 12.84 22.50
N VAL A 157 2.89 11.69 21.81
CA VAL A 157 4.14 10.92 21.84
C VAL A 157 4.27 10.01 20.62
N LYS A 158 5.46 9.97 20.05
CA LYS A 158 5.73 9.14 18.89
C LYS A 158 5.10 7.75 19.05
N ARG A 159 4.88 7.36 20.30
CA ARG A 159 4.30 6.04 20.53
C ARG A 159 2.85 5.99 20.06
N ILE A 160 2.64 5.65 18.79
CA ILE A 160 1.28 5.58 18.26
C ILE A 160 0.50 4.46 18.97
N THR A 161 -0.82 4.49 18.86
CA THR A 161 -1.65 3.46 19.49
C THR A 161 -3.00 3.37 18.76
N PRO A 162 -3.65 2.23 18.76
CA PRO A 162 -4.99 2.09 18.09
C PRO A 162 -5.90 3.27 18.39
N ARG A 163 -5.52 4.09 19.37
CA ARG A 163 -6.32 5.26 19.71
C ARG A 163 -6.04 6.39 18.73
N HIS A 164 -4.77 6.72 18.55
CA HIS A 164 -4.43 7.77 17.62
C HIS A 164 -4.89 7.35 16.23
N LEU A 165 -5.12 6.05 16.07
CA LEU A 165 -5.60 5.55 14.79
C LEU A 165 -7.12 5.70 14.76
N GLN A 166 -7.77 5.52 15.91
CA GLN A 166 -9.22 5.68 15.95
C GLN A 166 -9.58 7.08 15.42
N LEU A 167 -8.77 8.08 15.73
CA LEU A 167 -9.06 9.43 15.26
C LEU A 167 -8.57 9.62 13.83
N ALA A 168 -7.43 9.03 13.54
CA ALA A 168 -6.85 9.17 12.20
C ALA A 168 -7.53 8.23 11.21
N ILE A 169 -8.15 7.17 11.71
CA ILE A 169 -8.86 6.23 10.83
C ILE A 169 -10.32 6.65 10.74
N ARG A 170 -11.04 6.59 11.85
CA ARG A 170 -12.43 7.00 11.80
C ARG A 170 -12.50 8.45 11.35
N GLY A 171 -11.40 9.19 11.52
CA GLY A 171 -11.39 10.58 11.07
C GLY A 171 -11.82 10.63 9.61
N ASP A 172 -10.91 10.26 8.70
CA ASP A 172 -11.24 10.28 7.29
C ASP A 172 -12.36 9.26 7.01
N ASP A 173 -13.56 9.76 6.70
CA ASP A 173 -14.69 8.87 6.44
C ASP A 173 -14.37 7.83 5.36
N GLU A 174 -13.81 8.28 4.24
CA GLU A 174 -13.51 7.33 3.16
C GLU A 174 -12.60 6.21 3.67
N LEU A 175 -11.36 6.55 4.04
CA LEU A 175 -10.43 5.54 4.54
C LEU A 175 -11.14 4.61 5.52
N ASP A 176 -11.72 5.18 6.57
CA ASP A 176 -12.43 4.36 7.56
C ASP A 176 -13.30 3.33 6.85
N SER A 177 -14.23 3.83 6.04
CA SER A 177 -15.11 2.92 5.32
C SER A 177 -14.28 1.87 4.59
N LEU A 178 -12.96 2.10 4.48
CA LEU A 178 -12.10 1.16 3.78
C LEU A 178 -11.13 0.45 4.77
N ILE A 179 -10.64 1.16 5.79
CA ILE A 179 -9.71 0.54 6.76
C ILE A 179 -10.47 -0.08 7.93
N ARG A 180 -11.77 -0.10 7.82
CA ARG A 180 -12.59 -0.69 8.88
C ARG A 180 -12.26 -2.19 9.07
N ALA A 181 -11.02 -2.57 8.77
CA ALA A 181 -10.64 -3.98 8.91
C ALA A 181 -10.51 -4.40 10.39
N THR A 182 -9.42 -4.00 11.06
CA THR A 182 -9.20 -4.40 12.46
C THR A 182 -9.33 -3.21 13.41
N ILE A 183 -10.27 -2.31 13.13
CA ILE A 183 -10.44 -1.17 14.03
C ILE A 183 -11.06 -1.69 15.34
N ALA A 184 -10.36 -2.63 15.97
CA ALA A 184 -10.85 -3.23 17.22
C ALA A 184 -9.85 -3.04 18.35
N SER A 185 -9.79 -1.85 18.91
CA SER A 185 -8.87 -1.61 20.01
C SER A 185 -8.92 -0.13 20.44
N GLY A 186 -9.31 0.74 19.51
CA GLY A 186 -9.41 2.17 19.82
C GLY A 186 -10.70 2.75 19.25
N GLY A 187 -11.25 2.09 18.22
CA GLY A 187 -12.49 2.56 17.60
C GLY A 187 -13.64 2.47 18.59
N VAL A 188 -13.42 2.98 19.77
CA VAL A 188 -14.42 2.96 20.82
C VAL A 188 -15.49 4.02 20.60
N LEU A 189 -15.22 4.92 19.65
CA LEU A 189 -16.16 6.00 19.36
C LEU A 189 -17.63 5.51 19.42
N PRO A 190 -18.03 4.55 18.61
CA PRO A 190 -19.43 4.04 18.63
C PRO A 190 -19.87 3.60 20.03
N HIS A 191 -19.51 2.39 20.42
CA HIS A 191 -19.87 1.88 21.74
C HIS A 191 -18.94 0.74 22.16
N ILE A 192 -18.88 -0.31 21.33
CA ILE A 192 -18.03 -1.46 21.65
C ILE A 192 -16.70 -1.34 20.90
N THR B 1 25.67 -14.14 4.07
CA THR B 1 25.00 -14.18 5.41
C THR B 1 24.31 -12.84 5.66
N VAL B 2 23.19 -12.60 4.98
CA VAL B 2 22.47 -11.35 5.16
C VAL B 2 21.95 -11.23 6.60
N GLU B 3 21.23 -10.16 6.88
CA GLU B 3 20.68 -9.97 8.22
C GLU B 3 19.50 -9.00 8.16
N ASP B 4 19.47 -8.17 7.12
CA ASP B 4 18.38 -7.22 6.93
C ASP B 4 17.82 -7.38 5.53
N SER B 5 18.58 -8.03 4.66
CA SER B 5 18.13 -8.25 3.29
C SER B 5 18.01 -6.92 2.55
N GLU B 6 17.13 -6.04 3.01
CA GLU B 6 16.97 -4.76 2.35
C GLU B 6 16.58 -4.95 0.89
N SER B 7 15.71 -5.93 0.62
CA SER B 7 15.28 -6.18 -0.76
C SER B 7 16.49 -6.19 -1.71
N ASP B 8 17.59 -6.78 -1.27
CA ASP B 8 18.78 -6.83 -2.11
C ASP B 8 18.53 -7.72 -3.33
N MET B 9 17.37 -7.59 -3.95
CA MET B 9 17.05 -8.40 -5.12
C MET B 9 17.17 -9.90 -4.82
N ASP B 10 17.58 -10.25 -3.61
CA ASP B 10 17.70 -11.66 -3.26
C ASP B 10 16.32 -12.28 -3.05
N ASP B 11 15.40 -12.02 -3.97
CA ASP B 11 14.04 -12.57 -3.85
C ASP B 11 13.34 -12.58 -5.21
N ALA B 12 13.28 -11.42 -5.86
CA ALA B 12 12.63 -11.34 -7.16
C ALA B 12 13.03 -12.51 -8.05
N LYS B 13 14.25 -12.44 -8.60
CA LYS B 13 14.76 -13.51 -9.49
C LYS B 13 14.16 -14.89 -9.17
N LEU B 14 14.43 -15.39 -7.98
CA LEU B 14 13.90 -16.71 -7.62
C LEU B 14 12.42 -16.82 -7.97
N ASP B 15 11.65 -15.82 -7.57
CA ASP B 15 10.21 -15.83 -7.87
C ASP B 15 9.93 -15.04 -9.15
N ALA B 16 10.99 -14.62 -9.84
CA ALA B 16 10.86 -13.87 -11.09
C ALA B 16 11.66 -14.56 -12.20
N LEU B 17 11.93 -15.85 -12.02
CA LEU B 17 12.67 -16.56 -13.03
C LEU B 17 11.80 -16.71 -14.27
N MET B 18 10.50 -16.51 -14.08
CA MET B 18 9.55 -16.60 -15.18
C MET B 18 9.05 -15.20 -15.53
N GLY B 19 9.82 -14.19 -15.17
CA GLY B 19 9.43 -12.82 -15.45
C GLY B 19 9.36 -12.54 -16.95
N ASN B 20 8.22 -12.85 -17.57
CA ASN B 20 8.06 -12.60 -19.01
C ASN B 20 7.22 -11.34 -19.23
N GLU B 21 6.07 -11.27 -18.55
CA GLU B 21 5.20 -10.11 -18.70
C GLU B 21 4.60 -10.07 -20.10
N GLY B 22 5.43 -10.33 -21.11
CA GLY B 22 4.93 -10.33 -22.48
C GLY B 22 4.54 -8.93 -22.95
N GLU B 23 3.29 -8.56 -22.71
CA GLU B 23 2.82 -7.26 -23.16
C GLU B 23 3.57 -6.10 -22.47
N GLU B 24 4.71 -6.40 -21.83
CA GLU B 24 5.48 -5.35 -21.16
C GLU B 24 5.46 -4.04 -21.97
N GLU B 25 5.57 -4.15 -23.28
CA GLU B 25 5.55 -2.97 -24.10
C GLU B 25 4.28 -2.17 -23.81
N GLU B 26 4.47 -0.94 -23.39
CA GLU B 26 3.35 -0.09 -23.08
C GLU B 26 2.38 -0.80 -22.13
N ASP B 27 2.92 -1.69 -21.29
CA ASP B 27 2.07 -2.42 -20.34
C ASP B 27 0.99 -1.51 -19.77
N ASP B 28 1.39 -0.59 -18.89
CA ASP B 28 0.44 0.33 -18.28
C ASP B 28 1.17 1.58 -17.81
N LEU B 29 1.34 2.55 -18.71
CA LEU B 29 2.03 3.79 -18.35
C LEU B 29 1.36 4.99 -19.03
N ALA B 30 0.03 4.94 -19.15
CA ALA B 30 -0.69 6.05 -19.78
C ALA B 30 -2.10 6.18 -19.21
N GLU B 31 -2.20 6.45 -17.91
CA GLU B 31 -3.51 6.59 -17.27
C GLU B 31 -3.50 7.79 -16.33
N ILE B 32 -2.47 8.63 -16.44
CA ILE B 32 -2.39 9.80 -15.57
C ILE B 32 -3.52 10.77 -15.92
N ASP B 33 -4.75 10.36 -15.63
CA ASP B 33 -5.90 11.21 -15.93
C ASP B 33 -6.18 12.14 -14.75
N THR B 34 -5.50 11.89 -13.63
CA THR B 34 -5.69 12.73 -12.45
C THR B 34 -5.12 14.13 -12.70
N SER B 35 -4.45 14.29 -13.85
CA SER B 35 -3.85 15.56 -14.23
C SER B 35 -3.38 16.38 -13.02
N ASN B 36 -2.80 15.70 -12.02
CA ASN B 36 -2.34 16.41 -10.84
C ASN B 36 -3.52 17.08 -10.13
N ILE B 37 -4.66 17.21 -10.81
CA ILE B 37 -5.82 17.83 -10.19
C ILE B 37 -6.05 17.25 -8.80
N ILE B 38 -5.77 15.95 -8.63
CA ILE B 38 -5.95 15.34 -7.32
C ILE B 38 -4.97 14.18 -7.12
N THR B 39 -4.18 14.23 -6.04
CA THR B 39 -3.21 13.17 -5.79
C THR B 39 -2.97 13.00 -4.30
N SER B 40 -1.91 12.27 -3.93
CA SER B 40 -1.61 12.05 -2.52
C SER B 40 -0.22 11.44 -2.36
N GLY B 41 -0.03 10.66 -1.30
CA GLY B 41 1.27 10.03 -1.08
C GLY B 41 2.39 11.07 -0.94
N ARG B 42 2.06 12.34 -1.12
CA ARG B 42 3.09 13.37 -1.00
C ARG B 42 2.48 14.78 -1.06
N ARG B 43 1.16 14.88 -0.95
CA ARG B 43 0.53 16.20 -0.99
C ARG B 43 0.77 16.93 0.33
N THR B 44 1.92 16.70 0.94
CA THR B 44 2.24 17.37 2.20
C THR B 44 1.05 17.28 3.17
N ARG B 45 0.84 16.09 3.75
CA ARG B 45 -0.27 15.91 4.70
C ARG B 45 0.20 15.10 5.91
N GLY B 46 0.90 15.76 6.82
CA GLY B 46 1.40 15.09 8.03
C GLY B 46 0.86 15.78 9.28
N LYS B 47 -0.45 15.78 9.44
CA LYS B 47 -1.05 16.43 10.60
C LYS B 47 -2.56 16.14 10.65
N VAL B 48 -3.12 16.11 11.84
CA VAL B 48 -4.56 15.85 11.97
C VAL B 48 -5.00 15.97 13.44
N ILE B 49 -5.61 17.09 13.78
CA ILE B 49 -6.09 17.30 15.16
C ILE B 49 -6.63 15.99 15.75
N ASP B 50 -5.94 15.45 16.76
CA ASP B 50 -6.38 14.20 17.39
C ASP B 50 -7.03 14.47 18.74
N TYR B 51 -8.36 14.62 18.77
CA TYR B 51 -9.03 14.86 20.05
C TYR B 51 -10.56 14.70 19.91
N LYS B 52 -10.97 13.61 19.28
CA LYS B 52 -12.41 13.31 19.11
C LYS B 52 -13.12 14.40 18.29
N LYS B 53 -12.98 15.65 18.71
CA LYS B 53 -13.63 16.74 17.99
C LYS B 53 -13.43 16.57 16.49
N THR B 54 -12.25 16.12 16.11
CA THR B 54 -11.98 15.92 14.70
C THR B 54 -12.98 14.91 14.10
N ALA B 55 -12.96 13.68 14.58
CA ALA B 55 -13.88 12.67 14.07
C ALA B 55 -15.29 13.25 13.91
N GLU B 56 -15.59 14.29 14.67
CA GLU B 56 -16.92 14.90 14.56
C GLU B 56 -16.98 15.84 13.36
N GLU B 57 -16.52 17.08 13.55
CA GLU B 57 -16.53 18.03 12.46
C GLU B 57 -15.90 17.41 11.21
N LEU B 58 -14.85 16.62 11.41
CA LEU B 58 -14.19 16.00 10.27
C LEU B 58 -15.10 15.00 9.57
N ASP B 59 -15.58 13.99 10.28
CA ASP B 59 -16.44 13.00 9.63
C ASP B 59 -17.58 13.70 8.88
N LYS B 60 -17.86 14.96 9.23
CA LYS B 60 -18.94 15.70 8.56
C LYS B 60 -18.36 16.81 7.69
N LYS B 61 -17.04 16.92 7.65
CA LYS B 61 -16.41 17.96 6.85
C LYS B 61 -17.04 19.31 7.19
N GLU B 62 -17.81 19.32 8.27
CA GLU B 62 -18.45 20.55 8.71
C GLU B 62 -17.42 21.69 8.75
N ARG A 1 5.33 -15.21 6.03
CA ARG A 1 4.38 -15.26 7.18
C ARG A 1 4.94 -14.42 8.33
N LYS A 2 6.05 -14.85 8.91
CA LYS A 2 6.65 -14.12 10.01
C LYS A 2 7.41 -12.91 9.47
N GLU A 3 7.97 -12.09 10.38
CA GLU A 3 8.73 -10.92 9.96
C GLU A 3 7.83 -9.90 9.26
N THR A 4 6.92 -10.39 8.40
CA THR A 4 5.99 -9.51 7.68
C THR A 4 6.65 -8.17 7.33
N TYR A 5 5.87 -7.11 7.22
CA TYR A 5 6.46 -5.82 6.90
C TYR A 5 7.12 -5.24 8.13
N SER A 6 8.27 -5.80 8.51
CA SER A 6 8.99 -5.33 9.69
C SER A 6 10.20 -4.48 9.29
N SER A 7 11.09 -5.04 8.49
CA SER A 7 12.28 -4.29 8.09
C SER A 7 11.95 -3.18 7.08
N TYR A 8 11.70 -3.56 5.82
CA TYR A 8 11.41 -2.56 4.78
C TYR A 8 10.49 -1.46 5.30
N ILE A 9 9.55 -1.79 6.18
CA ILE A 9 8.68 -0.73 6.69
C ILE A 9 9.49 0.11 7.66
N TYR A 10 10.32 -0.57 8.46
CA TYR A 10 11.16 0.17 9.41
C TYR A 10 11.89 1.25 8.65
N LYS A 11 11.98 1.05 7.34
CA LYS A 11 12.64 2.03 6.50
C LYS A 11 11.61 3.07 6.08
N VAL A 12 10.36 2.64 5.92
CA VAL A 12 9.32 3.59 5.57
C VAL A 12 8.86 4.27 6.86
N LEU A 13 9.32 3.71 7.96
CA LEU A 13 8.99 4.22 9.28
C LEU A 13 9.98 5.32 9.66
N LYS A 14 11.25 5.10 9.33
CA LYS A 14 12.26 6.10 9.64
C LYS A 14 12.22 7.20 8.58
N GLN A 15 11.96 6.78 7.35
CA GLN A 15 11.89 7.74 6.24
C GLN A 15 10.67 8.65 6.40
N THR A 16 9.48 8.07 6.54
CA THR A 16 8.29 8.88 6.72
C THR A 16 8.50 9.82 7.91
N HIS A 17 9.20 9.32 8.93
CA HIS A 17 9.47 10.13 10.11
C HIS A 17 10.60 9.47 10.92
N PRO A 18 11.55 10.22 11.42
CA PRO A 18 12.69 9.63 12.21
C PRO A 18 12.28 9.30 13.65
N ASP A 19 11.09 9.75 14.05
CA ASP A 19 10.62 9.50 15.42
C ASP A 19 9.31 8.70 15.37
N THR A 20 9.39 7.48 14.85
CA THR A 20 8.20 6.64 14.75
C THR A 20 8.55 5.20 15.05
N GLY A 21 8.49 4.83 16.33
CA GLY A 21 8.80 3.45 16.73
C GLY A 21 7.56 2.59 16.52
N ILE A 22 6.48 3.24 16.12
CA ILE A 22 5.20 2.59 15.86
C ILE A 22 4.88 1.42 16.79
N SER A 23 3.75 1.52 17.49
CA SER A 23 3.33 0.45 18.40
C SER A 23 3.24 -0.89 17.67
N GLN A 24 3.50 -1.98 18.39
CA GLN A 24 3.44 -3.29 17.77
C GLN A 24 2.11 -3.48 17.06
N LYS A 25 1.00 -3.19 17.75
CA LYS A 25 -0.30 -3.35 17.13
C LYS A 25 -0.47 -2.33 16.01
N SER A 26 -0.03 -1.10 16.23
CA SER A 26 -0.15 -0.12 15.15
C SER A 26 0.59 -0.69 13.94
N MET A 27 1.54 -1.56 14.26
CA MET A 27 2.31 -2.24 13.21
C MET A 27 1.48 -3.44 12.72
N SER A 28 0.53 -3.88 13.55
CA SER A 28 -0.32 -5.00 13.19
C SER A 28 -1.53 -4.49 12.41
N ILE A 29 -2.02 -3.31 12.80
CA ILE A 29 -3.15 -2.72 12.12
C ILE A 29 -2.75 -2.32 10.72
N LEU A 30 -1.65 -1.60 10.61
CA LEU A 30 -1.20 -1.24 9.27
C LEU A 30 -0.91 -2.55 8.53
N ASN A 31 -0.03 -3.38 9.11
CA ASN A 31 0.30 -4.64 8.48
C ASN A 31 -0.97 -5.44 8.19
N SER A 32 -1.94 -5.38 9.09
CA SER A 32 -3.18 -6.10 8.85
C SER A 32 -3.94 -5.45 7.71
N PHE A 33 -3.88 -4.12 7.66
CA PHE A 33 -4.56 -3.42 6.58
C PHE A 33 -3.81 -3.74 5.30
N VAL A 34 -2.59 -3.27 5.24
CA VAL A 34 -1.69 -3.52 4.13
C VAL A 34 -1.86 -4.98 3.70
N ASN A 35 -2.06 -5.86 4.68
CA ASN A 35 -2.21 -7.26 4.36
C ASN A 35 -3.65 -7.53 3.91
N ASP A 36 -4.59 -6.85 4.56
CA ASP A 36 -5.98 -7.05 4.19
C ASP A 36 -6.28 -6.35 2.87
N ILE A 37 -5.81 -5.11 2.70
CA ILE A 37 -6.07 -4.44 1.45
C ILE A 37 -5.27 -5.13 0.34
N PHE A 38 -4.20 -5.82 0.73
CA PHE A 38 -3.43 -6.52 -0.27
C PHE A 38 -4.29 -7.68 -0.78
N GLU A 39 -5.07 -8.26 0.12
CA GLU A 39 -5.92 -9.38 -0.27
C GLU A 39 -7.14 -8.88 -1.04
N ARG A 40 -7.91 -7.97 -0.44
CA ARG A 40 -9.10 -7.46 -1.12
C ARG A 40 -8.78 -7.12 -2.59
N ILE A 41 -7.63 -6.51 -2.81
CA ILE A 41 -7.27 -6.15 -4.18
C ILE A 41 -6.93 -7.43 -4.96
N ALA A 42 -5.78 -8.00 -4.65
CA ALA A 42 -5.33 -9.22 -5.33
C ALA A 42 -6.37 -10.34 -5.23
N THR A 43 -7.34 -10.20 -4.35
CA THR A 43 -8.37 -11.23 -4.24
C THR A 43 -9.36 -11.02 -5.36
N GLU A 44 -9.88 -9.81 -5.48
CA GLU A 44 -10.80 -9.55 -6.56
C GLU A 44 -10.06 -9.64 -7.89
N ALA A 45 -8.81 -9.20 -7.92
CA ALA A 45 -8.08 -9.30 -9.16
C ALA A 45 -8.00 -10.77 -9.52
N SER A 46 -7.60 -11.57 -8.54
CA SER A 46 -7.53 -13.00 -8.76
C SER A 46 -8.92 -13.58 -9.04
N LYS A 47 -9.98 -12.80 -8.78
CA LYS A 47 -11.33 -13.30 -9.04
C LYS A 47 -11.69 -13.12 -10.51
N LEU A 48 -11.76 -11.87 -10.94
CA LEU A 48 -12.10 -11.59 -12.34
C LEU A 48 -10.95 -11.99 -13.25
N ALA A 49 -9.87 -12.51 -12.66
CA ALA A 49 -8.70 -12.94 -13.43
C ALA A 49 -8.56 -14.47 -13.43
N ALA A 50 -8.95 -15.12 -12.32
CA ALA A 50 -8.83 -16.58 -12.27
C ALA A 50 -10.08 -17.22 -12.87
N TYR A 51 -11.21 -16.54 -12.73
CA TYR A 51 -12.45 -17.05 -13.28
C TYR A 51 -12.58 -16.63 -14.74
N ASN A 52 -11.98 -15.49 -15.09
CA ASN A 52 -12.06 -15.03 -16.47
C ASN A 52 -11.02 -15.76 -17.35
N LYS A 53 -10.29 -16.69 -16.72
CA LYS A 53 -9.25 -17.44 -17.42
C LYS A 53 -8.10 -16.53 -17.74
N LYS A 54 -8.29 -15.24 -17.54
CA LYS A 54 -7.22 -14.32 -17.83
C LYS A 54 -5.94 -14.83 -17.17
N SER A 55 -6.04 -15.15 -15.87
CA SER A 55 -4.90 -15.69 -15.14
C SER A 55 -3.79 -14.64 -15.07
N THR A 56 -3.45 -14.08 -16.22
CA THR A 56 -2.40 -13.06 -16.23
C THR A 56 -2.84 -11.86 -15.39
N ILE A 57 -2.33 -11.75 -14.17
CA ILE A 57 -2.73 -10.61 -13.33
C ILE A 57 -2.08 -9.33 -13.85
N SER A 58 -2.81 -8.62 -14.70
CA SER A 58 -2.29 -7.39 -15.30
C SER A 58 -2.70 -6.16 -14.46
N ALA A 59 -2.05 -5.04 -14.73
CA ALA A 59 -2.36 -3.80 -14.02
C ALA A 59 -3.87 -3.50 -14.12
N ARG A 60 -4.47 -3.93 -15.23
CA ARG A 60 -5.90 -3.69 -15.44
C ARG A 60 -6.76 -4.54 -14.50
N GLU A 61 -6.25 -5.70 -14.08
CA GLU A 61 -7.03 -6.55 -13.19
C GLU A 61 -7.08 -5.91 -11.80
N ILE A 62 -5.91 -5.58 -11.29
CA ILE A 62 -5.83 -4.96 -9.99
C ILE A 62 -6.41 -3.54 -10.05
N GLN A 63 -6.23 -2.85 -11.18
CA GLN A 63 -6.79 -1.50 -11.28
C GLN A 63 -8.28 -1.56 -11.01
N THR A 64 -9.00 -2.42 -11.73
CA THR A 64 -10.43 -2.53 -11.51
C THR A 64 -10.69 -2.73 -10.01
N ALA A 65 -10.17 -3.81 -9.45
CA ALA A 65 -10.37 -4.04 -8.02
C ALA A 65 -10.02 -2.76 -7.26
N VAL A 66 -8.77 -2.31 -7.37
CA VAL A 66 -8.38 -1.07 -6.71
C VAL A 66 -9.45 0.01 -6.98
N ARG A 67 -9.98 0.06 -8.19
CA ARG A 67 -10.99 1.06 -8.51
C ARG A 67 -12.28 0.77 -7.75
N LEU A 68 -12.54 -0.50 -7.49
CA LEU A 68 -13.77 -0.87 -6.75
C LEU A 68 -13.52 -0.75 -5.25
N ILE A 69 -12.26 -0.86 -4.87
CA ILE A 69 -11.90 -0.77 -3.45
C ILE A 69 -11.95 0.67 -2.95
N LEU A 70 -11.12 1.49 -3.56
CA LEU A 70 -11.02 2.88 -3.15
C LEU A 70 -12.22 3.66 -3.69
N PRO A 71 -12.61 4.72 -3.03
CA PRO A 71 -13.77 5.54 -3.46
C PRO A 71 -13.60 6.12 -4.87
N GLY A 72 -12.36 6.36 -5.26
CA GLY A 72 -12.08 6.94 -6.57
C GLY A 72 -10.93 7.94 -6.48
N GLU A 73 -11.19 9.11 -5.88
CA GLU A 73 -10.12 10.10 -5.73
C GLU A 73 -8.86 9.41 -5.22
N LEU A 74 -9.00 8.74 -4.08
CA LEU A 74 -7.86 8.01 -3.54
C LEU A 74 -7.32 7.09 -4.65
N ALA A 75 -8.23 6.41 -5.34
CA ALA A 75 -7.82 5.54 -6.45
C ALA A 75 -7.05 6.36 -7.50
N LYS A 76 -7.67 7.45 -7.98
CA LYS A 76 -7.03 8.30 -9.01
C LYS A 76 -5.53 8.41 -8.75
N HIS A 77 -5.14 8.71 -7.52
CA HIS A 77 -3.71 8.80 -7.25
C HIS A 77 -3.13 7.39 -7.22
N ALA A 78 -3.85 6.45 -6.64
CA ALA A 78 -3.34 5.08 -6.59
C ALA A 78 -3.13 4.53 -8.00
N VAL A 79 -4.02 4.88 -8.93
CA VAL A 79 -3.88 4.40 -10.30
C VAL A 79 -2.77 5.17 -11.00
N SER A 80 -2.80 6.49 -10.90
CA SER A 80 -1.77 7.29 -11.54
C SER A 80 -0.38 6.96 -10.99
N GLU A 81 -0.26 6.94 -9.66
CA GLU A 81 1.03 6.63 -9.05
C GLU A 81 1.49 5.22 -9.45
N GLY A 82 0.54 4.31 -9.64
CA GLY A 82 0.89 2.95 -10.02
C GLY A 82 1.29 2.90 -11.50
N THR A 83 0.70 3.78 -12.30
CA THR A 83 1.03 3.80 -13.72
C THR A 83 2.37 4.52 -13.92
N ARG A 84 2.42 5.78 -13.53
CA ARG A 84 3.66 6.54 -13.64
C ARG A 84 4.83 5.70 -13.10
N ALA A 85 4.57 4.93 -12.06
CA ALA A 85 5.62 4.08 -11.51
C ALA A 85 5.96 3.00 -12.54
N VAL A 86 4.94 2.42 -13.17
CA VAL A 86 5.20 1.40 -14.17
C VAL A 86 6.17 1.98 -15.22
N THR A 87 5.87 3.18 -15.70
CA THR A 87 6.74 3.81 -16.68
C THR A 87 8.15 3.87 -16.16
N LYS A 88 8.40 4.74 -15.20
CA LYS A 88 9.75 4.83 -14.66
C LYS A 88 10.30 3.43 -14.37
N TYR A 89 9.52 2.63 -13.69
CA TYR A 89 9.94 1.28 -13.35
C TYR A 89 10.52 0.55 -14.56
N SER A 90 9.83 0.59 -15.69
CA SER A 90 10.34 -0.13 -16.88
C SER A 90 10.95 0.83 -17.93
N SER A 91 10.74 2.13 -17.76
CA SER A 91 11.29 3.08 -18.74
C SER A 91 12.74 3.43 -18.38
N SER A 92 13.16 3.04 -17.19
CA SER A 92 14.52 3.34 -16.77
C SER A 92 15.52 2.54 -17.61
N THR A 93 16.61 2.07 -16.98
CA THR A 93 17.60 1.29 -17.72
C THR A 93 17.17 -0.15 -17.83
N GLN A 94 15.90 -0.43 -17.53
CA GLN A 94 15.43 -1.81 -17.60
C GLN A 94 16.27 -2.68 -16.68
N ALA A 95 17.26 -2.09 -16.02
CA ALA A 95 18.12 -2.86 -15.13
C ALA A 95 18.60 -1.98 -13.97
N GLN A 96 17.96 -2.12 -12.82
CA GLN A 96 18.34 -1.33 -11.66
C GLN A 96 17.62 -1.86 -10.42
N SER A 97 17.56 -3.18 -10.28
CA SER A 97 16.92 -3.79 -9.12
C SER A 97 15.48 -3.29 -8.94
N SER A 98 14.54 -4.22 -9.01
CA SER A 98 13.15 -3.82 -8.85
C SER A 98 12.96 -3.12 -7.51
N SER A 99 13.83 -3.44 -6.55
CA SER A 99 13.71 -2.80 -5.25
C SER A 99 14.31 -1.39 -5.30
N ALA A 100 14.65 -0.94 -6.50
CA ALA A 100 15.22 0.39 -6.67
C ALA A 100 14.72 0.98 -7.99
N ARG A 101 14.43 0.12 -8.94
CA ARG A 101 13.92 0.57 -10.23
C ARG A 101 12.43 0.88 -10.09
N ALA A 102 11.73 0.03 -9.35
CA ALA A 102 10.30 0.25 -9.15
C ALA A 102 10.08 1.66 -8.62
N GLY A 103 11.11 2.25 -8.03
CA GLY A 103 10.98 3.60 -7.50
C GLY A 103 10.20 3.59 -6.19
N LEU A 104 10.19 2.44 -5.51
CA LEU A 104 9.47 2.30 -4.24
C LEU A 104 10.37 1.66 -3.19
N GLN A 105 9.78 1.13 -2.13
CA GLN A 105 10.56 0.50 -1.07
C GLN A 105 9.72 -0.50 -0.29
N PHE A 106 9.11 -1.47 -0.99
CA PHE A 106 8.29 -2.48 -0.33
C PHE A 106 8.63 -3.87 -0.90
N PRO A 107 8.53 -4.93 -0.12
CA PRO A 107 8.85 -6.30 -0.59
C PRO A 107 8.32 -6.60 -1.98
N VAL A 108 9.18 -6.44 -2.98
CA VAL A 108 8.77 -6.71 -4.34
C VAL A 108 8.70 -8.22 -4.59
N GLY A 109 9.63 -8.97 -4.00
CA GLY A 109 9.63 -10.42 -4.18
C GLY A 109 8.65 -11.09 -3.23
N ARG A 110 8.74 -10.76 -1.95
CA ARG A 110 7.85 -11.35 -0.95
C ARG A 110 6.39 -11.15 -1.35
N ILE A 111 6.03 -9.93 -1.77
CA ILE A 111 4.64 -9.71 -2.18
C ILE A 111 4.39 -10.46 -3.47
N LYS A 112 5.28 -10.33 -4.45
CA LYS A 112 5.09 -11.08 -5.68
C LYS A 112 4.88 -12.53 -5.28
N ARG A 113 5.42 -12.87 -4.12
CA ARG A 113 5.25 -14.22 -3.62
C ARG A 113 3.82 -14.41 -3.16
N TYR A 114 3.24 -13.36 -2.57
CA TYR A 114 1.88 -13.42 -2.11
C TYR A 114 0.96 -13.45 -3.32
N LEU A 115 1.46 -12.97 -4.45
CA LEU A 115 0.67 -12.95 -5.68
C LEU A 115 0.88 -14.25 -6.48
N LYS A 116 2.01 -14.92 -6.24
CA LYS A 116 2.30 -16.15 -6.99
C LYS A 116 1.97 -17.40 -6.17
N ARG A 117 1.75 -17.24 -4.87
CA ARG A 117 1.43 -18.41 -4.02
C ARG A 117 -0.04 -18.38 -3.53
N HIS A 118 -0.51 -17.23 -3.06
CA HIS A 118 -1.89 -17.15 -2.57
C HIS A 118 -2.88 -16.82 -3.68
N ALA A 119 -2.49 -15.97 -4.63
CA ALA A 119 -3.40 -15.64 -5.71
C ALA A 119 -4.04 -16.92 -6.25
N THR A 120 -3.26 -18.00 -6.26
CA THR A 120 -3.73 -19.30 -6.73
C THR A 120 -2.52 -20.13 -7.16
N GLY A 121 -1.63 -19.54 -7.95
CA GLY A 121 -0.44 -20.25 -8.42
C GLY A 121 -0.21 -20.00 -9.91
N ARG A 122 -1.13 -20.46 -10.74
CA ARG A 122 -0.98 -20.27 -12.18
C ARG A 122 -1.22 -18.80 -12.56
N THR A 123 -1.12 -17.90 -11.59
CA THR A 123 -1.32 -16.48 -11.88
C THR A 123 0.01 -15.80 -12.18
N ARG A 124 0.25 -15.53 -13.45
CA ARG A 124 1.50 -14.87 -13.83
C ARG A 124 1.70 -13.63 -12.95
N VAL A 125 2.82 -12.93 -13.14
CA VAL A 125 3.10 -11.72 -12.37
C VAL A 125 3.78 -10.68 -13.25
N GLY A 126 3.11 -10.29 -14.32
CA GLY A 126 3.70 -9.29 -15.21
C GLY A 126 4.11 -8.03 -14.45
N SER A 127 5.14 -7.34 -14.95
CA SER A 127 5.59 -6.12 -14.29
C SER A 127 4.40 -5.17 -14.05
N LYS A 128 3.26 -5.52 -14.64
CA LYS A 128 2.06 -4.69 -14.49
C LYS A 128 1.18 -5.22 -13.35
N ALA A 129 1.76 -5.41 -12.16
CA ALA A 129 0.95 -5.92 -11.06
C ALA A 129 1.69 -5.79 -9.72
N ALA A 130 2.76 -6.57 -9.53
CA ALA A 130 3.50 -6.48 -8.28
C ALA A 130 3.74 -5.02 -7.91
N ILE A 131 3.94 -4.19 -8.92
CA ILE A 131 4.16 -2.77 -8.67
C ILE A 131 2.84 -2.08 -8.29
N TYR A 132 1.75 -2.44 -8.94
CA TYR A 132 0.47 -1.81 -8.61
C TYR A 132 0.18 -2.00 -7.13
N LEU A 133 0.79 -3.01 -6.51
CA LEU A 133 0.53 -3.26 -5.09
C LEU A 133 1.62 -2.69 -4.19
N THR A 134 2.82 -2.50 -4.72
CA THR A 134 3.86 -1.91 -3.91
C THR A 134 3.68 -0.40 -4.01
N ALA A 135 2.90 -0.01 -5.03
CA ALA A 135 2.60 1.40 -5.24
C ALA A 135 1.34 1.80 -4.46
N VAL A 136 0.24 1.05 -4.64
CA VAL A 136 -0.96 1.44 -3.88
C VAL A 136 -0.72 1.27 -2.39
N LEU A 137 0.14 0.33 -2.00
CA LEU A 137 0.41 0.15 -0.57
C LEU A 137 1.35 1.25 -0.06
N GLU A 138 2.45 1.48 -0.77
CA GLU A 138 3.39 2.52 -0.34
C GLU A 138 2.68 3.87 -0.17
N TYR A 139 1.58 4.06 -0.90
CA TYR A 139 0.84 5.33 -0.82
C TYR A 139 -0.18 5.26 0.33
N LEU A 140 -1.03 4.26 0.31
CA LEU A 140 -2.04 4.14 1.35
C LEU A 140 -1.38 3.77 2.67
N THR A 141 -0.25 3.08 2.59
CA THR A 141 0.45 2.69 3.82
C THR A 141 1.20 3.91 4.36
N ALA A 142 1.97 4.56 3.50
CA ALA A 142 2.69 5.74 3.94
C ALA A 142 1.69 6.81 4.36
N GLU A 143 0.50 6.77 3.77
CA GLU A 143 -0.53 7.76 4.11
C GLU A 143 -0.99 7.56 5.55
N VAL A 144 -1.59 6.40 5.86
CA VAL A 144 -2.05 6.18 7.23
C VAL A 144 -0.94 6.57 8.22
N LEU A 145 0.32 6.37 7.80
CA LEU A 145 1.43 6.72 8.67
C LEU A 145 1.62 8.24 8.69
N GLU A 146 1.77 8.85 7.51
CA GLU A 146 1.98 10.30 7.44
C GLU A 146 1.05 11.03 8.43
N LEU A 147 -0.15 10.49 8.65
CA LEU A 147 -1.08 11.12 9.58
C LEU A 147 -0.72 10.75 11.02
N ALA A 148 -0.86 9.47 11.35
CA ALA A 148 -0.54 9.04 12.71
C ALA A 148 0.81 9.59 13.16
N GLY A 149 1.81 9.53 12.28
CA GLY A 149 3.14 10.02 12.66
C GLY A 149 3.17 11.55 12.82
N ASN A 150 2.96 12.27 11.72
CA ASN A 150 3.00 13.72 11.77
C ASN A 150 1.99 14.29 12.77
N ALA A 151 1.19 13.43 13.41
CA ALA A 151 0.18 13.91 14.37
C ALA A 151 0.43 13.33 15.75
N ALA A 152 0.51 12.02 15.86
CA ALA A 152 0.72 11.42 17.17
C ALA A 152 2.07 11.81 17.75
N LYS A 153 3.13 11.68 16.95
CA LYS A 153 4.45 12.03 17.45
C LYS A 153 4.62 13.54 17.59
N ASP A 154 3.94 14.29 16.74
CA ASP A 154 4.04 15.74 16.80
C ASP A 154 3.26 16.28 18.00
N LEU A 155 2.29 15.49 18.47
CA LEU A 155 1.47 15.94 19.60
C LEU A 155 1.43 14.91 20.75
N LYS A 156 2.18 13.80 20.68
CA LYS A 156 2.14 12.81 21.77
C LYS A 156 3.50 12.14 22.00
N VAL A 157 3.92 11.22 21.12
CA VAL A 157 5.22 10.55 21.32
C VAL A 157 5.52 9.66 20.10
N LYS A 158 6.82 9.45 19.84
CA LYS A 158 7.20 8.61 18.72
C LYS A 158 6.45 7.28 18.73
N ARG A 159 5.77 7.01 19.84
CA ARG A 159 5.02 5.76 19.97
C ARG A 159 3.56 5.94 19.54
N ILE A 160 3.21 5.38 18.37
CA ILE A 160 1.85 5.49 17.89
C ILE A 160 0.97 4.45 18.60
N THR A 161 -0.36 4.56 18.48
CA THR A 161 -1.25 3.60 19.13
C THR A 161 -2.55 3.48 18.34
N PRO A 162 -3.23 2.34 18.39
CA PRO A 162 -4.51 2.16 17.66
C PRO A 162 -5.42 3.38 17.80
N ARG A 163 -5.08 4.26 18.75
CA ARG A 163 -5.88 5.46 18.96
C ARG A 163 -5.65 6.45 17.81
N HIS A 164 -4.38 6.76 17.56
CA HIS A 164 -4.09 7.68 16.47
C HIS A 164 -4.56 7.08 15.16
N LEU A 165 -4.75 5.76 15.14
CA LEU A 165 -5.23 5.11 13.94
C LEU A 165 -6.75 5.26 13.88
N GLN A 166 -7.40 5.33 15.03
CA GLN A 166 -8.85 5.53 15.05
C GLN A 166 -9.18 6.86 14.40
N LEU A 167 -8.35 7.87 14.66
CA LEU A 167 -8.60 9.19 14.06
C LEU A 167 -8.15 9.18 12.59
N ALA A 168 -7.14 8.39 12.28
CA ALA A 168 -6.65 8.32 10.90
C ALA A 168 -7.52 7.37 10.07
N ILE A 169 -8.13 6.40 10.74
CA ILE A 169 -8.99 5.45 10.02
C ILE A 169 -10.41 6.00 9.96
N ARG A 170 -11.03 6.21 11.12
CA ARG A 170 -12.39 6.73 11.13
C ARG A 170 -12.43 8.18 10.65
N GLY A 171 -11.29 8.87 10.66
CA GLY A 171 -11.30 10.25 10.18
C GLY A 171 -11.42 10.29 8.65
N ASP A 172 -10.59 9.49 7.97
CA ASP A 172 -10.64 9.46 6.51
C ASP A 172 -12.07 9.23 6.00
N ASP A 173 -12.88 8.51 6.77
CA ASP A 173 -14.26 8.26 6.37
C ASP A 173 -14.34 7.21 5.25
N GLU A 174 -13.45 7.29 4.25
CA GLU A 174 -13.49 6.30 3.17
C GLU A 174 -12.65 5.09 3.54
N LEU A 175 -11.40 5.35 3.92
CA LEU A 175 -10.53 4.25 4.32
C LEU A 175 -11.26 3.39 5.36
N ASP A 176 -12.05 4.04 6.20
CA ASP A 176 -12.80 3.29 7.20
C ASP A 176 -13.95 2.56 6.52
N SER A 177 -14.68 3.28 5.69
CA SER A 177 -15.79 2.65 4.98
C SER A 177 -15.27 1.50 4.11
N LEU A 178 -13.94 1.28 4.13
CA LEU A 178 -13.35 0.21 3.31
C LEU A 178 -12.35 -0.64 4.12
N ILE A 179 -11.80 -0.11 5.21
CA ILE A 179 -10.83 -0.89 5.98
C ILE A 179 -11.52 -2.03 6.74
N ARG A 180 -12.46 -1.73 7.64
CA ARG A 180 -13.17 -2.78 8.38
C ARG A 180 -12.20 -3.89 8.78
N ALA A 181 -10.99 -3.49 9.15
CA ALA A 181 -9.98 -4.48 9.51
C ALA A 181 -10.10 -4.92 10.97
N THR A 182 -9.94 -3.97 11.91
CA THR A 182 -10.02 -4.34 13.32
C THR A 182 -10.41 -3.13 14.17
N ILE A 183 -9.53 -2.14 14.23
CA ILE A 183 -9.78 -0.93 15.05
C ILE A 183 -10.44 -1.34 16.37
N ALA A 184 -10.14 -2.56 16.82
CA ALA A 184 -10.71 -3.06 18.07
C ALA A 184 -9.92 -2.57 19.27
N SER A 185 -9.86 -1.25 19.44
CA SER A 185 -9.13 -0.69 20.56
C SER A 185 -9.33 0.82 20.57
N GLY A 186 -8.81 1.48 19.54
CA GLY A 186 -8.98 2.92 19.44
C GLY A 186 -10.36 3.22 18.86
N GLY A 187 -10.84 2.33 18.00
CA GLY A 187 -12.16 2.50 17.39
C GLY A 187 -13.24 2.48 18.45
N VAL A 188 -13.21 3.48 19.32
CA VAL A 188 -14.18 3.57 20.41
C VAL A 188 -15.29 4.55 20.07
N LEU A 189 -15.22 5.13 18.90
CA LEU A 189 -16.25 6.09 18.48
C LEU A 189 -17.57 5.40 18.14
N PRO A 190 -17.56 4.20 17.58
CA PRO A 190 -18.82 3.50 17.21
C PRO A 190 -19.38 2.69 18.40
N HIS A 191 -19.94 3.39 19.38
CA HIS A 191 -20.50 2.70 20.53
C HIS A 191 -21.59 1.73 20.11
N ILE A 192 -22.02 0.87 21.02
CA ILE A 192 -23.07 -0.10 20.69
C ILE A 192 -24.44 0.58 20.70
N THR B 1 23.21 -12.04 5.90
CA THR B 1 23.71 -10.71 5.46
C THR B 1 22.59 -9.68 5.61
N VAL B 2 21.34 -10.14 5.57
CA VAL B 2 20.21 -9.22 5.71
C VAL B 2 20.36 -8.40 7.00
N GLU B 3 19.98 -7.12 6.94
CA GLU B 3 20.07 -6.26 8.10
C GLU B 3 19.59 -4.88 7.71
N ASP B 4 20.29 -4.26 6.76
CA ASP B 4 19.88 -2.96 6.27
C ASP B 4 18.83 -3.20 5.21
N SER B 5 18.53 -4.48 4.99
CA SER B 5 17.57 -4.87 3.99
C SER B 5 17.23 -6.34 4.14
N GLU B 6 16.43 -6.85 3.23
CA GLU B 6 16.02 -8.26 3.26
C GLU B 6 15.91 -8.81 1.83
N SER B 7 15.05 -8.20 1.02
CA SER B 7 14.91 -8.67 -0.36
C SER B 7 16.25 -8.57 -1.09
N ASP B 8 17.18 -7.84 -0.51
CA ASP B 8 18.50 -7.68 -1.12
C ASP B 8 18.41 -6.93 -2.46
N MET B 9 17.37 -7.20 -3.24
CA MET B 9 17.24 -6.52 -4.53
C MET B 9 15.95 -6.95 -5.27
N ASP B 10 15.67 -8.25 -5.30
CA ASP B 10 14.47 -8.71 -5.98
C ASP B 10 14.36 -10.24 -5.88
N ASP B 11 13.74 -10.73 -4.80
CA ASP B 11 13.60 -12.16 -4.64
C ASP B 11 12.45 -12.68 -5.49
N ALA B 12 11.92 -11.83 -6.35
CA ALA B 12 10.81 -12.23 -7.20
C ALA B 12 11.26 -13.31 -8.19
N LYS B 13 12.18 -12.95 -9.08
CA LYS B 13 12.66 -13.90 -10.07
C LYS B 13 13.28 -15.14 -9.42
N LEU B 14 13.99 -14.95 -8.32
CA LEU B 14 14.63 -16.08 -7.65
C LEU B 14 13.60 -17.04 -7.06
N ASP B 15 12.55 -16.50 -6.47
CA ASP B 15 11.53 -17.36 -5.88
C ASP B 15 10.63 -17.97 -6.96
N ALA B 16 10.64 -17.38 -8.16
CA ALA B 16 9.80 -17.91 -9.25
C ALA B 16 10.60 -18.01 -10.54
N LEU B 17 11.08 -16.87 -11.02
CA LEU B 17 11.83 -16.81 -12.25
C LEU B 17 10.87 -16.65 -13.41
N MET B 18 9.59 -16.80 -13.11
CA MET B 18 8.57 -16.67 -14.13
C MET B 18 8.34 -15.20 -14.47
N GLY B 19 9.38 -14.39 -14.39
CA GLY B 19 9.23 -12.97 -14.70
C GLY B 19 8.84 -12.77 -16.16
N ASN B 20 7.60 -13.14 -16.51
CA ASN B 20 7.16 -12.98 -17.89
C ASN B 20 7.55 -11.59 -18.42
N GLU B 21 7.11 -10.54 -17.73
CA GLU B 21 7.46 -9.19 -18.17
C GLU B 21 7.22 -9.04 -19.68
N GLY B 22 6.45 -9.96 -20.25
CA GLY B 22 6.16 -9.89 -21.68
C GLY B 22 5.87 -8.45 -22.12
N GLU B 23 4.59 -8.08 -22.13
CA GLU B 23 4.24 -6.71 -22.51
C GLU B 23 4.58 -5.75 -21.37
N GLU B 24 5.82 -5.83 -20.88
CA GLU B 24 6.23 -4.97 -19.78
C GLU B 24 6.29 -3.50 -20.22
N GLU B 25 6.53 -3.27 -21.50
CA GLU B 25 6.58 -1.88 -21.98
C GLU B 25 5.19 -1.25 -21.96
N GLU B 26 4.17 -2.02 -22.35
CA GLU B 26 2.81 -1.50 -22.36
C GLU B 26 2.09 -1.82 -21.05
N ASP B 27 2.87 -2.11 -20.00
CA ASP B 27 2.26 -2.42 -18.70
C ASP B 27 1.10 -1.45 -18.42
N ASP B 28 1.29 -0.18 -18.74
CA ASP B 28 0.25 0.81 -18.53
C ASP B 28 0.54 2.04 -19.38
N LEU B 29 1.17 3.05 -18.76
CA LEU B 29 1.52 4.26 -19.48
C LEU B 29 0.27 4.93 -20.09
N ALA B 30 0.22 6.26 -20.02
CA ALA B 30 -0.91 7.01 -20.58
C ALA B 30 -2.10 6.96 -19.62
N GLU B 31 -1.83 6.97 -18.32
CA GLU B 31 -2.90 6.93 -17.33
C GLU B 31 -2.55 7.83 -16.14
N ILE B 32 -2.62 9.12 -16.38
CA ILE B 32 -2.31 10.09 -15.33
C ILE B 32 -3.02 11.42 -15.60
N ASP B 33 -4.33 11.36 -15.77
CA ASP B 33 -5.10 12.58 -16.02
C ASP B 33 -5.38 13.32 -14.71
N THR B 34 -5.29 12.60 -13.59
CA THR B 34 -5.53 13.21 -12.29
C THR B 34 -4.27 13.96 -11.82
N SER B 35 -3.39 14.28 -12.77
CA SER B 35 -2.17 14.98 -12.41
C SER B 35 -1.35 14.16 -11.43
N ASN B 36 -1.83 12.96 -11.11
CA ASN B 36 -1.13 12.08 -10.19
C ASN B 36 -0.98 12.70 -8.80
N ILE B 37 -0.98 14.02 -8.72
CA ILE B 37 -0.82 14.70 -7.43
C ILE B 37 -2.18 15.03 -6.82
N ILE B 38 -3.26 14.61 -7.47
CA ILE B 38 -4.58 14.93 -6.93
C ILE B 38 -4.64 14.67 -5.42
N THR B 39 -3.97 13.62 -4.94
CA THR B 39 -3.97 13.32 -3.50
C THR B 39 -2.99 12.19 -3.21
N SER B 40 -2.33 12.22 -2.05
CA SER B 40 -1.39 11.13 -1.74
C SER B 40 -0.95 11.17 -0.28
N GLY B 41 0.25 10.67 -0.01
CA GLY B 41 0.75 10.68 1.36
C GLY B 41 0.92 12.11 1.89
N ARG B 42 0.46 13.09 1.10
CA ARG B 42 0.57 14.48 1.53
C ARG B 42 2.03 14.87 1.75
N ARG B 43 2.95 14.13 1.14
CA ARG B 43 4.37 14.45 1.29
C ARG B 43 4.70 14.71 2.77
N THR B 44 4.43 13.74 3.63
CA THR B 44 4.72 13.92 5.05
C THR B 44 4.22 15.28 5.53
N ARG B 45 2.92 15.52 5.40
CA ARG B 45 2.37 16.80 5.84
C ARG B 45 0.85 16.68 6.07
N GLY B 46 0.38 17.23 7.18
CA GLY B 46 -1.05 17.15 7.47
C GLY B 46 -1.34 17.58 8.92
N LYS B 47 -0.77 16.85 9.87
CA LYS B 47 -0.98 17.19 11.28
C LYS B 47 -2.47 17.16 11.64
N VAL B 48 -2.78 16.78 12.87
CA VAL B 48 -4.16 16.72 13.32
C VAL B 48 -4.22 16.33 14.79
N ILE B 49 -5.18 16.89 15.53
CA ILE B 49 -5.31 16.59 16.96
C ILE B 49 -6.41 15.54 17.19
N ASP B 50 -6.14 14.55 18.04
CA ASP B 50 -7.13 13.53 18.31
C ASP B 50 -8.29 14.12 19.11
N TYR B 51 -8.29 13.90 20.41
CA TYR B 51 -9.36 14.44 21.24
C TYR B 51 -10.72 14.08 20.65
N LYS B 52 -10.71 13.17 19.67
CA LYS B 52 -11.94 12.71 19.02
C LYS B 52 -12.66 13.84 18.29
N LYS B 53 -12.73 15.02 18.91
CA LYS B 53 -13.43 16.14 18.29
C LYS B 53 -13.27 16.16 16.77
N THR B 54 -12.05 15.95 16.28
CA THR B 54 -11.85 15.96 14.83
C THR B 54 -12.57 14.75 14.21
N ALA B 55 -12.23 13.55 14.66
CA ALA B 55 -12.87 12.35 14.11
C ALA B 55 -14.37 12.58 13.94
N GLU B 56 -14.92 13.53 14.70
CA GLU B 56 -16.35 13.83 14.58
C GLU B 56 -16.58 14.81 13.43
N GLU B 57 -16.31 16.08 13.67
CA GLU B 57 -16.50 17.06 12.62
C GLU B 57 -15.76 16.63 11.37
N LEU B 58 -14.59 16.02 11.54
CA LEU B 58 -13.82 15.58 10.40
C LEU B 58 -14.50 14.44 9.66
N ASP B 59 -14.80 13.33 10.34
CA ASP B 59 -15.44 12.21 9.65
C ASP B 59 -16.73 12.68 8.95
N LYS B 60 -17.23 13.86 9.32
CA LYS B 60 -18.46 14.37 8.72
C LYS B 60 -18.16 15.59 7.85
N LYS B 61 -16.89 16.00 7.80
CA LYS B 61 -16.54 17.18 7.02
C LYS B 61 -17.43 18.35 7.43
N GLU B 62 -18.15 18.15 8.52
CA GLU B 62 -19.03 19.20 9.01
C GLU B 62 -18.27 20.52 9.10
N ARG A 1 5.26 -8.58 17.69
CA ARG A 1 6.52 -8.20 17.01
C ARG A 1 7.22 -9.45 16.51
N LYS A 2 6.57 -10.19 15.61
CA LYS A 2 7.17 -11.40 15.07
C LYS A 2 8.16 -11.05 13.95
N GLU A 3 7.62 -10.51 12.87
CA GLU A 3 8.44 -10.18 11.73
C GLU A 3 7.63 -9.40 10.71
N THR A 4 6.96 -10.12 9.84
CA THR A 4 6.16 -9.47 8.82
C THR A 4 6.98 -8.43 8.07
N TYR A 5 6.34 -7.33 7.68
CA TYR A 5 7.06 -6.29 6.95
C TYR A 5 7.89 -5.42 7.91
N SER A 6 7.99 -5.85 9.16
CA SER A 6 8.76 -5.09 10.18
C SER A 6 9.98 -4.38 9.58
N SER A 7 11.07 -5.13 9.38
CA SER A 7 12.29 -4.54 8.84
C SER A 7 12.00 -3.50 7.75
N TYR A 8 11.34 -3.94 6.68
CA TYR A 8 11.03 -3.01 5.60
C TYR A 8 10.30 -1.77 6.14
N ILE A 9 9.14 -1.96 6.75
CA ILE A 9 8.44 -0.79 7.30
C ILE A 9 9.43 0.02 8.12
N TYR A 10 10.15 -0.68 8.98
CA TYR A 10 11.14 -0.01 9.83
C TYR A 10 11.94 1.00 9.02
N LYS A 11 12.16 0.74 7.74
CA LYS A 11 12.93 1.70 6.94
C LYS A 11 12.00 2.81 6.46
N VAL A 12 10.71 2.47 6.32
CA VAL A 12 9.74 3.48 5.92
C VAL A 12 9.22 4.17 7.19
N LEU A 13 9.62 3.59 8.31
CA LEU A 13 9.24 4.10 9.61
C LEU A 13 10.21 5.20 10.02
N LYS A 14 11.49 4.93 9.82
CA LYS A 14 12.48 5.94 10.17
C LYS A 14 12.39 7.08 9.16
N GLN A 15 12.27 6.72 7.89
CA GLN A 15 12.18 7.73 6.85
C GLN A 15 10.97 8.63 7.09
N THR A 16 9.79 8.04 7.28
CA THR A 16 8.62 8.85 7.55
C THR A 16 8.87 9.70 8.81
N HIS A 17 9.51 9.08 9.80
CA HIS A 17 9.82 9.77 11.04
C HIS A 17 10.87 8.96 11.82
N PRO A 18 11.94 9.57 12.27
CA PRO A 18 13.01 8.83 13.02
C PRO A 18 12.65 8.53 14.47
N ASP A 19 11.58 9.16 14.98
CA ASP A 19 11.18 8.94 16.37
C ASP A 19 9.98 7.99 16.45
N THR A 20 9.43 7.61 15.32
CA THR A 20 8.29 6.73 15.32
C THR A 20 8.70 5.30 15.72
N GLY A 21 8.59 4.99 17.01
CA GLY A 21 8.94 3.65 17.48
C GLY A 21 7.76 2.71 17.25
N ILE A 22 6.69 3.29 16.70
CA ILE A 22 5.46 2.56 16.39
C ILE A 22 5.15 1.36 17.30
N SER A 23 3.99 1.41 17.95
CA SER A 23 3.57 0.31 18.81
C SER A 23 3.59 -1.02 18.04
N GLN A 24 3.83 -2.12 18.75
CA GLN A 24 3.88 -3.42 18.09
C GLN A 24 2.55 -3.74 17.38
N LYS A 25 1.43 -3.52 18.06
CA LYS A 25 0.15 -3.80 17.42
C LYS A 25 -0.10 -2.78 16.31
N SER A 26 0.33 -1.54 16.51
CA SER A 26 0.15 -0.56 15.45
C SER A 26 0.85 -1.10 14.22
N MET A 27 1.85 -1.93 14.48
CA MET A 27 2.56 -2.58 13.40
C MET A 27 1.74 -3.77 12.92
N SER A 28 0.90 -4.30 13.81
CA SER A 28 0.05 -5.44 13.45
C SER A 28 -1.19 -4.95 12.71
N ILE A 29 -1.66 -3.77 13.09
CA ILE A 29 -2.83 -3.21 12.44
C ILE A 29 -2.46 -2.79 11.04
N LEU A 30 -1.35 -2.06 10.91
CA LEU A 30 -0.93 -1.67 9.59
C LEU A 30 -0.55 -2.93 8.81
N ASN A 31 0.36 -3.73 9.39
CA ASN A 31 0.79 -4.94 8.68
C ASN A 31 -0.40 -5.81 8.34
N SER A 32 -1.38 -5.88 9.23
CA SER A 32 -2.54 -6.68 8.93
C SER A 32 -3.33 -6.03 7.82
N PHE A 33 -3.40 -4.70 7.84
CA PHE A 33 -4.12 -4.00 6.79
C PHE A 33 -3.35 -4.20 5.50
N VAL A 34 -2.13 -3.75 5.51
CA VAL A 34 -1.22 -3.93 4.39
C VAL A 34 -1.40 -5.36 3.86
N ASN A 35 -1.64 -6.29 4.79
CA ASN A 35 -1.83 -7.67 4.39
C ASN A 35 -3.27 -7.88 3.95
N ASP A 36 -4.18 -7.19 4.62
CA ASP A 36 -5.59 -7.31 4.27
C ASP A 36 -5.87 -6.57 2.96
N ILE A 37 -5.39 -5.33 2.84
CA ILE A 37 -5.64 -4.62 1.62
C ILE A 37 -4.85 -5.29 0.49
N PHE A 38 -3.77 -5.97 0.84
CA PHE A 38 -3.02 -6.66 -0.19
C PHE A 38 -3.91 -7.76 -0.76
N GLU A 39 -4.71 -8.37 0.12
CA GLU A 39 -5.59 -9.44 -0.31
C GLU A 39 -6.82 -8.87 -1.03
N ARG A 40 -7.53 -7.94 -0.39
CA ARG A 40 -8.71 -7.35 -1.02
C ARG A 40 -8.46 -7.07 -2.50
N ILE A 41 -7.33 -6.43 -2.80
CA ILE A 41 -7.03 -6.13 -4.20
C ILE A 41 -6.60 -7.43 -4.92
N ALA A 42 -5.41 -7.90 -4.62
CA ALA A 42 -4.87 -9.12 -5.23
C ALA A 42 -5.88 -10.27 -5.19
N THR A 43 -6.87 -10.19 -4.32
CA THR A 43 -7.87 -11.26 -4.26
C THR A 43 -8.87 -11.03 -5.36
N GLU A 44 -9.51 -9.87 -5.34
CA GLU A 44 -10.46 -9.59 -6.39
C GLU A 44 -9.76 -9.65 -7.74
N ALA A 45 -8.53 -9.12 -7.81
CA ALA A 45 -7.80 -9.19 -9.06
C ALA A 45 -7.66 -10.65 -9.45
N SER A 46 -7.18 -11.46 -8.52
CA SER A 46 -7.03 -12.87 -8.77
C SER A 46 -8.42 -13.51 -8.93
N LYS A 47 -9.47 -12.75 -8.62
CA LYS A 47 -10.82 -13.28 -8.75
C LYS A 47 -11.37 -13.02 -10.14
N LEU A 48 -11.42 -11.76 -10.54
CA LEU A 48 -11.93 -11.43 -11.87
C LEU A 48 -10.92 -11.88 -12.91
N ALA A 49 -9.79 -12.41 -12.45
CA ALA A 49 -8.74 -12.88 -13.36
C ALA A 49 -8.72 -14.40 -13.42
N ALA A 50 -9.06 -15.06 -12.31
CA ALA A 50 -9.07 -16.53 -12.32
C ALA A 50 -10.33 -17.01 -13.02
N TYR A 51 -11.39 -16.21 -12.93
CA TYR A 51 -12.65 -16.56 -13.56
C TYR A 51 -12.65 -16.04 -15.00
N ASN A 52 -11.86 -14.99 -15.28
CA ASN A 52 -11.81 -14.44 -16.63
C ASN A 52 -10.83 -15.23 -17.49
N LYS A 53 -10.26 -16.30 -16.94
CA LYS A 53 -9.30 -17.11 -17.67
C LYS A 53 -7.97 -16.38 -17.74
N LYS A 54 -8.04 -15.07 -17.84
CA LYS A 54 -6.82 -14.30 -17.90
C LYS A 54 -6.20 -14.22 -16.51
N SER A 55 -6.01 -15.39 -15.89
CA SER A 55 -5.42 -15.42 -14.55
C SER A 55 -4.22 -14.47 -14.49
N THR A 56 -3.70 -14.08 -15.64
CA THR A 56 -2.56 -13.17 -15.64
C THR A 56 -2.91 -11.92 -14.84
N ILE A 57 -2.18 -11.68 -13.73
CA ILE A 57 -2.47 -10.52 -12.91
C ILE A 57 -1.78 -9.27 -13.47
N SER A 58 -2.48 -8.55 -14.34
CA SER A 58 -1.91 -7.35 -14.96
C SER A 58 -2.41 -6.07 -14.27
N ALA A 59 -1.72 -4.96 -14.51
CA ALA A 59 -2.13 -3.70 -13.92
C ALA A 59 -3.64 -3.50 -14.18
N ARG A 60 -4.11 -4.07 -15.29
CA ARG A 60 -5.53 -3.94 -15.63
C ARG A 60 -6.43 -4.70 -14.65
N GLU A 61 -5.97 -5.86 -14.18
CA GLU A 61 -6.78 -6.64 -13.25
C GLU A 61 -6.88 -5.92 -11.92
N ILE A 62 -5.72 -5.61 -11.36
CA ILE A 62 -5.68 -4.91 -10.10
C ILE A 62 -6.28 -3.51 -10.24
N GLN A 63 -6.10 -2.86 -11.39
CA GLN A 63 -6.68 -1.54 -11.57
C GLN A 63 -8.18 -1.61 -11.28
N THR A 64 -8.88 -2.50 -11.98
CA THR A 64 -10.31 -2.63 -11.72
C THR A 64 -10.55 -2.81 -10.23
N ALA A 65 -9.95 -3.84 -9.65
CA ALA A 65 -10.12 -4.05 -8.21
C ALA A 65 -9.76 -2.76 -7.48
N VAL A 66 -8.52 -2.31 -7.61
CA VAL A 66 -8.13 -1.05 -6.96
C VAL A 66 -9.21 0.02 -7.23
N ARG A 67 -9.73 0.04 -8.44
CA ARG A 67 -10.77 1.03 -8.77
C ARG A 67 -12.05 0.73 -8.03
N LEU A 68 -12.34 -0.54 -7.83
CA LEU A 68 -13.56 -0.91 -7.10
C LEU A 68 -13.30 -0.93 -5.60
N ILE A 69 -12.25 -1.63 -5.22
CA ILE A 69 -11.86 -1.72 -3.81
C ILE A 69 -11.92 -0.37 -3.14
N LEU A 70 -10.99 0.47 -3.55
CA LEU A 70 -10.88 1.79 -2.95
C LEU A 70 -12.10 2.63 -3.33
N PRO A 71 -12.67 3.36 -2.40
CA PRO A 71 -13.87 4.18 -2.68
C PRO A 71 -13.81 4.86 -4.05
N GLY A 72 -12.60 5.20 -4.49
CA GLY A 72 -12.43 5.88 -5.77
C GLY A 72 -11.40 7.01 -5.63
N GLU A 73 -11.77 8.05 -4.88
CA GLU A 73 -10.83 9.16 -4.68
C GLU A 73 -9.45 8.60 -4.31
N LEU A 74 -9.40 7.80 -3.26
CA LEU A 74 -8.13 7.20 -2.88
C LEU A 74 -7.55 6.49 -4.10
N ALA A 75 -8.39 5.70 -4.78
CA ALA A 75 -7.93 5.00 -5.98
C ALA A 75 -7.25 6.01 -6.92
N LYS A 76 -7.95 7.09 -7.26
CA LYS A 76 -7.37 8.10 -8.16
C LYS A 76 -5.91 8.36 -7.76
N HIS A 77 -5.65 8.37 -6.46
CA HIS A 77 -4.28 8.58 -6.01
C HIS A 77 -3.47 7.29 -6.22
N ALA A 78 -4.08 6.16 -5.89
CA ALA A 78 -3.39 4.88 -6.05
C ALA A 78 -3.28 4.51 -7.54
N VAL A 79 -4.06 5.18 -8.38
CA VAL A 79 -3.98 4.90 -9.82
C VAL A 79 -2.92 5.81 -10.43
N SER A 80 -2.80 7.02 -9.88
CA SER A 80 -1.80 7.95 -10.36
C SER A 80 -0.41 7.34 -10.17
N GLU A 81 -0.10 7.02 -8.91
CA GLU A 81 1.21 6.42 -8.62
C GLU A 81 1.32 5.04 -9.25
N GLY A 82 0.24 4.28 -9.20
CA GLY A 82 0.27 2.93 -9.76
C GLY A 82 0.83 2.90 -11.19
N THR A 83 0.22 3.63 -12.11
CA THR A 83 0.70 3.62 -13.49
C THR A 83 1.99 4.43 -13.60
N ARG A 84 1.90 5.73 -13.35
CA ARG A 84 3.07 6.60 -13.42
C ARG A 84 4.29 5.89 -12.84
N ALA A 85 4.08 5.06 -11.81
CA ALA A 85 5.22 4.32 -11.26
C ALA A 85 5.64 3.29 -12.29
N VAL A 86 4.68 2.54 -12.81
CA VAL A 86 5.00 1.56 -13.83
C VAL A 86 5.78 2.23 -14.95
N THR A 87 5.48 3.50 -15.21
CA THR A 87 6.19 4.24 -16.25
C THR A 87 7.66 4.36 -15.89
N LYS A 88 7.97 5.22 -14.93
CA LYS A 88 9.36 5.38 -14.53
C LYS A 88 10.00 4.00 -14.34
N TYR A 89 9.32 3.17 -13.58
CA TYR A 89 9.80 1.81 -13.32
C TYR A 89 10.29 1.13 -14.59
N SER A 90 9.66 1.42 -15.73
CA SER A 90 10.09 0.80 -16.98
C SER A 90 10.66 1.83 -17.96
N SER A 91 9.92 2.91 -18.21
CA SER A 91 10.39 3.93 -19.14
C SER A 91 11.89 4.21 -18.96
N SER A 92 12.40 3.94 -17.76
CA SER A 92 13.83 4.17 -17.52
C SER A 92 14.66 3.05 -18.16
N THR A 93 14.29 1.81 -17.91
CA THR A 93 15.03 0.70 -18.49
C THR A 93 14.23 -0.59 -18.36
N GLN A 94 12.94 -0.53 -18.65
CA GLN A 94 12.11 -1.71 -18.55
C GLN A 94 12.36 -2.42 -17.21
N ALA A 95 13.03 -1.70 -16.30
CA ALA A 95 13.34 -2.22 -14.95
C ALA A 95 14.78 -2.74 -14.86
N GLN A 96 15.68 -1.90 -14.34
CA GLN A 96 17.07 -2.31 -14.17
C GLN A 96 17.25 -2.96 -12.80
N SER A 97 16.41 -2.56 -11.85
CA SER A 97 16.49 -3.09 -10.50
C SER A 97 15.29 -2.56 -9.73
N SER A 98 14.20 -3.31 -9.77
CA SER A 98 13.01 -2.87 -9.10
C SER A 98 13.28 -2.37 -7.70
N SER A 99 14.19 -2.99 -6.97
CA SER A 99 14.47 -2.53 -5.62
C SER A 99 15.21 -1.20 -5.66
N ALA A 100 15.18 -0.53 -6.80
CA ALA A 100 15.85 0.75 -6.95
C ALA A 100 15.22 1.53 -8.10
N ARG A 101 14.61 0.81 -9.03
CA ARG A 101 13.96 1.44 -10.18
C ARG A 101 12.46 1.63 -9.89
N ALA A 102 11.82 0.57 -9.38
CA ALA A 102 10.39 0.67 -9.06
C ALA A 102 10.10 1.97 -8.32
N GLY A 103 11.15 2.60 -7.79
CA GLY A 103 10.96 3.85 -7.05
C GLY A 103 10.25 3.58 -5.72
N LEU A 104 10.12 2.30 -5.35
CA LEU A 104 9.45 1.94 -4.10
C LEU A 104 10.28 0.89 -3.35
N GLN A 105 10.83 1.27 -2.21
CA GLN A 105 11.62 0.32 -1.44
C GLN A 105 10.73 -0.67 -0.70
N PHE A 106 9.53 -0.91 -1.24
CA PHE A 106 8.60 -1.83 -0.59
C PHE A 106 8.82 -3.26 -1.15
N PRO A 107 8.74 -4.28 -0.32
CA PRO A 107 8.94 -5.69 -0.75
C PRO A 107 8.42 -5.99 -2.15
N VAL A 108 9.28 -5.78 -3.14
CA VAL A 108 8.88 -6.06 -4.49
C VAL A 108 8.95 -7.56 -4.77
N GLY A 109 9.94 -8.24 -4.22
CA GLY A 109 10.07 -9.68 -4.44
C GLY A 109 9.21 -10.47 -3.46
N ARG A 110 9.13 -10.02 -2.21
CA ARG A 110 8.31 -10.75 -1.23
C ARG A 110 6.84 -10.66 -1.62
N ILE A 111 6.39 -9.49 -2.07
CA ILE A 111 4.98 -9.39 -2.47
C ILE A 111 4.80 -10.08 -3.82
N LYS A 112 5.67 -9.76 -4.77
CA LYS A 112 5.57 -10.42 -6.06
C LYS A 112 5.54 -11.92 -5.80
N ARG A 113 6.10 -12.31 -4.66
CA ARG A 113 6.08 -13.73 -4.29
C ARG A 113 4.67 -14.09 -3.84
N TYR A 114 4.00 -13.16 -3.17
CA TYR A 114 2.66 -13.42 -2.71
C TYR A 114 1.77 -13.56 -3.93
N LEU A 115 2.29 -13.08 -5.05
CA LEU A 115 1.55 -13.17 -6.31
C LEU A 115 1.97 -14.43 -7.08
N LYS A 116 3.15 -14.97 -6.76
CA LYS A 116 3.64 -16.17 -7.45
C LYS A 116 3.17 -17.44 -6.73
N ARG A 117 2.94 -17.34 -5.41
CA ARG A 117 2.52 -18.52 -4.62
C ARG A 117 1.02 -18.48 -4.28
N HIS A 118 0.48 -17.30 -3.96
CA HIS A 118 -0.94 -17.23 -3.61
C HIS A 118 -1.82 -17.14 -4.85
N ALA A 119 -1.42 -16.33 -5.83
CA ALA A 119 -2.22 -16.22 -7.04
C ALA A 119 -2.60 -17.62 -7.53
N THR A 120 -1.59 -18.47 -7.67
CA THR A 120 -1.81 -19.84 -8.11
C THR A 120 -0.48 -20.48 -8.54
N GLY A 121 0.33 -19.73 -9.28
CA GLY A 121 1.62 -20.25 -9.75
C GLY A 121 1.86 -19.87 -11.21
N ARG A 122 0.94 -20.22 -12.09
CA ARG A 122 1.10 -19.90 -13.51
C ARG A 122 0.88 -18.41 -13.75
N THR A 123 1.05 -17.59 -12.71
CA THR A 123 0.87 -16.15 -12.86
C THR A 123 2.18 -15.52 -13.30
N ARG A 124 2.23 -15.05 -14.53
CA ARG A 124 3.46 -14.43 -15.03
C ARG A 124 3.74 -13.13 -14.28
N VAL A 125 2.67 -12.45 -13.85
CA VAL A 125 2.84 -11.19 -13.12
C VAL A 125 3.62 -10.19 -13.98
N GLY A 126 3.01 -9.74 -15.05
CA GLY A 126 3.70 -8.77 -15.92
C GLY A 126 4.32 -7.63 -15.10
N SER A 127 5.40 -7.03 -15.60
CA SER A 127 6.04 -5.94 -14.89
C SER A 127 5.01 -4.83 -14.58
N LYS A 128 3.80 -5.00 -15.10
CA LYS A 128 2.74 -4.01 -14.88
C LYS A 128 1.74 -4.50 -13.82
N ALA A 129 2.23 -4.96 -12.66
CA ALA A 129 1.29 -5.44 -11.64
C ALA A 129 1.93 -5.43 -10.25
N ALA A 130 2.92 -6.29 -10.02
CA ALA A 130 3.57 -6.34 -8.70
C ALA A 130 3.81 -4.92 -8.19
N ILE A 131 4.18 -4.03 -9.09
CA ILE A 131 4.41 -2.65 -8.68
C ILE A 131 3.08 -1.99 -8.30
N TYR A 132 2.01 -2.28 -9.04
CA TYR A 132 0.73 -1.69 -8.71
C TYR A 132 0.39 -2.01 -7.25
N LEU A 133 0.99 -3.06 -6.74
CA LEU A 133 0.72 -3.48 -5.37
C LEU A 133 1.71 -2.84 -4.39
N THR A 134 2.90 -2.50 -4.88
CA THR A 134 3.88 -1.86 -4.01
C THR A 134 3.60 -0.37 -4.02
N ALA A 135 2.91 0.06 -5.06
CA ALA A 135 2.54 1.46 -5.18
C ALA A 135 1.30 1.75 -4.35
N VAL A 136 0.27 0.88 -4.46
CA VAL A 136 -0.94 1.14 -3.67
C VAL A 136 -0.66 0.90 -2.18
N LEU A 137 0.24 -0.03 -1.86
CA LEU A 137 0.54 -0.29 -0.45
C LEU A 137 1.37 0.85 0.14
N GLU A 138 2.53 1.14 -0.46
CA GLU A 138 3.37 2.22 0.05
C GLU A 138 2.60 3.54 0.05
N TYR A 139 1.53 3.59 -0.72
CA TYR A 139 0.73 4.81 -0.79
C TYR A 139 -0.15 4.91 0.46
N LEU A 140 -0.95 3.89 0.70
CA LEU A 140 -1.83 3.90 1.88
C LEU A 140 -1.07 3.48 3.13
N THR A 141 -0.01 2.69 2.95
CA THR A 141 0.77 2.27 4.11
C THR A 141 1.58 3.47 4.62
N ALA A 142 2.24 4.17 3.70
CA ALA A 142 3.03 5.33 4.10
C ALA A 142 2.11 6.46 4.57
N GLU A 143 0.88 6.49 4.04
CA GLU A 143 -0.06 7.55 4.42
C GLU A 143 -0.66 7.28 5.81
N VAL A 144 -1.08 6.03 6.06
CA VAL A 144 -1.65 5.74 7.37
C VAL A 144 -0.62 6.03 8.46
N LEU A 145 0.63 5.72 8.17
CA LEU A 145 1.68 5.98 9.16
C LEU A 145 1.97 7.48 9.27
N GLU A 146 1.91 8.19 8.16
CA GLU A 146 2.17 9.61 8.18
C GLU A 146 1.23 10.30 9.16
N LEU A 147 -0.08 10.16 8.95
CA LEU A 147 -1.03 10.79 9.85
C LEU A 147 -0.81 10.32 11.29
N ALA A 148 -0.74 9.01 11.49
CA ALA A 148 -0.53 8.49 12.84
C ALA A 148 0.78 9.03 13.44
N GLY A 149 1.82 9.12 12.63
CA GLY A 149 3.10 9.62 13.15
C GLY A 149 3.03 11.11 13.45
N ASN A 150 2.92 11.93 12.40
CA ASN A 150 2.85 13.38 12.61
C ASN A 150 1.80 13.73 13.65
N ALA A 151 0.94 12.77 13.99
CA ALA A 151 -0.12 13.02 14.98
C ALA A 151 0.21 12.35 16.31
N ALA A 152 0.58 11.09 16.27
CA ALA A 152 0.88 10.40 17.52
C ALA A 152 1.90 11.21 18.35
N LYS A 153 2.76 11.97 17.67
CA LYS A 153 3.75 12.76 18.40
C LYS A 153 3.14 14.08 18.87
N ASP A 154 2.41 14.75 17.98
CA ASP A 154 1.78 15.99 18.36
C ASP A 154 0.60 15.70 19.30
N LEU A 155 0.24 14.43 19.39
CA LEU A 155 -0.88 14.04 20.25
C LEU A 155 -0.37 13.70 21.66
N LYS A 156 0.76 12.99 21.75
CA LYS A 156 1.25 12.65 23.08
C LYS A 156 2.63 11.96 23.06
N VAL A 157 2.88 11.04 22.13
CA VAL A 157 4.18 10.37 22.14
C VAL A 157 4.49 9.71 20.79
N LYS A 158 5.71 9.95 20.35
CA LYS A 158 6.20 9.45 19.07
C LYS A 158 5.85 7.98 18.85
N ARG A 159 5.35 7.31 19.88
CA ARG A 159 4.99 5.90 19.74
C ARG A 159 3.54 5.77 19.32
N ILE A 160 3.29 5.44 18.06
CA ILE A 160 1.92 5.28 17.60
C ILE A 160 1.24 4.17 18.40
N THR A 161 -0.09 4.24 18.50
CA THR A 161 -0.84 3.23 19.23
C THR A 161 -2.20 3.04 18.56
N PRO A 162 -2.82 1.87 18.66
CA PRO A 162 -4.14 1.64 18.04
C PRO A 162 -5.10 2.82 18.24
N ARG A 163 -4.73 3.72 19.15
CA ARG A 163 -5.58 4.88 19.40
C ARG A 163 -5.43 5.88 18.26
N HIS A 164 -4.19 6.26 17.96
CA HIS A 164 -3.96 7.19 16.86
C HIS A 164 -4.42 6.56 15.55
N LEU A 165 -4.42 5.23 15.49
CA LEU A 165 -4.88 4.57 14.29
C LEU A 165 -6.40 4.55 14.29
N GLN A 166 -6.97 4.77 15.48
CA GLN A 166 -8.41 4.81 15.59
C GLN A 166 -8.92 6.10 14.97
N LEU A 167 -8.24 7.21 15.25
CA LEU A 167 -8.67 8.49 14.69
C LEU A 167 -8.15 8.63 13.24
N ALA A 168 -7.18 7.78 12.86
CA ALA A 168 -6.66 7.85 11.50
C ALA A 168 -7.54 7.01 10.58
N ILE A 169 -8.09 5.93 11.10
CA ILE A 169 -8.96 5.08 10.31
C ILE A 169 -10.39 5.62 10.39
N ARG A 170 -10.89 5.82 11.60
CA ARG A 170 -12.23 6.36 11.74
C ARG A 170 -12.29 7.73 11.07
N GLY A 171 -11.17 8.46 11.10
CA GLY A 171 -11.15 9.76 10.45
C GLY A 171 -11.69 9.62 9.02
N ASP A 172 -10.87 9.14 8.11
CA ASP A 172 -11.33 8.95 6.74
C ASP A 172 -12.54 8.00 6.72
N ASP A 173 -13.72 8.54 6.97
CA ASP A 173 -14.93 7.70 6.99
C ASP A 173 -14.93 6.70 5.83
N GLU A 174 -14.22 7.02 4.75
CA GLU A 174 -14.19 6.10 3.62
C GLU A 174 -13.36 4.86 3.97
N LEU A 175 -12.09 5.05 4.30
CA LEU A 175 -11.26 3.91 4.65
C LEU A 175 -11.96 3.08 5.72
N ASP A 176 -12.38 3.69 6.81
CA ASP A 176 -13.06 2.97 7.87
C ASP A 176 -14.13 2.05 7.28
N SER A 177 -15.03 2.64 6.51
CA SER A 177 -16.07 1.84 5.89
C SER A 177 -15.45 0.78 4.97
N LEU A 178 -14.14 0.90 4.74
CA LEU A 178 -13.44 -0.07 3.87
C LEU A 178 -12.49 -0.96 4.70
N ILE A 179 -11.92 -0.42 5.78
CA ILE A 179 -11.00 -1.22 6.59
C ILE A 179 -11.77 -2.09 7.60
N ARG A 180 -12.50 -1.45 8.53
CA ARG A 180 -13.30 -2.17 9.54
C ARG A 180 -12.68 -3.52 9.86
N ALA A 181 -11.36 -3.56 9.86
CA ALA A 181 -10.66 -4.80 10.09
C ALA A 181 -10.63 -5.19 11.58
N THR A 182 -10.07 -4.31 12.42
CA THR A 182 -9.98 -4.61 13.85
C THR A 182 -10.23 -3.36 14.68
N ILE A 183 -9.25 -2.43 14.66
CA ILE A 183 -9.36 -1.20 15.45
C ILE A 183 -10.08 -1.47 16.78
N ALA A 184 -9.87 -2.67 17.30
CA ALA A 184 -10.51 -3.08 18.56
C ALA A 184 -9.65 -2.66 19.75
N SER A 185 -9.57 -1.37 19.98
CA SER A 185 -8.78 -0.87 21.10
C SER A 185 -9.11 0.60 21.37
N GLY A 186 -8.69 1.48 20.46
CA GLY A 186 -8.99 2.90 20.65
C GLY A 186 -10.48 3.10 20.78
N GLY A 187 -11.24 2.03 20.64
CA GLY A 187 -12.68 2.17 20.74
C GLY A 187 -13.16 3.02 19.57
N VAL A 188 -14.12 2.55 18.80
CA VAL A 188 -14.56 3.33 17.67
C VAL A 188 -15.34 4.58 18.11
N LEU A 189 -15.02 5.06 19.29
CA LEU A 189 -15.69 6.25 19.79
C LEU A 189 -17.21 6.10 19.81
N PRO A 190 -17.70 5.01 20.29
CA PRO A 190 -19.16 4.77 20.35
C PRO A 190 -19.82 5.40 21.58
N HIS A 191 -20.93 4.84 22.03
CA HIS A 191 -21.60 5.38 23.20
C HIS A 191 -20.74 5.21 24.45
N ILE A 192 -20.85 6.13 25.41
CA ILE A 192 -20.06 6.03 26.62
C ILE A 192 -18.59 5.79 26.29
N THR B 1 14.00 -13.28 11.20
CA THR B 1 15.45 -13.12 11.48
C THR B 1 16.19 -12.81 10.17
N VAL B 2 16.74 -11.61 10.05
CA VAL B 2 17.46 -11.26 8.83
C VAL B 2 18.56 -12.29 8.53
N GLU B 3 18.81 -12.52 7.25
CA GLU B 3 19.84 -13.47 6.84
C GLU B 3 20.60 -12.89 5.65
N ASP B 4 21.00 -11.62 5.79
CA ASP B 4 21.71 -10.91 4.72
C ASP B 4 20.69 -10.23 3.81
N SER B 5 19.46 -10.14 4.30
CA SER B 5 18.38 -9.52 3.54
C SER B 5 18.88 -8.27 2.80
N GLU B 6 18.85 -7.13 3.47
CA GLU B 6 19.31 -5.90 2.83
C GLU B 6 18.61 -5.70 1.49
N SER B 7 17.42 -5.12 1.51
CA SER B 7 16.69 -4.91 0.26
C SER B 7 16.44 -6.22 -0.46
N ASP B 8 16.88 -7.33 0.15
CA ASP B 8 16.70 -8.65 -0.46
C ASP B 8 17.36 -8.72 -1.84
N MET B 9 16.81 -8.02 -2.83
CA MET B 9 17.39 -8.03 -4.17
C MET B 9 17.26 -9.43 -4.80
N ASP B 10 17.76 -10.44 -4.11
CA ASP B 10 17.68 -11.80 -4.64
C ASP B 10 16.25 -12.33 -4.54
N ASP B 11 15.30 -11.57 -5.08
CA ASP B 11 13.90 -12.00 -5.04
C ASP B 11 13.10 -11.34 -6.18
N ALA B 12 13.13 -10.02 -6.25
CA ALA B 12 12.39 -9.33 -7.31
C ALA B 12 12.73 -9.91 -8.69
N LYS B 13 13.95 -10.42 -8.85
CA LYS B 13 14.34 -10.99 -10.15
C LYS B 13 14.08 -12.50 -10.16
N LEU B 14 14.70 -13.20 -9.23
CA LEU B 14 14.52 -14.66 -9.16
C LEU B 14 13.02 -15.00 -9.09
N ASP B 15 12.21 -14.08 -8.59
CA ASP B 15 10.78 -14.33 -8.49
C ASP B 15 10.04 -13.76 -9.70
N ALA B 16 10.39 -12.54 -10.10
CA ALA B 16 9.73 -11.92 -11.25
C ALA B 16 10.47 -12.30 -12.53
N LEU B 17 11.24 -13.39 -12.46
CA LEU B 17 11.94 -13.82 -13.64
C LEU B 17 10.90 -14.22 -14.67
N MET B 18 9.66 -14.32 -14.19
CA MET B 18 8.54 -14.67 -15.05
C MET B 18 7.71 -13.43 -15.38
N GLY B 19 8.26 -12.25 -15.09
CA GLY B 19 7.53 -11.02 -15.37
C GLY B 19 7.54 -10.73 -16.88
N ASN B 20 6.52 -11.22 -17.58
CA ASN B 20 6.43 -11.01 -19.03
C ASN B 20 5.03 -10.55 -19.44
N GLU B 21 4.03 -11.41 -19.24
CA GLU B 21 2.65 -11.08 -19.61
C GLU B 21 2.51 -10.86 -21.12
N GLY B 22 3.54 -10.30 -21.75
CA GLY B 22 3.49 -10.06 -23.20
C GLY B 22 3.12 -8.60 -23.50
N GLU B 23 2.09 -8.09 -22.84
CA GLU B 23 1.70 -6.72 -23.06
C GLU B 23 2.72 -5.76 -22.46
N GLU B 24 3.90 -6.27 -22.13
CA GLU B 24 4.95 -5.43 -21.54
C GLU B 24 5.17 -4.13 -22.34
N GLU B 25 4.45 -3.95 -23.45
CA GLU B 25 4.63 -2.72 -24.23
C GLU B 25 3.88 -1.57 -23.57
N GLU B 26 2.56 -1.53 -23.73
CA GLU B 26 1.80 -0.47 -23.10
C GLU B 26 2.04 -0.46 -21.62
N ASP B 27 2.62 -1.57 -21.13
CA ASP B 27 2.94 -1.74 -19.72
C ASP B 27 2.20 -0.76 -18.80
N ASP B 28 0.88 -0.62 -18.97
CA ASP B 28 0.08 0.29 -18.15
C ASP B 28 0.91 1.41 -17.54
N LEU B 29 1.32 2.35 -18.37
CA LEU B 29 2.13 3.48 -17.91
C LEU B 29 1.67 4.79 -18.55
N ALA B 30 0.62 4.72 -19.36
CA ALA B 30 0.09 5.92 -20.02
C ALA B 30 -1.44 5.89 -20.06
N GLU B 31 -2.05 5.21 -19.09
CA GLU B 31 -3.50 5.14 -19.05
C GLU B 31 -4.07 6.35 -18.33
N ILE B 32 -3.22 7.02 -17.55
CA ILE B 32 -3.66 8.19 -16.81
C ILE B 32 -2.47 9.12 -16.56
N ASP B 33 -2.64 10.41 -16.83
CA ASP B 33 -1.56 11.36 -16.57
C ASP B 33 -1.67 11.85 -15.14
N THR B 34 -1.88 10.91 -14.21
CA THR B 34 -2.04 11.29 -12.81
C THR B 34 -3.08 12.40 -12.72
N SER B 35 -3.93 12.45 -13.74
CA SER B 35 -4.95 13.47 -13.79
C SER B 35 -4.33 14.87 -13.64
N ASN B 36 -3.01 14.92 -13.64
CA ASN B 36 -2.31 16.19 -13.51
C ASN B 36 -2.55 16.85 -12.15
N ILE B 37 -3.73 16.59 -11.54
CA ILE B 37 -4.04 17.20 -10.25
C ILE B 37 -3.93 16.19 -9.10
N ILE B 38 -4.33 14.93 -9.32
CA ILE B 38 -4.26 13.95 -8.23
C ILE B 38 -2.81 13.47 -8.03
N THR B 39 -2.39 13.39 -6.77
CA THR B 39 -1.03 12.94 -6.47
C THR B 39 -0.89 12.66 -4.97
N SER B 40 -0.08 11.66 -4.62
CA SER B 40 0.11 11.35 -3.22
C SER B 40 1.37 10.49 -3.02
N GLY B 41 1.47 9.84 -1.86
CA GLY B 41 2.63 8.99 -1.59
C GLY B 41 3.81 9.84 -1.12
N ARG B 42 3.65 11.17 -1.13
CA ARG B 42 4.74 12.05 -0.70
C ARG B 42 4.17 13.31 -0.03
N ARG B 43 3.10 13.15 0.76
CA ARG B 43 2.51 14.29 1.42
C ARG B 43 3.31 14.68 2.67
N THR B 44 3.91 13.67 3.32
CA THR B 44 4.70 13.93 4.53
C THR B 44 4.11 15.05 5.38
N ARG B 45 2.78 15.05 5.54
CA ARG B 45 2.14 16.09 6.34
C ARG B 45 0.67 15.75 6.56
N GLY B 46 0.17 16.02 7.77
CA GLY B 46 -1.23 15.72 8.05
C GLY B 46 -1.65 16.28 9.41
N LYS B 47 -1.26 15.59 10.47
CA LYS B 47 -1.62 16.06 11.81
C LYS B 47 -3.14 16.00 12.00
N VAL B 48 -3.60 15.69 13.22
CA VAL B 48 -5.03 15.61 13.47
C VAL B 48 -5.33 16.07 14.91
N ILE B 49 -6.33 16.93 15.05
CA ILE B 49 -6.69 17.44 16.37
C ILE B 49 -7.07 16.28 17.31
N ASP B 50 -7.87 16.58 18.34
CA ASP B 50 -8.25 15.54 19.30
C ASP B 50 -8.70 14.24 18.62
N TYR B 51 -10.01 13.99 18.58
CA TYR B 51 -10.50 12.75 17.97
C TYR B 51 -11.83 12.97 17.23
N LYS B 52 -12.85 12.19 17.60
CA LYS B 52 -14.19 12.25 17.00
C LYS B 52 -14.42 13.46 16.09
N LYS B 53 -14.32 14.67 16.65
CA LYS B 53 -14.55 15.85 15.84
C LYS B 53 -13.81 15.74 14.50
N THR B 54 -12.64 15.12 14.54
CA THR B 54 -11.87 14.95 13.33
C THR B 54 -12.70 14.27 12.24
N ALA B 55 -13.36 13.17 12.59
CA ALA B 55 -14.18 12.47 11.62
C ALA B 55 -15.42 13.27 11.27
N GLU B 56 -15.76 14.24 12.12
CA GLU B 56 -16.93 15.07 11.86
C GLU B 56 -16.59 16.15 10.84
N GLU B 57 -15.78 17.13 11.24
CA GLU B 57 -15.41 18.19 10.33
C GLU B 57 -14.89 17.59 9.02
N LEU B 58 -14.24 16.44 9.11
CA LEU B 58 -13.71 15.81 7.92
C LEU B 58 -14.82 15.32 7.00
N ASP B 59 -15.71 14.48 7.52
CA ASP B 59 -16.78 13.94 6.70
C ASP B 59 -17.81 15.01 6.34
N LYS B 60 -17.75 16.18 6.98
CA LYS B 60 -18.71 17.25 6.69
C LYS B 60 -18.00 18.48 6.10
N LYS B 61 -16.69 18.37 5.86
CA LYS B 61 -15.96 19.50 5.31
C LYS B 61 -16.33 20.77 6.09
N GLU B 62 -16.87 20.57 7.29
CA GLU B 62 -17.29 21.69 8.11
C GLU B 62 -16.11 22.62 8.41
N ARG A 1 0.98 -13.11 11.03
CA ARG A 1 0.98 -14.36 11.84
C ARG A 1 2.42 -14.74 12.18
N LYS A 2 3.35 -13.80 12.03
CA LYS A 2 4.74 -14.08 12.34
C LYS A 2 5.53 -12.79 12.53
N GLU A 3 6.44 -12.52 11.59
CA GLU A 3 7.27 -11.34 11.67
C GLU A 3 6.72 -10.22 10.78
N THR A 4 5.88 -10.59 9.83
CA THR A 4 5.31 -9.59 8.95
C THR A 4 6.41 -8.77 8.27
N TYR A 5 6.07 -7.56 7.84
CA TYR A 5 7.06 -6.71 7.18
C TYR A 5 7.92 -5.97 8.22
N SER A 6 7.78 -6.39 9.49
CA SER A 6 8.52 -5.78 10.61
C SER A 6 9.80 -5.06 10.17
N SER A 7 10.67 -5.75 9.43
CA SER A 7 11.91 -5.11 9.02
C SER A 7 11.71 -4.01 7.97
N TYR A 8 11.51 -4.40 6.71
CA TYR A 8 11.34 -3.40 5.65
C TYR A 8 10.44 -2.25 6.09
N ILE A 9 9.44 -2.52 6.93
CA ILE A 9 8.61 -1.41 7.36
C ILE A 9 9.38 -0.59 8.38
N TYR A 10 10.17 -1.28 9.21
CA TYR A 10 10.98 -0.57 10.20
C TYR A 10 11.77 0.50 9.45
N LYS A 11 11.92 0.28 8.16
CA LYS A 11 12.65 1.22 7.33
C LYS A 11 11.67 2.28 6.84
N VAL A 12 10.44 1.87 6.56
CA VAL A 12 9.44 2.84 6.14
C VAL A 12 8.97 3.58 7.38
N LEU A 13 9.39 3.06 8.52
CA LEU A 13 9.06 3.62 9.80
C LEU A 13 10.07 4.69 10.16
N LYS A 14 11.34 4.41 9.89
CA LYS A 14 12.38 5.39 10.19
C LYS A 14 12.45 6.39 9.04
N GLN A 15 12.08 5.95 7.84
CA GLN A 15 12.12 6.85 6.70
C GLN A 15 10.93 7.82 6.74
N THR A 16 9.72 7.30 6.82
CA THR A 16 8.55 8.17 6.89
C THR A 16 8.73 9.16 8.05
N HIS A 17 9.36 8.71 9.13
CA HIS A 17 9.58 9.57 10.27
C HIS A 17 10.66 8.97 11.19
N PRO A 18 11.52 9.76 11.78
CA PRO A 18 12.59 9.24 12.67
C PRO A 18 12.09 8.93 14.08
N ASP A 19 10.96 9.54 14.45
CA ASP A 19 10.39 9.31 15.80
C ASP A 19 9.11 8.49 15.67
N THR A 20 9.26 7.23 15.28
CA THR A 20 8.10 6.37 15.12
C THR A 20 8.45 4.94 15.52
N GLY A 21 8.35 4.65 16.81
CA GLY A 21 8.65 3.30 17.30
C GLY A 21 7.44 2.41 17.10
N ILE A 22 6.36 3.04 16.65
CA ILE A 22 5.10 2.35 16.36
C ILE A 22 4.78 1.21 17.33
N SER A 23 3.64 1.33 18.01
CA SER A 23 3.22 0.28 18.95
C SER A 23 3.15 -1.08 18.26
N GLN A 24 3.41 -2.14 19.02
CA GLN A 24 3.38 -3.48 18.44
C GLN A 24 2.09 -3.69 17.64
N LYS A 25 0.94 -3.48 18.28
CA LYS A 25 -0.32 -3.67 17.56
C LYS A 25 -0.44 -2.65 16.44
N SER A 26 0.02 -1.43 16.67
CA SER A 26 -0.04 -0.44 15.61
C SER A 26 0.72 -1.01 14.42
N MET A 27 1.70 -1.82 14.73
CA MET A 27 2.47 -2.49 13.69
C MET A 27 1.65 -3.67 13.17
N SER A 28 0.69 -4.12 13.98
CA SER A 28 -0.16 -5.24 13.58
C SER A 28 -1.40 -4.74 12.84
N ILE A 29 -1.86 -3.55 13.21
CA ILE A 29 -3.02 -2.98 12.56
C ILE A 29 -2.63 -2.55 11.16
N LEU A 30 -1.51 -1.86 11.04
CA LEU A 30 -1.08 -1.46 9.71
C LEU A 30 -0.67 -2.71 8.95
N ASN A 31 0.21 -3.53 9.54
CA ASN A 31 0.64 -4.73 8.83
C ASN A 31 -0.56 -5.60 8.45
N SER A 32 -1.53 -5.69 9.34
CA SER A 32 -2.71 -6.48 9.03
C SER A 32 -3.50 -5.82 7.91
N PHE A 33 -3.55 -4.50 7.95
CA PHE A 33 -4.25 -3.78 6.91
C PHE A 33 -3.50 -4.03 5.61
N VAL A 34 -2.31 -3.48 5.55
CA VAL A 34 -1.42 -3.65 4.41
C VAL A 34 -1.50 -5.10 3.94
N ASN A 35 -1.66 -6.01 4.89
CA ASN A 35 -1.74 -7.41 4.50
C ASN A 35 -3.16 -7.73 4.04
N ASP A 36 -4.12 -7.13 4.71
CA ASP A 36 -5.51 -7.37 4.34
C ASP A 36 -5.85 -6.59 3.07
N ILE A 37 -5.45 -5.33 2.98
CA ILE A 37 -5.74 -4.59 1.77
C ILE A 37 -4.93 -5.17 0.62
N PHE A 38 -3.85 -5.87 0.95
CA PHE A 38 -3.09 -6.49 -0.12
C PHE A 38 -3.95 -7.61 -0.69
N GLU A 39 -4.67 -8.28 0.19
CA GLU A 39 -5.53 -9.37 -0.25
C GLU A 39 -6.76 -8.84 -0.98
N ARG A 40 -7.54 -8.00 -0.33
CA ARG A 40 -8.74 -7.46 -0.97
C ARG A 40 -8.45 -7.01 -2.41
N ILE A 41 -7.30 -6.39 -2.60
CA ILE A 41 -6.94 -5.92 -3.94
C ILE A 41 -6.62 -7.12 -4.85
N ALA A 42 -5.49 -7.74 -4.60
CA ALA A 42 -5.06 -8.90 -5.39
C ALA A 42 -6.08 -10.04 -5.32
N THR A 43 -7.00 -10.00 -4.37
CA THR A 43 -7.99 -11.05 -4.28
C THR A 43 -9.06 -10.80 -5.33
N GLU A 44 -9.59 -9.59 -5.35
CA GLU A 44 -10.58 -9.27 -6.34
C GLU A 44 -9.93 -9.24 -7.71
N ALA A 45 -8.69 -8.77 -7.79
CA ALA A 45 -8.02 -8.76 -9.09
C ALA A 45 -7.86 -10.20 -9.54
N SER A 46 -7.41 -11.05 -8.62
CA SER A 46 -7.26 -12.45 -8.94
C SER A 46 -8.64 -13.07 -9.12
N LYS A 47 -9.69 -12.31 -8.77
CA LYS A 47 -11.05 -12.81 -8.92
C LYS A 47 -11.59 -12.52 -10.31
N LEU A 48 -11.65 -11.24 -10.67
CA LEU A 48 -12.14 -10.89 -11.99
C LEU A 48 -11.12 -11.31 -13.05
N ALA A 49 -9.99 -11.83 -12.59
CA ALA A 49 -8.93 -12.29 -13.50
C ALA A 49 -8.92 -13.82 -13.56
N ALA A 50 -9.20 -14.48 -12.43
CA ALA A 50 -9.22 -15.94 -12.44
C ALA A 50 -10.51 -16.41 -13.09
N TYR A 51 -11.57 -15.64 -12.89
CA TYR A 51 -12.85 -15.98 -13.49
C TYR A 51 -12.81 -15.56 -14.96
N ASN A 52 -11.96 -14.60 -15.28
CA ASN A 52 -11.82 -14.13 -16.66
C ASN A 52 -10.76 -14.95 -17.38
N LYS A 53 -10.69 -16.24 -17.10
CA LYS A 53 -9.69 -17.10 -17.73
C LYS A 53 -8.28 -16.56 -17.46
N LYS A 54 -7.97 -16.30 -16.20
CA LYS A 54 -6.65 -15.79 -15.86
C LYS A 54 -6.36 -14.53 -16.68
N SER A 55 -5.91 -14.70 -17.91
CA SER A 55 -5.61 -13.54 -18.75
C SER A 55 -4.53 -12.68 -18.10
N THR A 56 -3.72 -13.31 -17.25
CA THR A 56 -2.64 -12.58 -16.58
C THR A 56 -3.20 -11.40 -15.77
N ILE A 57 -2.62 -11.16 -14.59
CA ILE A 57 -3.06 -10.05 -13.75
C ILE A 57 -2.23 -8.80 -14.09
N SER A 58 -2.84 -7.85 -14.82
CA SER A 58 -2.12 -6.63 -15.20
C SER A 58 -2.56 -5.44 -14.34
N ALA A 59 -1.81 -4.35 -14.41
CA ALA A 59 -2.16 -3.16 -13.63
C ALA A 59 -3.63 -2.80 -13.84
N ARG A 60 -4.28 -3.44 -14.81
CA ARG A 60 -5.67 -3.14 -15.10
C ARG A 60 -6.62 -3.96 -14.21
N GLU A 61 -6.21 -5.18 -13.85
CA GLU A 61 -7.07 -6.00 -13.01
C GLU A 61 -7.10 -5.44 -11.60
N ILE A 62 -5.95 -4.99 -11.14
CA ILE A 62 -5.85 -4.42 -9.81
C ILE A 62 -6.36 -2.98 -9.82
N GLN A 63 -6.09 -2.22 -10.89
CA GLN A 63 -6.60 -0.86 -10.94
C GLN A 63 -8.10 -0.88 -10.76
N THR A 64 -8.75 -1.90 -11.32
CA THR A 64 -10.19 -2.01 -11.16
C THR A 64 -10.49 -2.30 -9.69
N ALA A 65 -9.98 -3.41 -9.18
CA ALA A 65 -10.20 -3.74 -7.77
C ALA A 65 -9.86 -2.52 -6.92
N VAL A 66 -8.61 -2.07 -6.99
CA VAL A 66 -8.22 -0.89 -6.22
C VAL A 66 -9.27 0.21 -6.43
N ARG A 67 -9.82 0.32 -7.65
CA ARG A 67 -10.83 1.35 -7.89
C ARG A 67 -12.11 0.99 -7.16
N LEU A 68 -12.35 -0.30 -6.98
CA LEU A 68 -13.56 -0.72 -6.25
C LEU A 68 -13.30 -0.70 -4.75
N ILE A 69 -12.03 -0.87 -4.38
CA ILE A 69 -11.66 -0.85 -2.96
C ILE A 69 -11.75 0.56 -2.41
N LEU A 70 -10.95 1.43 -2.98
CA LEU A 70 -10.91 2.81 -2.53
C LEU A 70 -12.13 3.56 -3.08
N PRO A 71 -12.57 4.59 -2.41
CA PRO A 71 -13.77 5.37 -2.85
C PRO A 71 -13.61 5.93 -4.26
N GLY A 72 -12.37 6.23 -4.64
CA GLY A 72 -12.10 6.80 -5.96
C GLY A 72 -11.06 7.92 -5.81
N GLU A 73 -11.40 8.96 -5.07
CA GLU A 73 -10.45 10.04 -4.86
C GLU A 73 -9.13 9.44 -4.38
N LEU A 74 -9.18 8.69 -3.29
CA LEU A 74 -7.98 8.03 -2.80
C LEU A 74 -7.43 7.16 -3.94
N ALA A 75 -8.32 6.43 -4.60
CA ALA A 75 -7.88 5.60 -5.72
C ALA A 75 -7.08 6.46 -6.70
N LYS A 76 -7.68 7.57 -7.15
CA LYS A 76 -6.97 8.45 -8.09
C LYS A 76 -5.53 8.65 -7.64
N HIS A 77 -5.33 8.83 -6.34
CA HIS A 77 -3.98 9.00 -5.83
C HIS A 77 -3.22 7.68 -6.00
N ALA A 78 -3.89 6.57 -5.74
CA ALA A 78 -3.25 5.27 -5.88
C ALA A 78 -3.06 4.90 -7.35
N VAL A 79 -4.04 5.22 -8.18
CA VAL A 79 -3.91 4.90 -9.61
C VAL A 79 -2.77 5.72 -10.21
N SER A 80 -2.85 7.04 -10.08
CA SER A 80 -1.81 7.90 -10.62
C SER A 80 -0.43 7.46 -10.15
N GLU A 81 -0.30 7.12 -8.88
CA GLU A 81 1.00 6.70 -8.35
C GLU A 81 1.42 5.35 -8.95
N GLY A 82 0.47 4.42 -9.08
CA GLY A 82 0.80 3.12 -9.63
C GLY A 82 1.43 3.24 -11.02
N THR A 83 0.89 4.14 -11.84
CA THR A 83 1.45 4.30 -13.19
C THR A 83 2.77 5.06 -13.11
N ARG A 84 2.75 6.23 -12.50
CA ARG A 84 3.98 7.01 -12.37
C ARG A 84 5.11 6.10 -11.88
N ALA A 85 4.75 5.05 -11.16
CA ALA A 85 5.76 4.12 -10.70
C ALA A 85 6.16 3.22 -11.87
N VAL A 86 5.18 2.85 -12.71
CA VAL A 86 5.50 2.03 -13.88
C VAL A 86 6.62 2.70 -14.69
N THR A 87 6.32 3.84 -15.29
CA THR A 87 7.34 4.53 -16.08
C THR A 87 8.63 4.61 -15.30
N LYS A 88 8.58 5.11 -14.08
CA LYS A 88 9.81 5.16 -13.31
C LYS A 88 10.40 3.75 -13.20
N TYR A 89 9.53 2.80 -12.92
CA TYR A 89 9.95 1.42 -12.78
C TYR A 89 10.46 0.85 -14.10
N SER A 90 10.43 1.65 -15.15
CA SER A 90 10.91 1.17 -16.46
C SER A 90 11.80 2.20 -17.18
N SER A 91 11.31 3.44 -17.29
CA SER A 91 12.06 4.49 -17.97
C SER A 91 13.56 4.41 -17.64
N SER A 92 13.89 3.78 -16.52
CA SER A 92 15.29 3.65 -16.15
C SER A 92 16.06 2.88 -17.24
N THR A 93 16.66 1.76 -16.87
CA THR A 93 17.40 0.95 -17.84
C THR A 93 16.50 -0.14 -18.39
N GLN A 94 15.18 0.10 -18.31
CA GLN A 94 14.25 -0.90 -18.80
C GLN A 94 14.49 -2.24 -18.10
N ALA A 95 15.47 -2.27 -17.19
CA ALA A 95 15.76 -3.52 -16.48
C ALA A 95 17.09 -3.41 -15.72
N GLN A 96 17.01 -2.96 -14.46
CA GLN A 96 18.21 -2.82 -13.64
C GLN A 96 18.03 -3.55 -12.30
N SER A 97 16.89 -3.37 -11.64
CA SER A 97 16.68 -4.02 -10.36
C SER A 97 15.31 -3.64 -9.80
N SER A 98 14.52 -4.63 -9.42
CA SER A 98 13.20 -4.34 -8.89
C SER A 98 13.29 -3.60 -7.55
N SER A 99 14.22 -4.02 -6.70
CA SER A 99 14.35 -3.37 -5.40
C SER A 99 15.16 -2.08 -5.54
N ALA A 100 15.15 -1.48 -6.73
CA ALA A 100 15.88 -0.24 -6.95
C ALA A 100 15.23 0.54 -8.08
N ARG A 101 14.63 -0.19 -9.03
CA ARG A 101 13.96 0.46 -10.15
C ARG A 101 12.49 0.71 -9.78
N ALA A 102 11.87 -0.26 -9.13
CA ALA A 102 10.47 -0.09 -8.72
C ALA A 102 10.27 1.29 -8.09
N GLY A 103 11.37 1.90 -7.64
CA GLY A 103 11.27 3.22 -7.03
C GLY A 103 10.31 3.19 -5.84
N LEU A 104 10.15 2.01 -5.23
CA LEU A 104 9.25 1.88 -4.07
C LEU A 104 9.91 1.03 -2.99
N GLN A 105 10.20 1.64 -1.84
CA GLN A 105 10.83 0.89 -0.77
C GLN A 105 9.82 -0.06 -0.11
N PHE A 106 9.37 -1.07 -0.86
CA PHE A 106 8.41 -2.03 -0.31
C PHE A 106 8.68 -3.44 -0.90
N PRO A 107 8.63 -4.49 -0.10
CA PRO A 107 8.89 -5.88 -0.58
C PRO A 107 8.33 -6.16 -1.96
N VAL A 108 9.16 -5.96 -2.98
CA VAL A 108 8.74 -6.21 -4.33
C VAL A 108 8.80 -7.72 -4.63
N GLY A 109 9.81 -8.38 -4.10
CA GLY A 109 9.96 -9.82 -4.34
C GLY A 109 9.11 -10.64 -3.36
N ARG A 110 8.97 -10.17 -2.13
CA ARG A 110 8.18 -10.90 -1.15
C ARG A 110 6.70 -10.83 -1.52
N ILE A 111 6.24 -9.65 -1.92
CA ILE A 111 4.83 -9.54 -2.32
C ILE A 111 4.65 -10.27 -3.65
N LYS A 112 5.53 -10.01 -4.61
CA LYS A 112 5.42 -10.71 -5.88
C LYS A 112 5.36 -12.19 -5.57
N ARG A 113 5.88 -12.56 -4.40
CA ARG A 113 5.84 -13.95 -3.99
C ARG A 113 4.42 -14.27 -3.49
N TYR A 114 3.78 -13.28 -2.88
CA TYR A 114 2.44 -13.49 -2.39
C TYR A 114 1.50 -13.62 -3.58
N LEU A 115 1.88 -12.98 -4.68
CA LEU A 115 1.07 -13.08 -5.89
C LEU A 115 1.29 -14.44 -6.54
N LYS A 116 2.47 -15.02 -6.33
CA LYS A 116 2.75 -16.34 -6.93
C LYS A 116 2.05 -17.46 -6.14
N ARG A 117 1.95 -17.30 -4.82
CA ARG A 117 1.31 -18.34 -3.98
C ARG A 117 -0.06 -17.91 -3.43
N HIS A 118 -0.23 -16.64 -3.07
CA HIS A 118 -1.52 -16.21 -2.52
C HIS A 118 -2.57 -16.10 -3.62
N ALA A 119 -2.25 -15.41 -4.71
CA ALA A 119 -3.23 -15.30 -5.79
C ALA A 119 -3.79 -16.68 -6.12
N THR A 120 -2.88 -17.63 -6.37
CA THR A 120 -3.26 -19.02 -6.67
C THR A 120 -2.09 -19.74 -7.34
N GLY A 121 -1.61 -19.17 -8.44
CA GLY A 121 -0.49 -19.78 -9.17
C GLY A 121 -0.73 -19.69 -10.67
N ARG A 122 -1.93 -20.05 -11.11
CA ARG A 122 -2.24 -19.99 -12.53
C ARG A 122 -2.29 -18.53 -12.98
N THR A 123 -2.32 -17.61 -12.03
CA THR A 123 -2.35 -16.19 -12.37
C THR A 123 -0.96 -15.72 -12.72
N ARG A 124 -0.73 -15.51 -14.01
CA ARG A 124 0.57 -15.05 -14.46
C ARG A 124 1.03 -13.84 -13.63
N VAL A 125 2.21 -13.30 -13.91
CA VAL A 125 2.70 -12.15 -13.15
C VAL A 125 3.43 -11.16 -14.07
N GLY A 126 2.69 -10.19 -14.60
CA GLY A 126 3.30 -9.21 -15.48
C GLY A 126 3.87 -8.03 -14.69
N SER A 127 4.88 -7.37 -15.24
CA SER A 127 5.46 -6.21 -14.56
C SER A 127 4.38 -5.22 -14.15
N LYS A 128 3.13 -5.48 -14.57
CA LYS A 128 2.02 -4.57 -14.26
C LYS A 128 1.14 -5.17 -13.16
N ALA A 129 1.65 -5.24 -11.94
CA ALA A 129 0.84 -5.79 -10.86
C ALA A 129 1.60 -5.75 -9.52
N ALA A 130 2.65 -6.56 -9.40
CA ALA A 130 3.42 -6.54 -8.15
C ALA A 130 3.73 -5.09 -7.75
N ILE A 131 4.11 -4.31 -8.74
CA ILE A 131 4.40 -2.90 -8.47
C ILE A 131 3.13 -2.17 -8.07
N TYR A 132 2.01 -2.51 -8.69
CA TYR A 132 0.76 -1.84 -8.36
C TYR A 132 0.46 -2.02 -6.87
N LEU A 133 1.08 -3.02 -6.26
CA LEU A 133 0.86 -3.28 -4.84
C LEU A 133 1.84 -2.48 -3.99
N THR A 134 3.07 -2.42 -4.44
CA THR A 134 4.08 -1.68 -3.70
C THR A 134 3.79 -0.20 -3.84
N ALA A 135 3.04 0.13 -4.87
CA ALA A 135 2.66 1.51 -5.09
C ALA A 135 1.45 1.84 -4.23
N VAL A 136 0.47 0.91 -4.19
CA VAL A 136 -0.72 1.18 -3.36
C VAL A 136 -0.41 0.96 -1.88
N LEU A 137 0.46 0.00 -1.56
CA LEU A 137 0.79 -0.21 -0.16
C LEU A 137 1.64 0.95 0.35
N GLU A 138 2.76 1.22 -0.32
CA GLU A 138 3.61 2.33 0.10
C GLU A 138 2.83 3.65 0.14
N TYR A 139 1.76 3.73 -0.64
CA TYR A 139 0.96 4.96 -0.67
C TYR A 139 0.05 5.02 0.56
N LEU A 140 -0.75 3.97 0.77
CA LEU A 140 -1.65 3.96 1.92
C LEU A 140 -0.87 3.63 3.18
N THR A 141 0.17 2.81 3.06
CA THR A 141 0.96 2.47 4.22
C THR A 141 1.71 3.70 4.71
N ALA A 142 2.36 4.40 3.78
CA ALA A 142 3.08 5.60 4.17
C ALA A 142 2.10 6.67 4.61
N GLU A 143 0.85 6.59 4.14
CA GLU A 143 -0.15 7.59 4.52
C GLU A 143 -0.65 7.34 5.94
N VAL A 144 -1.33 6.20 6.17
CA VAL A 144 -1.84 5.94 7.52
C VAL A 144 -0.75 6.20 8.55
N LEU A 145 0.50 5.86 8.22
CA LEU A 145 1.59 6.07 9.15
C LEU A 145 2.04 7.54 9.18
N GLU A 146 2.09 8.17 8.01
CA GLU A 146 2.50 9.57 7.97
C GLU A 146 1.50 10.43 8.75
N LEU A 147 0.22 10.09 8.67
CA LEU A 147 -0.80 10.86 9.38
C LEU A 147 -0.70 10.63 10.89
N ALA A 148 -1.03 9.41 11.33
CA ALA A 148 -0.96 9.12 12.76
C ALA A 148 0.33 9.65 13.38
N GLY A 149 1.42 9.59 12.62
CA GLY A 149 2.70 10.07 13.14
C GLY A 149 2.67 11.59 13.36
N ASN A 150 2.71 12.35 12.27
CA ASN A 150 2.70 13.80 12.40
C ASN A 150 1.39 14.31 13.01
N ALA A 151 0.54 13.41 13.47
CA ALA A 151 -0.74 13.82 14.07
C ALA A 151 -0.65 13.82 15.59
N ALA A 152 -0.29 12.68 16.16
CA ALA A 152 -0.17 12.58 17.62
C ALA A 152 1.30 12.67 18.06
N LYS A 153 2.18 11.97 17.35
CA LYS A 153 3.58 11.99 17.70
C LYS A 153 4.10 13.43 17.83
N ASP A 154 3.37 14.37 17.24
CA ASP A 154 3.79 15.75 17.29
C ASP A 154 3.51 16.34 18.65
N LEU A 155 2.52 15.78 19.35
CA LEU A 155 2.16 16.29 20.67
C LEU A 155 1.82 15.16 21.64
N LYS A 156 2.31 13.95 21.40
CA LYS A 156 1.99 12.83 22.29
C LYS A 156 3.21 11.95 22.57
N VAL A 157 3.57 11.06 21.65
CA VAL A 157 4.73 10.18 21.85
C VAL A 157 5.16 9.54 20.53
N LYS A 158 6.46 9.39 20.34
CA LYS A 158 6.94 8.76 19.11
C LYS A 158 6.25 7.42 18.90
N ARG A 159 5.70 6.87 19.98
CA ARG A 159 5.01 5.58 19.88
C ARG A 159 3.57 5.76 19.39
N ILE A 160 3.26 5.23 18.20
CA ILE A 160 1.91 5.35 17.66
C ILE A 160 1.05 4.20 18.22
N THR A 161 0.04 4.54 19.02
CA THR A 161 -0.84 3.51 19.60
C THR A 161 -2.15 3.44 18.82
N PRO A 162 -2.84 2.32 18.82
CA PRO A 162 -4.14 2.19 18.09
C PRO A 162 -5.02 3.42 18.33
N ARG A 163 -4.66 4.22 19.33
CA ARG A 163 -5.44 5.42 19.64
C ARG A 163 -5.15 6.50 18.59
N HIS A 164 -3.87 6.77 18.33
CA HIS A 164 -3.54 7.77 17.33
C HIS A 164 -4.10 7.32 15.99
N LEU A 165 -4.24 6.00 15.84
CA LEU A 165 -4.79 5.46 14.62
C LEU A 165 -6.30 5.59 14.66
N GLN A 166 -6.88 5.52 15.86
CA GLN A 166 -8.32 5.65 15.96
C GLN A 166 -8.74 6.99 15.37
N LEU A 167 -8.00 8.07 15.67
CA LEU A 167 -8.38 9.37 15.12
C LEU A 167 -7.89 9.51 13.68
N ALA A 168 -6.87 8.74 13.30
CA ALA A 168 -6.36 8.81 11.94
C ALA A 168 -7.15 7.85 11.03
N ILE A 169 -7.76 6.84 11.65
CA ILE A 169 -8.55 5.87 10.87
C ILE A 169 -10.00 6.35 10.82
N ARG A 170 -10.60 6.59 11.98
CA ARG A 170 -11.97 7.07 11.98
C ARG A 170 -12.01 8.46 11.37
N GLY A 171 -10.90 9.20 11.47
CA GLY A 171 -10.86 10.53 10.86
C GLY A 171 -11.39 10.44 9.43
N ASP A 172 -10.68 9.73 8.57
CA ASP A 172 -11.12 9.57 7.19
C ASP A 172 -12.20 8.49 7.10
N ASP A 173 -13.46 8.86 7.35
CA ASP A 173 -14.55 7.90 7.30
C ASP A 173 -14.40 6.93 6.12
N GLU A 174 -13.96 7.42 4.96
CA GLU A 174 -13.81 6.53 3.83
C GLU A 174 -12.91 5.36 4.20
N LEU A 175 -11.64 5.66 4.48
CA LEU A 175 -10.73 4.59 4.87
C LEU A 175 -11.36 3.75 5.97
N ASP A 176 -11.83 4.41 7.03
CA ASP A 176 -12.48 3.69 8.13
C ASP A 176 -13.45 2.68 7.55
N SER A 177 -14.47 3.17 6.85
CA SER A 177 -15.44 2.27 6.26
C SER A 177 -14.73 1.14 5.53
N LEU A 178 -13.43 1.33 5.24
CA LEU A 178 -12.67 0.29 4.54
C LEU A 178 -11.69 -0.39 5.53
N ILE A 179 -11.31 0.32 6.61
CA ILE A 179 -10.38 -0.25 7.61
C ILE A 179 -11.10 -0.51 8.93
N ARG A 180 -12.41 -0.36 8.94
CA ARG A 180 -13.17 -0.60 10.15
C ARG A 180 -13.03 -2.06 10.59
N ALA A 181 -11.99 -2.75 10.11
CA ALA A 181 -11.81 -4.15 10.46
C ALA A 181 -10.87 -4.35 11.65
N THR A 182 -9.68 -3.76 11.60
CA THR A 182 -8.71 -3.94 12.69
C THR A 182 -8.77 -2.79 13.69
N ILE A 183 -9.85 -2.02 13.67
CA ILE A 183 -9.98 -0.93 14.64
C ILE A 183 -10.46 -1.52 15.97
N ALA A 184 -9.76 -2.54 16.44
CA ALA A 184 -10.13 -3.23 17.69
C ALA A 184 -9.19 -2.87 18.83
N SER A 185 -9.25 -1.64 19.30
CA SER A 185 -8.39 -1.23 20.40
C SER A 185 -8.61 0.25 20.71
N GLY A 186 -8.15 1.11 19.81
CA GLY A 186 -8.36 2.53 20.01
C GLY A 186 -9.73 2.92 19.47
N GLY A 187 -10.17 2.19 18.44
CA GLY A 187 -11.48 2.44 17.85
C GLY A 187 -12.59 2.20 18.86
N VAL A 188 -12.64 3.08 19.85
CA VAL A 188 -13.66 2.96 20.90
C VAL A 188 -14.82 3.90 20.65
N LEU A 189 -14.76 4.61 19.53
CA LEU A 189 -15.83 5.54 19.18
C LEU A 189 -17.10 4.82 18.71
N PRO A 190 -16.99 3.70 18.01
CA PRO A 190 -18.18 2.97 17.51
C PRO A 190 -18.75 2.01 18.56
N HIS A 191 -19.76 2.46 19.29
CA HIS A 191 -20.37 1.60 20.31
C HIS A 191 -21.10 0.42 19.67
N ILE A 192 -21.43 -0.58 20.48
CA ILE A 192 -22.13 -1.76 19.95
C ILE A 192 -23.64 -1.55 20.04
N THR B 1 20.57 -10.09 11.44
CA THR B 1 21.96 -10.37 10.99
C THR B 1 22.23 -9.62 9.67
N VAL B 2 21.23 -8.88 9.20
CA VAL B 2 21.42 -8.14 7.96
C VAL B 2 22.64 -7.21 8.05
N GLU B 3 23.01 -6.59 6.94
CA GLU B 3 24.15 -5.69 6.96
C GLU B 3 24.09 -4.77 5.74
N ASP B 4 23.18 -5.10 4.84
CA ASP B 4 23.00 -4.34 3.63
C ASP B 4 21.79 -4.92 2.90
N SER B 5 21.02 -5.71 3.64
CA SER B 5 19.84 -6.34 3.06
C SER B 5 19.07 -5.37 2.16
N GLU B 6 18.08 -4.69 2.72
CA GLU B 6 17.30 -3.75 1.93
C GLU B 6 16.76 -4.42 0.66
N SER B 7 16.43 -5.71 0.77
CA SER B 7 15.90 -6.42 -0.38
C SER B 7 16.75 -6.15 -1.62
N ASP B 8 18.06 -6.06 -1.43
CA ASP B 8 18.95 -5.80 -2.56
C ASP B 8 18.84 -6.92 -3.59
N MET B 9 17.76 -6.91 -4.37
CA MET B 9 17.56 -7.94 -5.38
C MET B 9 17.09 -9.24 -4.73
N ASP B 10 15.89 -9.66 -5.11
CA ASP B 10 15.32 -10.89 -4.57
C ASP B 10 13.94 -11.11 -5.18
N ASP B 11 13.86 -11.05 -6.51
CA ASP B 11 12.58 -11.25 -7.19
C ASP B 11 12.77 -11.95 -8.55
N ALA B 12 13.65 -11.40 -9.39
CA ALA B 12 13.92 -11.97 -10.72
C ALA B 12 13.68 -13.49 -10.78
N LYS B 13 14.45 -14.25 -10.01
CA LYS B 13 14.25 -15.71 -10.04
C LYS B 13 12.77 -16.07 -9.90
N LEU B 14 12.13 -15.67 -8.81
CA LEU B 14 10.72 -16.00 -8.65
C LEU B 14 9.92 -15.44 -9.82
N ASP B 15 10.10 -14.15 -10.10
CA ASP B 15 9.39 -13.53 -11.20
C ASP B 15 9.78 -14.20 -12.52
N ALA B 16 10.89 -14.95 -12.50
CA ALA B 16 11.36 -15.63 -13.70
C ALA B 16 10.95 -17.11 -13.66
N LEU B 17 10.29 -17.52 -12.58
CA LEU B 17 9.86 -18.91 -12.49
C LEU B 17 8.65 -19.11 -13.40
N MET B 18 7.79 -18.09 -13.42
CA MET B 18 6.59 -18.15 -14.25
C MET B 18 6.93 -17.83 -15.71
N GLY B 19 7.88 -16.93 -15.93
CA GLY B 19 8.25 -16.57 -17.30
C GLY B 19 7.04 -16.02 -18.05
N ASN B 20 6.38 -15.02 -17.48
CA ASN B 20 5.21 -14.44 -18.13
C ASN B 20 5.63 -13.50 -19.27
N GLU B 21 5.59 -12.18 -19.05
CA GLU B 21 5.98 -11.24 -20.09
C GLU B 21 6.58 -9.98 -19.47
N GLY B 22 7.89 -9.96 -19.34
CA GLY B 22 8.55 -8.80 -18.75
C GLY B 22 8.40 -7.56 -19.63
N GLU B 23 8.17 -7.78 -20.92
CA GLU B 23 8.02 -6.65 -21.83
C GLU B 23 6.82 -5.78 -21.42
N GLU B 24 6.06 -6.25 -20.43
CA GLU B 24 4.91 -5.50 -19.97
C GLU B 24 5.35 -4.30 -19.13
N GLU B 25 6.36 -3.58 -19.60
CA GLU B 25 6.83 -2.41 -18.87
C GLU B 25 5.88 -1.24 -19.08
N GLU B 26 5.94 -0.64 -20.27
CA GLU B 26 5.05 0.48 -20.56
C GLU B 26 3.67 -0.02 -20.95
N ASP B 27 3.29 -1.21 -20.48
CA ASP B 27 1.97 -1.74 -20.82
C ASP B 27 0.88 -0.83 -20.22
N ASP B 28 1.11 -0.33 -19.00
CA ASP B 28 0.12 0.55 -18.38
C ASP B 28 0.28 1.99 -18.92
N LEU B 29 0.67 2.93 -18.05
CA LEU B 29 0.85 4.31 -18.50
C LEU B 29 -0.32 4.76 -19.35
N ALA B 30 -1.35 5.29 -18.69
CA ALA B 30 -2.54 5.76 -19.41
C ALA B 30 -3.65 6.08 -18.41
N GLU B 31 -3.87 5.18 -17.47
CA GLU B 31 -4.90 5.40 -16.47
C GLU B 31 -4.63 6.72 -15.74
N ILE B 32 -3.47 7.31 -16.01
CA ILE B 32 -3.10 8.57 -15.36
C ILE B 32 -4.17 9.65 -15.60
N ASP B 33 -3.80 10.72 -16.28
CA ASP B 33 -4.75 11.81 -16.56
C ASP B 33 -5.05 12.58 -15.27
N THR B 34 -5.30 11.85 -14.19
CA THR B 34 -5.59 12.51 -12.91
C THR B 34 -4.29 12.78 -12.13
N SER B 35 -3.21 12.13 -12.54
CA SER B 35 -1.93 12.32 -11.86
C SER B 35 -1.49 13.78 -11.95
N ASN B 36 -1.68 14.40 -13.11
CA ASN B 36 -1.29 15.79 -13.28
C ASN B 36 -1.95 16.67 -12.21
N ILE B 37 -3.10 16.25 -11.70
CA ILE B 37 -3.79 17.04 -10.68
C ILE B 37 -3.38 16.60 -9.27
N ILE B 38 -4.09 15.64 -8.72
CA ILE B 38 -3.75 15.19 -7.36
C ILE B 38 -2.36 14.57 -7.34
N THR B 39 -2.02 13.88 -6.25
CA THR B 39 -0.71 13.26 -6.14
C THR B 39 -0.81 11.98 -5.27
N SER B 40 0.03 11.87 -4.25
CA SER B 40 -0.03 10.68 -3.40
C SER B 40 0.81 10.85 -2.13
N GLY B 41 1.04 9.75 -1.42
CA GLY B 41 1.84 9.83 -0.20
C GLY B 41 3.29 10.19 -0.51
N ARG B 42 3.67 10.12 -1.78
CA ARG B 42 5.04 10.44 -2.16
C ARG B 42 5.40 11.86 -1.72
N ARG B 43 4.42 12.75 -1.68
CA ARG B 43 4.70 14.13 -1.26
C ARG B 43 3.42 14.82 -0.79
N THR B 44 3.30 15.08 0.51
CA THR B 44 2.11 15.74 1.02
C THR B 44 2.37 16.30 2.42
N ARG B 45 2.38 15.43 3.42
CA ARG B 45 2.63 15.86 4.79
C ARG B 45 1.67 16.99 5.19
N GLY B 46 0.51 16.62 5.74
CA GLY B 46 -0.46 17.63 6.16
C GLY B 46 -1.29 17.13 7.35
N LYS B 47 -0.65 16.31 8.20
CA LYS B 47 -1.30 15.74 9.39
C LYS B 47 -2.81 15.64 9.26
N VAL B 48 -3.49 15.66 10.40
CA VAL B 48 -4.95 15.57 10.41
C VAL B 48 -5.47 15.86 11.82
N ILE B 49 -4.93 15.15 12.82
CA ILE B 49 -5.40 15.33 14.20
C ILE B 49 -6.92 15.50 14.23
N ASP B 50 -7.63 14.42 13.99
CA ASP B 50 -9.07 14.48 13.98
C ASP B 50 -9.63 14.57 15.39
N TYR B 51 -8.88 14.03 16.36
CA TYR B 51 -9.29 14.05 17.77
C TYR B 51 -10.82 14.17 17.93
N LYS B 52 -11.54 13.31 17.21
CA LYS B 52 -13.00 13.30 17.25
C LYS B 52 -13.60 14.60 16.73
N LYS B 53 -13.01 15.73 17.08
CA LYS B 53 -13.55 17.00 16.61
C LYS B 53 -13.78 16.98 15.10
N THR B 54 -12.82 16.46 14.36
CA THR B 54 -12.95 16.41 12.90
C THR B 54 -13.64 15.12 12.47
N ALA B 55 -13.17 13.97 12.94
CA ALA B 55 -13.80 12.71 12.56
C ALA B 55 -15.33 12.85 12.57
N GLU B 56 -15.84 13.64 13.51
CA GLU B 56 -17.28 13.85 13.56
C GLU B 56 -17.68 14.96 12.59
N GLU B 57 -17.23 16.20 12.81
CA GLU B 57 -17.59 17.24 11.86
C GLU B 57 -17.36 16.70 10.44
N LEU B 58 -16.23 16.04 10.27
CA LEU B 58 -15.90 15.46 8.99
C LEU B 58 -17.05 14.61 8.46
N ASP B 59 -17.53 13.66 9.26
CA ASP B 59 -18.59 12.76 8.82
C ASP B 59 -19.98 13.17 9.32
N LYS B 60 -20.17 14.45 9.66
CA LYS B 60 -21.48 14.90 10.13
C LYS B 60 -21.83 16.16 9.36
N LYS B 61 -21.01 17.20 9.50
CA LYS B 61 -21.28 18.39 8.73
C LYS B 61 -20.99 18.04 7.27
N GLU B 62 -19.95 17.21 7.11
CA GLU B 62 -19.51 16.71 5.80
C GLU B 62 -20.13 17.46 4.61
N ARG A 1 5.11 -9.86 17.30
CA ARG A 1 6.41 -9.61 16.64
C ARG A 1 6.87 -10.87 15.90
N LYS A 2 6.03 -11.37 15.01
CA LYS A 2 6.38 -12.57 14.27
C LYS A 2 7.43 -12.25 13.19
N GLU A 3 7.00 -11.42 12.25
CA GLU A 3 7.88 -11.07 11.14
C GLU A 3 7.21 -9.99 10.29
N THR A 4 6.20 -10.40 9.52
CA THR A 4 5.48 -9.46 8.68
C THR A 4 6.45 -8.48 7.99
N TYR A 5 5.91 -7.43 7.36
CA TYR A 5 6.80 -6.48 6.68
C TYR A 5 7.45 -5.55 7.72
N SER A 6 7.84 -6.10 8.85
CA SER A 6 8.47 -5.27 9.89
C SER A 6 9.69 -4.53 9.35
N SER A 7 10.75 -5.26 9.02
CA SER A 7 11.96 -4.63 8.53
C SER A 7 11.68 -3.53 7.49
N TYR A 8 11.20 -3.91 6.31
CA TYR A 8 10.94 -2.92 5.27
C TYR A 8 10.06 -1.78 5.78
N ILE A 9 9.05 -2.08 6.59
CA ILE A 9 8.25 -0.98 7.10
C ILE A 9 9.15 -0.16 8.01
N TYR A 10 9.91 -0.87 8.84
CA TYR A 10 10.83 -0.19 9.75
C TYR A 10 11.62 0.85 8.97
N LYS A 11 11.74 0.63 7.67
CA LYS A 11 12.47 1.57 6.84
C LYS A 11 11.51 2.67 6.41
N VAL A 12 10.25 2.32 6.26
CA VAL A 12 9.25 3.32 5.89
C VAL A 12 8.78 3.99 7.18
N LEU A 13 9.24 3.43 8.29
CA LEU A 13 8.90 3.93 9.60
C LEU A 13 9.86 5.02 10.01
N LYS A 14 11.14 4.83 9.68
CA LYS A 14 12.13 5.84 10.02
C LYS A 14 12.11 6.92 8.93
N GLN A 15 11.96 6.48 7.70
CA GLN A 15 11.91 7.40 6.57
C GLN A 15 10.67 8.30 6.68
N THR A 16 9.50 7.69 6.87
CA THR A 16 8.29 8.49 7.00
C THR A 16 8.43 9.46 8.17
N HIS A 17 9.06 9.00 9.25
CA HIS A 17 9.26 9.84 10.42
C HIS A 17 10.35 9.21 11.31
N PRO A 18 11.23 9.99 11.88
CA PRO A 18 12.32 9.45 12.75
C PRO A 18 11.82 9.10 14.15
N ASP A 19 10.68 9.67 14.55
CA ASP A 19 10.11 9.39 15.87
C ASP A 19 8.86 8.52 15.73
N THR A 20 9.04 7.28 15.28
CA THR A 20 7.91 6.39 15.10
C THR A 20 8.29 4.94 15.40
N GLY A 21 8.29 4.59 16.68
CA GLY A 21 8.63 3.23 17.07
C GLY A 21 7.42 2.32 16.84
N ILE A 22 6.31 2.95 16.46
CA ILE A 22 5.05 2.27 16.17
C ILE A 22 4.75 1.06 17.08
N SER A 23 3.58 1.11 17.73
CA SER A 23 3.18 -0.01 18.60
C SER A 23 3.11 -1.31 17.80
N GLN A 24 3.43 -2.43 18.45
CA GLN A 24 3.39 -3.71 17.77
C GLN A 24 2.02 -3.94 17.13
N LYS A 25 0.94 -3.62 17.84
CA LYS A 25 -0.38 -3.81 17.25
C LYS A 25 -0.58 -2.80 16.13
N SER A 26 -0.12 -1.58 16.33
CA SER A 26 -0.25 -0.59 15.27
C SER A 26 0.47 -1.15 14.05
N MET A 27 1.48 -1.96 14.32
CA MET A 27 2.22 -2.60 13.26
C MET A 27 1.43 -3.82 12.78
N SER A 28 0.46 -4.26 13.60
CA SER A 28 -0.37 -5.41 13.26
C SER A 28 -1.59 -4.94 12.47
N ILE A 29 -2.13 -3.79 12.87
CA ILE A 29 -3.30 -3.25 12.18
C ILE A 29 -2.87 -2.81 10.80
N LEU A 30 -1.78 -2.06 10.73
CA LEU A 30 -1.32 -1.65 9.42
C LEU A 30 -0.99 -2.94 8.65
N ASN A 31 -0.10 -3.76 9.22
CA ASN A 31 0.26 -5.01 8.55
C ASN A 31 -0.98 -5.80 8.18
N SER A 32 -1.97 -5.83 9.08
CA SER A 32 -3.18 -6.56 8.78
C SER A 32 -3.93 -5.86 7.65
N PHE A 33 -3.90 -4.54 7.66
CA PHE A 33 -4.55 -3.80 6.60
C PHE A 33 -3.75 -4.05 5.33
N VAL A 34 -2.52 -3.60 5.34
CA VAL A 34 -1.59 -3.82 4.25
C VAL A 34 -1.77 -5.25 3.74
N ASN A 35 -2.00 -6.17 4.67
CA ASN A 35 -2.17 -7.56 4.27
C ASN A 35 -3.59 -7.79 3.78
N ASP A 36 -4.55 -7.17 4.46
CA ASP A 36 -5.94 -7.34 4.06
C ASP A 36 -6.22 -6.56 2.78
N ILE A 37 -5.72 -5.33 2.67
CA ILE A 37 -5.95 -4.58 1.46
C ILE A 37 -5.14 -5.22 0.34
N PHE A 38 -4.09 -5.94 0.69
CA PHE A 38 -3.32 -6.61 -0.33
C PHE A 38 -4.22 -7.66 -0.97
N GLU A 39 -5.02 -8.31 -0.13
CA GLU A 39 -5.92 -9.34 -0.64
C GLU A 39 -7.07 -8.71 -1.41
N ARG A 40 -7.80 -7.80 -0.78
CA ARG A 40 -8.92 -7.16 -1.45
C ARG A 40 -8.59 -6.81 -2.91
N ILE A 41 -7.42 -6.20 -3.11
CA ILE A 41 -7.02 -5.83 -4.48
C ILE A 41 -6.67 -7.09 -5.29
N ALA A 42 -5.55 -7.69 -4.95
CA ALA A 42 -5.07 -8.89 -5.66
C ALA A 42 -6.09 -10.03 -5.62
N THR A 43 -7.07 -9.98 -4.72
CA THR A 43 -8.06 -11.04 -4.66
C THR A 43 -9.08 -10.80 -5.75
N GLU A 44 -9.59 -9.57 -5.82
CA GLU A 44 -10.54 -9.28 -6.86
C GLU A 44 -9.84 -9.36 -8.20
N ALA A 45 -8.58 -8.91 -8.27
CA ALA A 45 -7.87 -9.03 -9.54
C ALA A 45 -7.78 -10.51 -9.86
N SER A 46 -7.32 -11.27 -8.88
CA SER A 46 -7.23 -12.71 -9.04
C SER A 46 -8.61 -13.29 -9.28
N LYS A 47 -9.65 -12.50 -9.01
CA LYS A 47 -11.01 -12.98 -9.22
C LYS A 47 -11.48 -12.73 -10.65
N LEU A 48 -11.52 -11.46 -11.07
CA LEU A 48 -11.94 -11.15 -12.42
C LEU A 48 -10.92 -11.71 -13.40
N ALA A 49 -9.88 -12.32 -12.84
CA ALA A 49 -8.81 -12.91 -13.65
C ALA A 49 -8.93 -14.44 -13.65
N ALA A 50 -9.42 -15.01 -12.55
CA ALA A 50 -9.56 -16.46 -12.50
C ALA A 50 -10.80 -16.86 -13.29
N TYR A 51 -11.78 -15.98 -13.31
CA TYR A 51 -13.01 -16.22 -14.04
C TYR A 51 -12.82 -15.77 -15.49
N ASN A 52 -11.95 -14.78 -15.71
CA ASN A 52 -11.71 -14.28 -17.07
C ASN A 52 -10.52 -14.99 -17.72
N LYS A 53 -9.95 -15.97 -17.02
CA LYS A 53 -8.80 -16.70 -17.53
C LYS A 53 -7.59 -15.78 -17.63
N LYS A 54 -7.82 -14.50 -17.37
CA LYS A 54 -6.71 -13.57 -17.43
C LYS A 54 -5.85 -13.74 -16.18
N SER A 55 -5.69 -14.99 -15.74
CA SER A 55 -4.89 -15.28 -14.54
C SER A 55 -3.69 -14.33 -14.42
N THR A 56 -3.06 -14.01 -15.54
CA THR A 56 -1.93 -13.09 -15.48
C THR A 56 -2.40 -11.75 -14.92
N ILE A 57 -2.00 -11.45 -13.68
CA ILE A 57 -2.43 -10.19 -13.08
C ILE A 57 -1.74 -9.01 -13.77
N SER A 58 -2.43 -8.42 -14.74
CA SER A 58 -1.86 -7.28 -15.45
C SER A 58 -2.12 -6.00 -14.65
N ALA A 59 -1.45 -4.92 -15.01
CA ALA A 59 -1.64 -3.67 -14.29
C ALA A 59 -3.12 -3.26 -14.31
N ARG A 60 -3.83 -3.66 -15.36
CA ARG A 60 -5.24 -3.31 -15.45
C ARG A 60 -6.10 -4.14 -14.49
N GLU A 61 -5.96 -5.46 -14.56
CA GLU A 61 -6.74 -6.34 -13.68
C GLU A 61 -6.82 -5.75 -12.27
N ILE A 62 -5.66 -5.43 -11.71
CA ILE A 62 -5.63 -4.85 -10.38
C ILE A 62 -6.12 -3.40 -10.40
N GLN A 63 -5.98 -2.71 -11.53
CA GLN A 63 -6.47 -1.34 -11.57
C GLN A 63 -7.98 -1.33 -11.37
N THR A 64 -8.68 -2.18 -12.12
CA THR A 64 -10.12 -2.24 -11.95
C THR A 64 -10.43 -2.55 -10.49
N ALA A 65 -9.91 -3.67 -9.98
CA ALA A 65 -10.15 -3.99 -8.57
C ALA A 65 -9.86 -2.76 -7.72
N VAL A 66 -8.63 -2.26 -7.79
CA VAL A 66 -8.28 -1.05 -7.04
C VAL A 66 -9.38 0.00 -7.23
N ARG A 67 -9.95 0.08 -8.43
CA ARG A 67 -10.99 1.06 -8.69
C ARG A 67 -12.34 0.61 -8.11
N LEU A 68 -12.54 -0.70 -8.04
CA LEU A 68 -13.79 -1.22 -7.48
C LEU A 68 -13.64 -1.41 -5.98
N ILE A 69 -12.41 -1.46 -5.54
CA ILE A 69 -12.11 -1.63 -4.12
C ILE A 69 -12.12 -0.31 -3.38
N LEU A 70 -11.13 0.49 -3.71
CA LEU A 70 -10.95 1.76 -3.05
C LEU A 70 -12.13 2.69 -3.38
N PRO A 71 -12.70 3.35 -2.41
CA PRO A 71 -13.87 4.24 -2.63
C PRO A 71 -13.80 4.99 -3.97
N GLY A 72 -12.58 5.29 -4.43
CA GLY A 72 -12.42 6.01 -5.70
C GLY A 72 -11.37 7.10 -5.57
N GLU A 73 -11.67 8.15 -4.80
CA GLU A 73 -10.69 9.23 -4.62
C GLU A 73 -9.31 8.63 -4.34
N LEU A 74 -9.23 7.78 -3.32
CA LEU A 74 -7.96 7.14 -3.02
C LEU A 74 -7.46 6.45 -4.29
N ALA A 75 -8.32 5.65 -4.92
CA ALA A 75 -7.92 4.99 -6.15
C ALA A 75 -7.24 6.00 -7.08
N LYS A 76 -7.92 7.12 -7.36
CA LYS A 76 -7.33 8.15 -8.22
C LYS A 76 -5.86 8.36 -7.85
N HIS A 77 -5.58 8.35 -6.55
CA HIS A 77 -4.21 8.52 -6.09
C HIS A 77 -3.45 7.20 -6.27
N ALA A 78 -4.16 6.08 -6.15
CA ALA A 78 -3.51 4.78 -6.32
C ALA A 78 -3.28 4.46 -7.80
N VAL A 79 -4.15 4.98 -8.67
CA VAL A 79 -3.99 4.71 -10.10
C VAL A 79 -2.90 5.61 -10.71
N SER A 80 -2.82 6.86 -10.24
CA SER A 80 -1.81 7.75 -10.78
C SER A 80 -0.42 7.37 -10.25
N GLU A 81 -0.31 7.12 -8.95
CA GLU A 81 0.96 6.74 -8.37
C GLU A 81 1.45 5.39 -8.91
N GLY A 82 0.51 4.48 -9.13
CA GLY A 82 0.89 3.15 -9.64
C GLY A 82 1.37 3.22 -11.09
N THR A 83 0.70 4.01 -11.91
CA THR A 83 1.12 4.11 -13.31
C THR A 83 2.48 4.78 -13.37
N ARG A 84 2.50 6.07 -13.08
CA ARG A 84 3.75 6.82 -13.04
C ARG A 84 4.89 5.96 -12.49
N ALA A 85 4.58 5.09 -11.54
CA ALA A 85 5.62 4.22 -11.01
C ALA A 85 6.10 3.31 -12.14
N VAL A 86 5.14 2.71 -12.85
CA VAL A 86 5.51 1.85 -13.97
C VAL A 86 6.47 2.61 -14.89
N THR A 87 6.20 3.90 -15.12
CA THR A 87 7.07 4.72 -15.97
C THR A 87 8.48 4.69 -15.42
N LYS A 88 8.71 5.40 -14.33
CA LYS A 88 10.05 5.41 -13.76
C LYS A 88 10.58 3.98 -13.66
N TYR A 89 9.78 3.11 -13.06
CA TYR A 89 10.17 1.71 -12.90
C TYR A 89 10.74 1.14 -14.17
N SER A 90 10.32 1.66 -15.32
CA SER A 90 10.84 1.16 -16.60
C SER A 90 11.61 2.24 -17.36
N SER A 91 11.01 3.42 -17.53
CA SER A 91 11.67 4.50 -18.25
C SER A 91 13.15 4.60 -17.85
N SER A 92 13.50 4.03 -16.69
CA SER A 92 14.89 4.07 -16.25
C SER A 92 15.81 3.42 -17.27
N THR A 93 16.44 2.31 -16.90
CA THR A 93 17.33 1.60 -17.83
C THR A 93 17.13 0.10 -17.70
N GLN A 94 15.91 -0.31 -17.36
CA GLN A 94 15.63 -1.72 -17.20
C GLN A 94 16.69 -2.37 -16.30
N ALA A 95 17.53 -1.54 -15.69
CA ALA A 95 18.58 -2.07 -14.81
C ALA A 95 18.88 -1.10 -13.67
N GLN A 96 18.26 -1.34 -12.51
CA GLN A 96 18.49 -0.48 -11.37
C GLN A 96 17.83 -1.08 -10.13
N SER A 97 17.97 -2.39 -9.95
CA SER A 97 17.38 -3.04 -8.78
C SER A 97 15.90 -2.72 -8.63
N SER A 98 15.06 -3.73 -8.84
CA SER A 98 13.62 -3.51 -8.72
C SER A 98 13.27 -2.82 -7.42
N SER A 99 14.00 -3.11 -6.35
CA SER A 99 13.69 -2.46 -5.08
C SER A 99 14.13 -0.99 -5.09
N ALA A 100 14.79 -0.59 -6.18
CA ALA A 100 15.26 0.80 -6.30
C ALA A 100 14.71 1.37 -7.61
N ARG A 101 14.48 0.50 -8.58
CA ARG A 101 13.92 0.93 -9.85
C ARG A 101 12.42 1.13 -9.67
N ALA A 102 11.75 0.14 -9.07
CA ALA A 102 10.32 0.27 -8.83
C ALA A 102 10.05 1.58 -8.11
N GLY A 103 10.98 1.98 -7.23
CA GLY A 103 10.81 3.23 -6.48
C GLY A 103 10.11 2.97 -5.16
N LEU A 104 9.31 1.92 -5.09
CA LEU A 104 8.58 1.59 -3.88
C LEU A 104 9.44 0.74 -2.96
N GLN A 105 9.76 1.26 -1.78
CA GLN A 105 10.58 0.50 -0.85
C GLN A 105 9.75 -0.62 -0.22
N PHE A 106 9.27 -1.55 -1.05
CA PHE A 106 8.47 -2.66 -0.54
C PHE A 106 8.82 -3.97 -1.30
N PRO A 107 8.95 -5.09 -0.62
CA PRO A 107 9.28 -6.40 -1.26
C PRO A 107 8.62 -6.60 -2.61
N VAL A 108 9.35 -6.29 -3.68
CA VAL A 108 8.80 -6.48 -4.99
C VAL A 108 8.71 -7.99 -5.31
N GLY A 109 9.75 -8.74 -4.91
CA GLY A 109 9.72 -10.17 -5.17
C GLY A 109 8.81 -10.89 -4.18
N ARG A 110 9.14 -10.80 -2.90
CA ARG A 110 8.35 -11.46 -1.86
C ARG A 110 6.86 -11.26 -2.14
N ILE A 111 6.48 -10.05 -2.57
CA ILE A 111 5.07 -9.82 -2.87
C ILE A 111 4.70 -10.59 -4.13
N LYS A 112 5.54 -10.52 -5.17
CA LYS A 112 5.22 -11.28 -6.37
C LYS A 112 5.03 -12.73 -5.91
N ARG A 113 5.64 -13.03 -4.78
CA ARG A 113 5.50 -14.37 -4.23
C ARG A 113 4.12 -14.51 -3.62
N TYR A 114 3.60 -13.41 -3.09
CA TYR A 114 2.29 -13.44 -2.49
C TYR A 114 1.27 -13.64 -3.60
N LEU A 115 1.59 -13.11 -4.77
CA LEU A 115 0.71 -13.28 -5.92
C LEU A 115 0.91 -14.67 -6.50
N LYS A 116 2.03 -15.30 -6.17
CA LYS A 116 2.32 -16.65 -6.69
C LYS A 116 1.79 -17.73 -5.74
N ARG A 117 1.93 -17.51 -4.43
CA ARG A 117 1.47 -18.51 -3.45
C ARG A 117 0.06 -18.21 -2.92
N HIS A 118 -0.29 -16.94 -2.77
CA HIS A 118 -1.63 -16.63 -2.27
C HIS A 118 -2.67 -16.91 -3.35
N ALA A 119 -2.46 -16.36 -4.53
CA ALA A 119 -3.40 -16.61 -5.62
C ALA A 119 -3.29 -18.07 -6.07
N THR A 120 -2.05 -18.59 -6.09
CA THR A 120 -1.80 -19.97 -6.48
C THR A 120 -2.80 -20.46 -7.54
N GLY A 121 -3.25 -19.54 -8.41
CA GLY A 121 -4.21 -19.92 -9.45
C GLY A 121 -3.57 -19.75 -10.82
N ARG A 122 -2.38 -20.32 -11.01
CA ARG A 122 -1.70 -20.17 -12.30
C ARG A 122 -1.74 -18.70 -12.71
N THR A 123 -1.62 -17.82 -11.71
CA THR A 123 -1.67 -16.40 -11.98
C THR A 123 -0.30 -15.87 -12.37
N ARG A 124 -0.03 -15.79 -13.68
CA ARG A 124 1.27 -15.27 -14.11
C ARG A 124 1.54 -13.94 -13.38
N VAL A 125 2.70 -13.34 -13.60
CA VAL A 125 3.03 -12.09 -12.92
C VAL A 125 3.78 -11.15 -13.85
N GLY A 126 3.05 -10.29 -14.53
CA GLY A 126 3.68 -9.35 -15.46
C GLY A 126 4.33 -8.18 -14.70
N SER A 127 5.53 -7.79 -15.11
CA SER A 127 6.20 -6.65 -14.47
C SER A 127 5.24 -5.47 -14.41
N LYS A 128 4.14 -5.59 -15.14
CA LYS A 128 3.12 -4.54 -15.18
C LYS A 128 2.02 -4.81 -14.18
N ALA A 129 2.36 -5.03 -12.91
CA ALA A 129 1.31 -5.28 -11.94
C ALA A 129 1.87 -5.29 -10.51
N ALA A 130 2.65 -6.32 -10.18
CA ALA A 130 3.24 -6.44 -8.84
C ALA A 130 3.64 -5.06 -8.30
N ILE A 131 4.17 -4.21 -9.17
CA ILE A 131 4.57 -2.88 -8.71
C ILE A 131 3.30 -2.11 -8.26
N TYR A 132 2.23 -2.22 -9.04
CA TYR A 132 0.99 -1.55 -8.68
C TYR A 132 0.62 -1.90 -7.26
N LEU A 133 0.99 -3.11 -6.84
CA LEU A 133 0.68 -3.56 -5.49
C LEU A 133 1.62 -2.90 -4.47
N THR A 134 2.87 -2.74 -4.85
CA THR A 134 3.83 -2.13 -3.95
C THR A 134 3.57 -0.63 -3.89
N ALA A 135 2.99 -0.10 -4.95
CA ALA A 135 2.67 1.31 -4.99
C ALA A 135 1.38 1.59 -4.23
N VAL A 136 0.43 0.65 -4.27
CA VAL A 136 -0.81 0.91 -3.53
C VAL A 136 -0.59 0.78 -2.02
N LEU A 137 0.30 -0.12 -1.61
CA LEU A 137 0.55 -0.26 -0.17
C LEU A 137 1.36 0.92 0.33
N GLU A 138 2.51 1.18 -0.29
CA GLU A 138 3.33 2.31 0.13
C GLU A 138 2.52 3.61 0.11
N TYR A 139 1.47 3.64 -0.70
CA TYR A 139 0.64 4.83 -0.79
C TYR A 139 -0.26 4.95 0.43
N LEU A 140 -1.09 3.93 0.66
CA LEU A 140 -2.00 3.98 1.79
C LEU A 140 -1.26 3.59 3.07
N THR A 141 -0.28 2.70 2.96
CA THR A 141 0.47 2.32 4.15
C THR A 141 1.23 3.54 4.67
N ALA A 142 1.90 4.26 3.78
CA ALA A 142 2.64 5.44 4.21
C ALA A 142 1.66 6.54 4.64
N GLU A 143 0.45 6.51 4.08
CA GLU A 143 -0.54 7.53 4.44
C GLU A 143 -1.06 7.31 5.87
N VAL A 144 -1.53 6.10 6.16
CA VAL A 144 -2.04 5.84 7.51
C VAL A 144 -0.95 6.14 8.54
N LEU A 145 0.29 5.80 8.21
CA LEU A 145 1.37 6.05 9.15
C LEU A 145 1.77 7.54 9.16
N GLU A 146 1.62 8.22 8.02
CA GLU A 146 1.98 9.63 7.97
C GLU A 146 1.07 10.44 8.90
N LEU A 147 -0.23 10.19 8.83
CA LEU A 147 -1.17 10.92 9.68
C LEU A 147 -1.02 10.50 11.14
N ALA A 148 -1.34 9.24 11.44
CA ALA A 148 -1.24 8.77 12.82
C ALA A 148 0.05 9.26 13.48
N GLY A 149 1.17 9.10 12.78
CA GLY A 149 2.45 9.54 13.33
C GLY A 149 2.43 11.04 13.63
N ASN A 150 2.50 11.87 12.58
CA ASN A 150 2.52 13.31 12.80
C ASN A 150 1.23 13.79 13.46
N ALA A 151 0.34 12.87 13.83
CA ALA A 151 -0.92 13.28 14.46
C ALA A 151 -0.77 13.32 15.98
N ALA A 152 -0.47 12.17 16.59
CA ALA A 152 -0.32 12.12 18.05
C ALA A 152 1.16 12.11 18.46
N LYS A 153 2.01 11.46 17.67
CA LYS A 153 3.43 11.40 18.01
C LYS A 153 3.97 12.79 18.32
N ASP A 154 3.36 13.81 17.74
CA ASP A 154 3.81 15.17 17.99
C ASP A 154 3.30 15.66 19.33
N LEU A 155 2.38 14.91 19.93
CA LEU A 155 1.83 15.31 21.23
C LEU A 155 1.61 14.09 22.14
N LYS A 156 2.40 13.04 21.97
CA LYS A 156 2.23 11.86 22.83
C LYS A 156 3.55 11.12 23.04
N VAL A 157 4.08 10.52 21.98
CA VAL A 157 5.34 9.78 22.08
C VAL A 157 5.72 9.19 20.74
N LYS A 158 7.02 9.02 20.51
CA LYS A 158 7.48 8.48 19.24
C LYS A 158 6.94 7.06 19.02
N ARG A 159 5.75 6.77 19.55
CA ARG A 159 5.16 5.45 19.39
C ARG A 159 3.65 5.55 19.14
N ILE A 160 3.20 5.03 18.00
CA ILE A 160 1.79 5.09 17.68
C ILE A 160 1.03 3.96 18.40
N THR A 161 -0.29 4.10 18.51
CA THR A 161 -1.10 3.09 19.17
C THR A 161 -2.49 3.03 18.50
N PRO A 162 -3.18 1.91 18.54
CA PRO A 162 -4.53 1.81 17.92
C PRO A 162 -5.39 3.04 18.21
N ARG A 163 -4.96 3.85 19.18
CA ARG A 163 -5.70 5.06 19.51
C ARG A 163 -5.52 6.12 18.44
N HIS A 164 -4.27 6.48 18.16
CA HIS A 164 -4.02 7.49 17.14
C HIS A 164 -4.52 6.97 15.80
N LEU A 165 -4.67 5.66 15.68
CA LEU A 165 -5.16 5.08 14.43
C LEU A 165 -6.68 5.13 14.40
N GLN A 166 -7.31 4.80 15.53
CA GLN A 166 -8.77 4.84 15.59
C GLN A 166 -9.27 6.26 15.31
N LEU A 167 -8.41 7.26 15.49
CA LEU A 167 -8.81 8.64 15.25
C LEU A 167 -8.46 9.05 13.81
N ALA A 168 -7.30 8.63 13.33
CA ALA A 168 -6.91 8.96 11.97
C ALA A 168 -7.68 8.11 10.97
N ILE A 169 -8.18 6.96 11.44
CA ILE A 169 -8.96 6.09 10.56
C ILE A 169 -10.42 6.47 10.66
N ARG A 170 -10.94 6.59 11.88
CA ARG A 170 -12.33 7.01 12.01
C ARG A 170 -12.45 8.41 11.45
N GLY A 171 -11.37 9.18 11.54
CA GLY A 171 -11.40 10.53 10.98
C GLY A 171 -11.98 10.48 9.57
N ASP A 172 -11.18 10.03 8.61
CA ASP A 172 -11.67 9.92 7.25
C ASP A 172 -12.78 8.87 7.18
N ASP A 173 -13.99 9.28 6.80
CA ASP A 173 -15.10 8.34 6.72
C ASP A 173 -14.85 7.27 5.65
N GLU A 174 -14.28 7.66 4.52
CA GLU A 174 -14.04 6.68 3.46
C GLU A 174 -13.07 5.59 3.96
N LEU A 175 -11.85 5.97 4.33
CA LEU A 175 -10.89 4.99 4.81
C LEU A 175 -11.54 4.07 5.85
N ASP A 176 -12.07 4.64 6.92
CA ASP A 176 -12.72 3.83 7.96
C ASP A 176 -13.57 2.74 7.33
N SER A 177 -14.60 3.15 6.61
CA SER A 177 -15.46 2.18 5.97
C SER A 177 -14.64 1.20 5.15
N LEU A 178 -13.37 1.54 4.89
CA LEU A 178 -12.50 0.66 4.10
C LEU A 178 -11.47 -0.02 5.02
N ILE A 179 -11.15 0.60 6.17
CA ILE A 179 -10.16 0.00 7.11
C ILE A 179 -10.86 -0.58 8.33
N ARG A 180 -12.18 -0.63 8.30
CA ARG A 180 -12.92 -1.18 9.44
C ARG A 180 -12.48 -2.63 9.73
N ALA A 181 -11.37 -3.06 9.13
CA ALA A 181 -10.89 -4.42 9.34
C ALA A 181 -10.99 -4.84 10.82
N THR A 182 -10.32 -4.11 11.72
CA THR A 182 -10.39 -4.47 13.13
C THR A 182 -9.85 -3.34 14.01
N ILE A 183 -10.24 -2.11 13.69
CA ILE A 183 -9.81 -0.98 14.50
C ILE A 183 -10.50 -1.05 15.87
N ALA A 184 -10.31 -2.16 16.56
CA ALA A 184 -10.92 -2.36 17.87
C ALA A 184 -9.86 -2.63 18.93
N SER A 185 -9.29 -1.56 19.46
CA SER A 185 -8.26 -1.72 20.48
C SER A 185 -7.87 -0.35 21.05
N GLY A 186 -7.93 0.69 20.22
CA GLY A 186 -7.59 2.01 20.70
C GLY A 186 -8.65 2.44 21.69
N GLY A 187 -9.72 1.66 21.72
CA GLY A 187 -10.84 1.94 22.63
C GLY A 187 -12.13 1.95 21.84
N VAL A 188 -12.02 1.55 20.58
CA VAL A 188 -13.17 1.51 19.68
C VAL A 188 -14.10 2.68 19.95
N LEU A 189 -13.61 3.84 19.57
CA LEU A 189 -14.34 5.10 19.75
C LEU A 189 -15.87 4.90 19.62
N PRO A 190 -16.36 4.41 18.49
CA PRO A 190 -17.83 4.19 18.32
C PRO A 190 -18.38 3.19 19.32
N HIS A 191 -18.55 3.62 20.57
CA HIS A 191 -19.06 2.72 21.60
C HIS A 191 -20.39 2.10 21.15
N ILE A 192 -20.73 0.94 21.70
CA ILE A 192 -21.98 0.28 21.33
C ILE A 192 -23.16 0.96 22.03
N THR B 1 28.43 -10.71 4.25
CA THR B 1 26.97 -10.92 4.39
C THR B 1 26.28 -9.57 4.55
N VAL B 2 25.00 -9.51 4.22
CA VAL B 2 24.26 -8.25 4.35
C VAL B 2 24.37 -7.71 5.78
N GLU B 3 23.53 -6.73 6.08
CA GLU B 3 23.56 -6.14 7.42
C GLU B 3 22.27 -5.35 7.65
N ASP B 4 21.30 -5.58 6.77
CA ASP B 4 20.03 -4.88 6.89
C ASP B 4 19.09 -5.41 5.81
N SER B 5 19.68 -6.03 4.80
CA SER B 5 18.92 -6.60 3.71
C SER B 5 18.06 -5.56 3.03
N GLU B 6 17.90 -5.73 1.72
CA GLU B 6 17.12 -4.80 0.92
C GLU B 6 16.26 -5.57 -0.08
N SER B 7 15.42 -6.48 0.42
CA SER B 7 14.56 -7.26 -0.47
C SER B 7 15.36 -7.87 -1.62
N ASP B 8 16.69 -7.75 -1.57
CA ASP B 8 17.52 -8.31 -2.63
C ASP B 8 16.92 -8.04 -4.01
N MET B 9 16.53 -6.78 -4.25
CA MET B 9 15.92 -6.41 -5.53
C MET B 9 14.61 -7.18 -5.74
N ASP B 10 14.73 -8.49 -5.89
CA ASP B 10 13.55 -9.33 -6.09
C ASP B 10 13.99 -10.80 -6.13
N ASP B 11 13.83 -11.51 -5.01
CA ASP B 11 14.25 -12.91 -4.98
C ASP B 11 13.14 -13.86 -5.43
N ALA B 12 11.90 -13.50 -5.14
CA ALA B 12 10.79 -14.36 -5.52
C ALA B 12 10.79 -14.64 -7.03
N LYS B 13 11.30 -13.72 -7.84
CA LYS B 13 11.32 -13.96 -9.28
C LYS B 13 12.31 -15.08 -9.60
N LEU B 14 13.52 -14.99 -9.06
CA LEU B 14 14.50 -16.04 -9.31
C LEU B 14 13.94 -17.37 -8.84
N ASP B 15 12.97 -17.29 -7.94
CA ASP B 15 12.34 -18.50 -7.41
C ASP B 15 11.30 -19.04 -8.40
N ALA B 16 10.62 -18.13 -9.12
CA ALA B 16 9.61 -18.56 -10.10
C ALA B 16 10.08 -18.29 -11.52
N LEU B 17 10.31 -17.02 -11.82
CA LEU B 17 10.75 -16.63 -13.13
C LEU B 17 9.55 -16.43 -14.04
N MET B 18 8.40 -16.80 -13.53
CA MET B 18 7.19 -16.68 -14.31
C MET B 18 6.78 -15.21 -14.44
N GLY B 19 7.77 -14.32 -14.60
CA GLY B 19 7.46 -12.90 -14.74
C GLY B 19 6.66 -12.64 -16.01
N ASN B 20 6.85 -13.47 -17.03
CA ASN B 20 6.13 -13.29 -18.29
C ASN B 20 6.61 -12.02 -18.99
N GLU B 21 6.52 -10.88 -18.32
CA GLU B 21 6.97 -9.63 -18.93
C GLU B 21 6.50 -9.52 -20.38
N GLY B 22 5.51 -10.33 -20.73
CA GLY B 22 4.99 -10.33 -22.11
C GLY B 22 4.79 -8.91 -22.65
N GLU B 23 3.54 -8.43 -22.67
CA GLU B 23 3.27 -7.10 -23.19
C GLU B 23 3.69 -6.01 -22.20
N GLU B 24 4.90 -6.12 -21.66
CA GLU B 24 5.37 -5.13 -20.71
C GLU B 24 5.40 -3.74 -21.34
N GLU B 25 5.64 -3.66 -22.65
CA GLU B 25 5.68 -2.35 -23.29
C GLU B 25 4.40 -1.57 -22.99
N GLU B 26 3.24 -2.21 -23.17
CA GLU B 26 1.97 -1.54 -22.88
C GLU B 26 1.60 -1.78 -21.41
N ASP B 27 2.62 -1.94 -20.57
CA ASP B 27 2.40 -2.18 -19.15
C ASP B 27 1.23 -1.35 -18.60
N ASP B 28 1.41 -0.03 -18.48
CA ASP B 28 0.32 0.80 -17.97
C ASP B 28 0.64 2.29 -18.12
N LEU B 29 1.80 2.68 -17.59
CA LEU B 29 2.26 4.09 -17.62
C LEU B 29 1.50 4.95 -18.66
N ALA B 30 0.29 5.38 -18.32
CA ALA B 30 -0.47 6.21 -19.25
C ALA B 30 -1.76 6.73 -18.61
N GLU B 31 -2.52 5.84 -17.99
CA GLU B 31 -3.77 6.26 -17.36
C GLU B 31 -3.55 7.52 -16.49
N ILE B 32 -2.29 7.88 -16.28
CA ILE B 32 -1.98 9.06 -15.46
C ILE B 32 -2.86 10.26 -15.85
N ASP B 33 -2.27 11.23 -16.54
CA ASP B 33 -3.03 12.42 -16.93
C ASP B 33 -3.81 12.96 -15.74
N THR B 34 -3.45 12.53 -14.53
CA THR B 34 -4.14 13.00 -13.32
C THR B 34 -3.12 13.42 -12.26
N SER B 35 -1.91 13.75 -12.69
CA SER B 35 -0.89 14.16 -11.72
C SER B 35 -1.15 15.59 -11.25
N ASN B 36 -1.74 16.41 -12.13
CA ASN B 36 -2.04 17.79 -11.75
C ASN B 36 -3.28 17.85 -10.86
N ILE B 37 -4.18 16.87 -11.01
CA ILE B 37 -5.38 16.86 -10.19
C ILE B 37 -5.02 16.44 -8.76
N ILE B 38 -4.43 15.26 -8.60
CA ILE B 38 -4.03 14.80 -7.27
C ILE B 38 -2.65 14.13 -7.32
N THR B 39 -2.07 13.85 -6.16
CA THR B 39 -0.75 13.21 -6.14
C THR B 39 -0.35 12.90 -4.69
N SER B 40 0.12 11.67 -4.45
CA SER B 40 0.53 11.28 -3.11
C SER B 40 1.63 10.22 -3.17
N GLY B 41 1.76 9.43 -2.11
CA GLY B 41 2.79 8.39 -2.09
C GLY B 41 4.17 8.99 -1.81
N ARG B 42 4.20 10.08 -1.03
CA ARG B 42 5.47 10.71 -0.70
C ARG B 42 5.28 11.79 0.35
N ARG B 43 4.20 12.55 0.24
CA ARG B 43 3.94 13.61 1.21
C ARG B 43 2.54 14.17 1.02
N THR B 44 1.53 13.48 1.55
CA THR B 44 0.16 13.96 1.41
C THR B 44 -0.03 15.24 2.22
N ARG B 45 -1.22 15.41 2.80
CA ARG B 45 -1.48 16.61 3.59
C ARG B 45 -2.86 16.51 4.24
N GLY B 46 -2.97 16.94 5.50
CA GLY B 46 -4.27 16.88 6.18
C GLY B 46 -4.07 16.83 7.70
N LYS B 47 -3.05 16.11 8.15
CA LYS B 47 -2.79 15.98 9.58
C LYS B 47 -4.08 15.73 10.36
N VAL B 48 -3.96 15.67 11.69
CA VAL B 48 -5.14 15.41 12.52
C VAL B 48 -4.94 16.03 13.91
N ILE B 49 -5.88 16.89 14.33
CA ILE B 49 -5.77 17.54 15.65
C ILE B 49 -6.74 16.93 16.65
N ASP B 50 -6.45 17.13 17.94
CA ASP B 50 -7.31 16.58 18.98
C ASP B 50 -7.72 15.13 18.65
N TYR B 51 -9.04 14.87 18.46
CA TYR B 51 -9.46 13.51 18.17
C TYR B 51 -10.72 13.45 17.30
N LYS B 52 -11.69 12.64 17.75
CA LYS B 52 -12.93 12.46 17.01
C LYS B 52 -13.56 13.77 16.56
N LYS B 53 -13.26 14.88 17.22
CA LYS B 53 -13.81 16.13 16.79
C LYS B 53 -13.53 16.29 15.31
N THR B 54 -12.50 15.58 14.87
CA THR B 54 -12.11 15.61 13.47
C THR B 54 -13.11 14.82 12.63
N ALA B 55 -13.35 13.56 13.00
CA ALA B 55 -14.31 12.75 12.25
C ALA B 55 -15.62 13.52 12.06
N GLU B 56 -15.87 14.47 12.95
CA GLU B 56 -17.09 15.26 12.85
C GLU B 56 -16.90 16.41 11.86
N GLU B 57 -16.12 17.41 12.26
CA GLU B 57 -15.87 18.53 11.38
C GLU B 57 -15.43 18.02 10.00
N LEU B 58 -14.76 16.88 9.98
CA LEU B 58 -14.29 16.33 8.73
C LEU B 58 -15.44 15.75 7.90
N ASP B 59 -16.19 14.83 8.47
CA ASP B 59 -17.28 14.21 7.72
C ASP B 59 -18.30 15.27 7.28
N LYS B 60 -18.25 16.47 7.88
CA LYS B 60 -19.19 17.53 7.51
C LYS B 60 -18.45 18.78 7.03
N LYS B 61 -17.14 18.70 6.87
CA LYS B 61 -16.37 19.87 6.42
C LYS B 61 -16.81 21.10 7.23
N GLU B 62 -17.47 20.85 8.36
CA GLU B 62 -17.94 21.93 9.20
C GLU B 62 -16.79 22.93 9.48
#